data_1X3H
#
_entry.id   1X3H
#
loop_
_entity.id
_entity.type
_entity.pdbx_description
1 polymer Leupaxin
2 non-polymer 'ZINC ION'
#
_entity_poly.entity_id   1
_entity_poly.type   'polypeptide(L)'
_entity_poly.pdbx_seq_one_letter_code
;GSSGSSGKDFLAMFSPKCGGCNRPVLENYLSAMDTVWHPECFVCGDCFTSFSTGSFFELDGRPFCELHYHHRRGSGPSSG
;
_entity_poly.pdbx_strand_id   A
#
loop_
_chem_comp.id
_chem_comp.type
_chem_comp.name
_chem_comp.formula
ZN non-polymer 'ZINC ION' 'Zn 2'
#
# COMPACT_ATOMS: atom_id res chain seq x y z
N GLY A 1 -9.58 3.35 49.56
CA GLY A 1 -9.62 2.11 48.80
C GLY A 1 -10.50 2.21 47.58
N SER A 2 -10.06 2.99 46.59
CA SER A 2 -10.82 3.16 45.36
C SER A 2 -9.93 3.75 44.26
N SER A 3 -9.83 3.02 43.16
CA SER A 3 -9.01 3.46 42.03
C SER A 3 -9.83 3.49 40.74
N GLY A 4 -9.26 4.06 39.69
CA GLY A 4 -9.94 4.14 38.42
C GLY A 4 -9.44 5.28 37.55
N SER A 5 -9.62 5.15 36.24
CA SER A 5 -9.17 6.18 35.30
C SER A 5 -9.75 5.93 33.92
N SER A 6 -10.39 6.95 33.37
CA SER A 6 -11.00 6.84 32.03
C SER A 6 -10.65 8.07 31.19
N GLY A 7 -10.75 7.91 29.87
CA GLY A 7 -10.46 9.00 28.96
C GLY A 7 -9.10 8.85 28.30
N LYS A 8 -9.09 8.27 27.10
CA LYS A 8 -7.85 8.06 26.37
C LYS A 8 -7.92 8.72 24.99
N ASP A 9 -6.80 8.71 24.27
CA ASP A 9 -6.75 9.29 22.94
C ASP A 9 -6.57 8.21 21.88
N PHE A 10 -7.66 7.88 21.20
CA PHE A 10 -7.63 6.85 20.16
C PHE A 10 -7.57 7.49 18.78
N LEU A 11 -7.46 6.65 17.75
CA LEU A 11 -7.39 7.13 16.38
C LEU A 11 -8.44 8.20 16.12
N ALA A 12 -8.02 9.47 16.18
CA ALA A 12 -8.92 10.58 15.95
C ALA A 12 -8.87 11.05 14.51
N MET A 13 -8.79 10.09 13.58
CA MET A 13 -8.73 10.41 12.15
C MET A 13 -9.32 9.28 11.32
N PHE A 14 -10.26 9.63 10.44
CA PHE A 14 -10.92 8.66 9.59
C PHE A 14 -10.20 8.54 8.25
N SER A 15 -9.78 9.68 7.72
CA SER A 15 -9.08 9.71 6.44
C SER A 15 -8.16 8.50 6.28
N PRO A 16 -7.92 8.09 5.03
CA PRO A 16 -7.07 6.95 4.72
C PRO A 16 -5.59 7.23 5.02
N LYS A 17 -4.75 6.22 4.82
CA LYS A 17 -3.32 6.36 5.06
C LYS A 17 -2.52 5.46 4.12
N CYS A 18 -1.34 5.93 3.71
CA CYS A 18 -0.48 5.17 2.82
C CYS A 18 -0.40 3.71 3.25
N GLY A 19 -0.44 2.81 2.27
CA GLY A 19 -0.37 1.39 2.58
C GLY A 19 1.04 0.91 2.83
N GLY A 20 1.84 1.76 3.47
CA GLY A 20 3.22 1.40 3.76
C GLY A 20 3.72 2.00 5.06
N CYS A 21 3.43 3.28 5.27
CA CYS A 21 3.85 3.97 6.48
C CYS A 21 2.67 4.20 7.41
N ASN A 22 1.46 3.98 6.90
CA ASN A 22 0.25 4.16 7.69
C ASN A 22 0.10 5.63 8.12
N ARG A 23 0.45 6.54 7.21
CA ARG A 23 0.36 7.96 7.50
C ARG A 23 -0.80 8.59 6.73
N PRO A 24 -1.40 9.64 7.31
CA PRO A 24 -2.52 10.35 6.70
C PRO A 24 -2.11 11.15 5.47
N VAL A 25 -2.39 10.62 4.29
CA VAL A 25 -2.04 11.29 3.05
C VAL A 25 -3.09 12.33 2.66
N LEU A 26 -2.62 13.49 2.22
CA LEU A 26 -3.52 14.57 1.83
C LEU A 26 -3.11 15.16 0.49
N GLU A 27 -1.87 15.64 0.41
CA GLU A 27 -1.36 16.23 -0.83
C GLU A 27 -0.34 15.30 -1.48
N ASN A 28 -0.40 15.19 -2.80
CA ASN A 28 0.51 14.34 -3.54
C ASN A 28 0.36 12.88 -3.14
N TYR A 29 -0.89 12.41 -3.08
CA TYR A 29 -1.18 11.04 -2.70
C TYR A 29 -1.79 10.27 -3.86
N LEU A 30 -1.64 8.95 -3.84
CA LEU A 30 -2.19 8.10 -4.89
C LEU A 30 -3.39 7.31 -4.38
N SER A 31 -4.11 6.67 -5.30
CA SER A 31 -5.28 5.89 -4.95
C SER A 31 -5.26 4.53 -5.66
N ALA A 32 -4.81 3.51 -4.93
CA ALA A 32 -4.75 2.15 -5.49
C ALA A 32 -5.37 1.14 -4.54
N MET A 33 -5.80 0.01 -5.09
CA MET A 33 -6.42 -1.05 -4.29
C MET A 33 -7.48 -0.47 -3.36
N ASP A 34 -8.34 0.39 -3.90
CA ASP A 34 -9.40 1.01 -3.12
C ASP A 34 -8.82 1.70 -1.89
N THR A 35 -7.57 2.10 -1.97
CA THR A 35 -6.90 2.77 -0.86
C THR A 35 -5.94 3.84 -1.36
N VAL A 36 -5.26 4.50 -0.43
CA VAL A 36 -4.31 5.55 -0.78
C VAL A 36 -2.88 5.09 -0.55
N TRP A 37 -1.93 5.76 -1.19
CA TRP A 37 -0.52 5.42 -1.06
C TRP A 37 0.35 6.67 -1.16
N HIS A 38 1.67 6.48 -1.04
CA HIS A 38 2.61 7.59 -1.13
C HIS A 38 3.40 7.52 -2.43
N PRO A 39 3.65 8.70 -3.03
CA PRO A 39 4.40 8.80 -4.29
C PRO A 39 5.88 8.46 -4.11
N GLU A 40 6.22 7.92 -2.95
CA GLU A 40 7.60 7.56 -2.65
C GLU A 40 7.70 6.11 -2.19
N CYS A 41 6.63 5.64 -1.54
CA CYS A 41 6.59 4.27 -1.04
C CYS A 41 5.99 3.33 -2.07
N PHE A 42 4.86 3.73 -2.65
CA PHE A 42 4.19 2.92 -3.66
C PHE A 42 5.18 2.42 -4.71
N VAL A 43 5.75 1.25 -4.47
CA VAL A 43 6.71 0.66 -5.39
C VAL A 43 6.60 -0.86 -5.40
N CYS A 44 7.33 -1.50 -6.32
CA CYS A 44 7.31 -2.95 -6.44
C CYS A 44 7.71 -3.61 -5.12
N GLY A 45 7.45 -4.90 -5.01
CA GLY A 45 7.79 -5.64 -3.80
C GLY A 45 9.10 -6.37 -3.92
N ASP A 46 9.46 -6.76 -5.14
CA ASP A 46 10.70 -7.48 -5.39
C ASP A 46 11.83 -6.52 -5.76
N CYS A 47 11.68 -5.86 -6.90
CA CYS A 47 12.69 -4.91 -7.37
C CYS A 47 12.57 -3.59 -6.63
N PHE A 48 11.39 -3.35 -6.06
CA PHE A 48 11.15 -2.11 -5.32
C PHE A 48 11.40 -0.89 -6.20
N THR A 49 10.87 -0.93 -7.42
CA THR A 49 11.05 0.17 -8.36
C THR A 49 9.82 1.07 -8.38
N SER A 50 10.04 2.35 -8.69
CA SER A 50 8.95 3.32 -8.74
C SER A 50 8.04 3.06 -9.94
N PHE A 51 6.75 3.36 -9.78
CA PHE A 51 5.79 3.16 -10.85
C PHE A 51 5.55 4.46 -11.62
N SER A 52 6.63 5.19 -11.87
CA SER A 52 6.54 6.45 -12.60
C SER A 52 6.59 6.22 -14.11
N THR A 53 7.50 5.34 -14.54
CA THR A 53 7.65 5.03 -15.95
C THR A 53 6.30 4.79 -16.61
N GLY A 54 5.56 3.80 -16.10
CA GLY A 54 4.26 3.48 -16.65
C GLY A 54 3.23 3.19 -15.57
N SER A 55 2.39 2.19 -15.82
CA SER A 55 1.36 1.81 -14.87
C SER A 55 1.79 0.60 -14.05
N PHE A 56 1.17 0.42 -12.90
CA PHE A 56 1.49 -0.70 -12.01
C PHE A 56 0.49 -1.84 -12.19
N PHE A 57 0.73 -2.94 -11.50
CA PHE A 57 -0.15 -4.10 -11.58
C PHE A 57 -0.52 -4.61 -10.19
N GLU A 58 -1.76 -5.04 -10.05
CA GLU A 58 -2.26 -5.55 -8.77
C GLU A 58 -2.26 -7.07 -8.75
N LEU A 59 -1.43 -7.65 -7.90
CA LEU A 59 -1.34 -9.11 -7.79
C LEU A 59 -1.59 -9.56 -6.34
N ASP A 60 -2.82 -9.95 -6.06
CA ASP A 60 -3.18 -10.41 -4.72
C ASP A 60 -3.13 -9.26 -3.72
N GLY A 61 -3.45 -8.06 -4.18
CA GLY A 61 -3.44 -6.89 -3.32
C GLY A 61 -2.02 -6.45 -2.97
N ARG A 62 -1.13 -6.50 -3.96
CA ARG A 62 0.25 -6.11 -3.76
C ARG A 62 0.82 -5.42 -5.00
N PRO A 63 1.43 -4.25 -4.81
CA PRO A 63 2.02 -3.47 -5.90
C PRO A 63 3.27 -4.14 -6.47
N PHE A 64 3.24 -4.42 -7.77
CA PHE A 64 4.37 -5.05 -8.44
C PHE A 64 4.60 -4.43 -9.82
N CYS A 65 5.79 -4.67 -10.37
CA CYS A 65 6.14 -4.14 -11.68
C CYS A 65 5.96 -5.19 -12.76
N GLU A 66 5.46 -4.77 -13.92
CA GLU A 66 5.24 -5.68 -15.03
C GLU A 66 6.28 -6.80 -15.03
N LEU A 67 7.55 -6.42 -15.10
CA LEU A 67 8.64 -7.39 -15.11
C LEU A 67 8.33 -8.57 -14.19
N HIS A 68 8.29 -8.30 -12.88
CA HIS A 68 8.00 -9.34 -11.91
C HIS A 68 6.55 -9.79 -12.00
N TYR A 69 5.63 -8.83 -11.86
CA TYR A 69 4.21 -9.13 -11.92
C TYR A 69 3.93 -10.28 -12.89
N HIS A 70 4.53 -10.19 -14.08
CA HIS A 70 4.35 -11.22 -15.10
C HIS A 70 5.09 -12.50 -14.71
N HIS A 71 6.36 -12.37 -14.36
CA HIS A 71 7.17 -13.52 -13.96
C HIS A 71 6.44 -14.37 -12.93
N ARG A 72 5.88 -13.71 -11.92
CA ARG A 72 5.17 -14.40 -10.86
C ARG A 72 3.98 -15.18 -11.43
N ARG A 73 3.17 -14.52 -12.25
CA ARG A 73 2.01 -15.15 -12.86
C ARG A 73 2.39 -16.49 -13.49
N GLY A 74 3.44 -16.47 -14.30
CA GLY A 74 3.89 -17.69 -14.96
C GLY A 74 4.66 -18.60 -14.03
N SER A 75 5.97 -18.70 -14.25
CA SER A 75 6.83 -19.55 -13.42
C SER A 75 6.76 -19.13 -11.96
N GLY A 76 5.86 -19.76 -11.21
CA GLY A 76 5.72 -19.43 -9.80
C GLY A 76 4.31 -19.70 -9.29
N PRO A 77 4.15 -19.67 -7.96
CA PRO A 77 2.85 -19.90 -7.31
C PRO A 77 1.88 -18.75 -7.55
N SER A 78 0.69 -19.09 -8.06
CA SER A 78 -0.33 -18.07 -8.34
C SER A 78 -1.72 -18.64 -8.10
N SER A 79 -2.64 -17.77 -7.68
CA SER A 79 -4.02 -18.18 -7.40
C SER A 79 -4.99 -17.40 -8.27
N GLY A 80 -6.20 -17.94 -8.44
CA GLY A 80 -7.21 -17.28 -9.24
C GLY A 80 -8.54 -17.15 -8.51
ZN ZN B . 4.17 5.80 2.78
ZN ZN C . 9.55 -5.73 -9.73
N GLY A 1 -7.14 -4.65 44.31
CA GLY A 1 -7.27 -4.46 42.87
C GLY A 1 -7.52 -3.00 42.50
N SER A 2 -7.23 -2.66 41.26
CA SER A 2 -7.43 -1.29 40.79
C SER A 2 -7.73 -1.27 39.29
N SER A 3 -8.22 -0.13 38.80
CA SER A 3 -8.54 0.01 37.39
C SER A 3 -8.89 1.46 37.06
N GLY A 4 -9.15 1.73 35.79
CA GLY A 4 -9.50 3.07 35.36
C GLY A 4 -8.84 3.46 34.05
N SER A 5 -9.65 3.86 33.08
CA SER A 5 -9.13 4.24 31.77
C SER A 5 -9.82 5.52 31.27
N SER A 6 -9.14 6.24 30.40
CA SER A 6 -9.68 7.49 29.85
C SER A 6 -9.28 7.65 28.39
N GLY A 7 -10.21 8.10 27.57
CA GLY A 7 -9.93 8.30 26.16
C GLY A 7 -11.08 7.84 25.27
N LYS A 8 -12.23 8.48 25.41
CA LYS A 8 -13.40 8.13 24.62
C LYS A 8 -13.37 8.85 23.27
N ASP A 9 -12.94 8.13 22.24
CA ASP A 9 -12.86 8.70 20.90
C ASP A 9 -13.41 7.71 19.87
N PHE A 10 -14.50 8.10 19.21
CA PHE A 10 -15.12 7.26 18.20
C PHE A 10 -14.56 7.56 16.81
N LEU A 11 -14.48 8.85 16.49
CA LEU A 11 -13.96 9.27 15.19
C LEU A 11 -13.28 10.63 15.30
N ALA A 12 -11.96 10.65 15.12
CA ALA A 12 -11.19 11.89 15.19
C ALA A 12 -10.64 12.27 13.83
N MET A 13 -10.05 11.30 13.13
CA MET A 13 -9.48 11.54 11.81
C MET A 13 -10.35 10.92 10.73
N PHE A 14 -10.37 11.55 9.56
CA PHE A 14 -11.16 11.06 8.44
C PHE A 14 -10.27 10.64 7.27
N SER A 15 -9.29 11.48 6.97
CA SER A 15 -8.36 11.20 5.87
C SER A 15 -7.78 9.80 6.00
N PRO A 16 -7.55 9.15 4.85
CA PRO A 16 -6.99 7.80 4.80
C PRO A 16 -5.53 7.76 5.23
N LYS A 17 -4.86 6.65 4.92
CA LYS A 17 -3.45 6.47 5.28
C LYS A 17 -2.73 5.64 4.23
N CYS A 18 -1.43 5.86 4.12
CA CYS A 18 -0.61 5.13 3.14
C CYS A 18 -0.57 3.64 3.50
N GLY A 19 -0.61 2.80 2.46
CA GLY A 19 -0.58 1.37 2.68
C GLY A 19 0.82 0.84 2.93
N GLY A 20 1.61 1.62 3.67
CA GLY A 20 2.97 1.21 3.98
C GLY A 20 3.45 1.75 5.32
N CYS A 21 3.46 3.08 5.45
CA CYS A 21 3.90 3.72 6.68
C CYS A 21 2.72 3.96 7.62
N ASN A 22 1.51 3.72 7.12
CA ASN A 22 0.30 3.91 7.92
C ASN A 22 0.15 5.36 8.34
N ARG A 23 0.62 6.27 7.48
CA ARG A 23 0.54 7.70 7.77
C ARG A 23 -0.56 8.35 6.93
N PRO A 24 -1.10 9.48 7.44
CA PRO A 24 -2.16 10.22 6.76
C PRO A 24 -1.67 10.91 5.49
N VAL A 25 -2.34 10.63 4.38
CA VAL A 25 -1.97 11.23 3.09
C VAL A 25 -3.00 12.26 2.64
N LEU A 26 -2.54 13.46 2.34
CA LEU A 26 -3.43 14.53 1.89
C LEU A 26 -2.93 15.14 0.58
N GLU A 27 -1.66 15.55 0.56
CA GLU A 27 -1.07 16.14 -0.62
C GLU A 27 -0.14 15.16 -1.31
N ASN A 28 -0.20 15.14 -2.64
CA ASN A 28 0.64 14.24 -3.43
C ASN A 28 0.43 12.78 -3.01
N TYR A 29 -0.82 12.35 -3.00
CA TYR A 29 -1.16 10.99 -2.61
C TYR A 29 -1.81 10.24 -3.78
N LEU A 30 -1.58 8.94 -3.83
CA LEU A 30 -2.13 8.10 -4.89
C LEU A 30 -3.35 7.33 -4.39
N SER A 31 -4.07 6.72 -5.32
CA SER A 31 -5.26 5.95 -4.97
C SER A 31 -5.27 4.60 -5.70
N ALA A 32 -4.85 3.56 -5.00
CA ALA A 32 -4.80 2.22 -5.58
C ALA A 32 -5.46 1.20 -4.64
N MET A 33 -5.88 0.07 -5.20
CA MET A 33 -6.52 -0.97 -4.42
C MET A 33 -7.60 -0.39 -3.50
N ASP A 34 -8.41 0.50 -4.05
CA ASP A 34 -9.48 1.13 -3.29
C ASP A 34 -8.93 1.79 -2.03
N THR A 35 -7.66 2.19 -2.08
CA THR A 35 -7.01 2.84 -0.94
C THR A 35 -6.03 3.90 -1.41
N VAL A 36 -5.33 4.51 -0.45
CA VAL A 36 -4.36 5.55 -0.76
C VAL A 36 -2.94 5.07 -0.48
N TRP A 37 -1.97 5.70 -1.14
CA TRP A 37 -0.57 5.34 -0.96
C TRP A 37 0.32 6.57 -1.05
N HIS A 38 1.63 6.37 -0.88
CA HIS A 38 2.59 7.46 -0.93
C HIS A 38 3.38 7.42 -2.23
N PRO A 39 3.66 8.60 -2.79
CA PRO A 39 4.42 8.73 -4.04
C PRO A 39 5.89 8.34 -3.87
N GLU A 40 6.22 7.79 -2.71
CA GLU A 40 7.59 7.38 -2.43
C GLU A 40 7.63 5.92 -1.97
N CYS A 41 6.55 5.47 -1.34
CA CYS A 41 6.47 4.10 -0.85
C CYS A 41 5.91 3.18 -1.92
N PHE A 42 4.84 3.62 -2.58
CA PHE A 42 4.22 2.82 -3.63
C PHE A 42 5.25 2.32 -4.62
N VAL A 43 5.80 1.13 -4.35
CA VAL A 43 6.80 0.53 -5.22
C VAL A 43 6.61 -0.98 -5.31
N CYS A 44 7.47 -1.63 -6.08
CA CYS A 44 7.40 -3.07 -6.26
C CYS A 44 7.75 -3.79 -4.95
N GLY A 45 7.42 -5.08 -4.89
CA GLY A 45 7.70 -5.86 -3.70
C GLY A 45 8.98 -6.65 -3.81
N ASP A 46 9.43 -6.88 -5.04
CA ASP A 46 10.66 -7.63 -5.28
C ASP A 46 11.83 -6.69 -5.56
N CYS A 47 11.74 -5.94 -6.65
CA CYS A 47 12.80 -5.00 -7.02
C CYS A 47 12.64 -3.69 -6.27
N PHE A 48 11.45 -3.44 -5.75
CA PHE A 48 11.17 -2.22 -5.01
C PHE A 48 11.47 -0.99 -5.85
N THR A 49 10.97 -0.99 -7.08
CA THR A 49 11.18 0.13 -8.00
C THR A 49 9.99 1.09 -7.99
N SER A 50 10.26 2.36 -8.21
CA SER A 50 9.21 3.38 -8.23
C SER A 50 8.36 3.26 -9.49
N PHE A 51 7.06 3.52 -9.36
CA PHE A 51 6.15 3.44 -10.49
C PHE A 51 5.85 4.82 -11.05
N SER A 52 6.89 5.66 -11.12
CA SER A 52 6.74 7.01 -11.64
C SER A 52 6.23 7.00 -13.08
N THR A 53 6.90 6.22 -13.93
CA THR A 53 6.52 6.11 -15.33
C THR A 53 5.97 4.72 -15.64
N GLY A 54 4.64 4.61 -15.74
CA GLY A 54 4.02 3.34 -16.03
C GLY A 54 2.90 3.01 -15.08
N SER A 55 1.91 2.26 -15.56
CA SER A 55 0.76 1.88 -14.74
C SER A 55 1.08 0.64 -13.91
N PHE A 56 1.16 0.82 -12.60
CA PHE A 56 1.47 -0.28 -11.69
C PHE A 56 0.53 -1.46 -11.94
N PHE A 57 0.88 -2.61 -11.38
CA PHE A 57 0.07 -3.81 -11.54
C PHE A 57 -0.19 -4.49 -10.20
N GLU A 58 -1.46 -4.69 -9.88
CA GLU A 58 -1.84 -5.32 -8.62
C GLU A 58 -1.78 -6.84 -8.74
N LEU A 59 -1.10 -7.48 -7.79
CA LEU A 59 -0.96 -8.93 -7.79
C LEU A 59 -1.03 -9.47 -6.36
N ASP A 60 -2.12 -10.17 -6.04
CA ASP A 60 -2.30 -10.75 -4.73
C ASP A 60 -2.53 -9.65 -3.68
N GLY A 61 -3.09 -8.53 -4.12
CA GLY A 61 -3.35 -7.43 -3.22
C GLY A 61 -2.13 -6.55 -3.01
N ARG A 62 -0.98 -7.01 -3.48
CA ARG A 62 0.26 -6.25 -3.34
C ARG A 62 0.74 -5.73 -4.70
N PRO A 63 1.25 -4.50 -4.71
CA PRO A 63 1.75 -3.86 -5.93
C PRO A 63 3.03 -4.50 -6.44
N PHE A 64 3.23 -4.47 -7.75
CA PHE A 64 4.42 -5.05 -8.36
C PHE A 64 4.69 -4.42 -9.73
N CYS A 65 5.91 -4.60 -10.23
CA CYS A 65 6.30 -4.07 -11.52
C CYS A 65 6.06 -5.08 -12.63
N GLU A 66 5.39 -4.64 -13.70
CA GLU A 66 5.10 -5.50 -14.83
C GLU A 66 6.14 -6.61 -14.95
N LEU A 67 7.40 -6.22 -15.08
CA LEU A 67 8.49 -7.18 -15.22
C LEU A 67 8.26 -8.40 -14.32
N HIS A 68 8.26 -8.17 -13.01
CA HIS A 68 8.05 -9.25 -12.05
C HIS A 68 6.60 -9.75 -12.12
N TYR A 69 5.66 -8.82 -12.13
CA TYR A 69 4.24 -9.17 -12.18
C TYR A 69 4.03 -10.44 -12.99
N HIS A 70 4.29 -10.36 -14.29
CA HIS A 70 4.13 -11.51 -15.18
C HIS A 70 4.91 -12.72 -14.65
N HIS A 71 6.22 -12.56 -14.53
CA HIS A 71 7.07 -13.64 -14.04
C HIS A 71 6.39 -14.41 -12.92
N ARG A 72 5.87 -13.67 -11.94
CA ARG A 72 5.18 -14.29 -10.81
C ARG A 72 4.06 -15.20 -11.27
N ARG A 73 3.31 -14.75 -12.28
CA ARG A 73 2.20 -15.52 -12.81
C ARG A 73 2.61 -16.97 -13.02
N GLY A 74 3.79 -17.18 -13.60
CA GLY A 74 4.28 -18.52 -13.84
C GLY A 74 4.99 -19.11 -12.64
N SER A 75 4.32 -20.00 -11.93
CA SER A 75 4.90 -20.63 -10.74
C SER A 75 6.01 -21.61 -11.14
N GLY A 76 7.25 -21.14 -11.08
CA GLY A 76 8.37 -21.98 -11.44
C GLY A 76 9.05 -21.53 -12.71
N PRO A 77 9.88 -22.41 -13.29
CA PRO A 77 10.60 -22.13 -14.54
C PRO A 77 9.68 -22.04 -15.74
N SER A 78 8.40 -22.29 -15.52
CA SER A 78 7.41 -22.25 -16.60
C SER A 78 6.60 -20.95 -16.52
N SER A 79 6.73 -20.12 -17.55
CA SER A 79 6.01 -18.85 -17.60
C SER A 79 5.10 -18.80 -18.82
N GLY A 80 5.69 -18.89 -20.00
CA GLY A 80 4.91 -18.85 -21.23
C GLY A 80 3.75 -19.81 -21.20
ZN ZN B . 4.04 5.64 3.01
ZN ZN C . 9.67 -5.78 -9.55
N GLY A 1 -6.61 -10.37 40.67
CA GLY A 1 -6.85 -9.53 39.51
C GLY A 1 -7.96 -8.52 39.74
N SER A 2 -9.09 -8.72 39.07
CA SER A 2 -10.23 -7.81 39.21
C SER A 2 -9.86 -6.40 38.78
N SER A 3 -9.07 -6.30 37.71
CA SER A 3 -8.64 -5.00 37.20
C SER A 3 -8.32 -5.08 35.71
N GLY A 4 -8.67 -4.04 34.97
CA GLY A 4 -8.41 -4.00 33.55
C GLY A 4 -9.51 -3.29 32.77
N SER A 5 -9.31 -2.01 32.51
CA SER A 5 -10.28 -1.21 31.78
C SER A 5 -9.59 -0.20 30.88
N SER A 6 -9.88 -0.29 29.58
CA SER A 6 -9.28 0.62 28.61
C SER A 6 -10.24 0.88 27.44
N GLY A 7 -10.19 2.09 26.91
CA GLY A 7 -11.05 2.45 25.80
C GLY A 7 -11.00 3.92 25.46
N LYS A 8 -12.16 4.57 25.43
CA LYS A 8 -12.23 6.00 25.12
C LYS A 8 -11.57 6.30 23.79
N ASP A 9 -11.81 5.43 22.81
CA ASP A 9 -11.24 5.61 21.48
C ASP A 9 -12.33 5.56 20.41
N PHE A 10 -12.65 6.72 19.83
CA PHE A 10 -13.67 6.80 18.80
C PHE A 10 -13.03 6.95 17.42
N LEU A 11 -13.85 6.81 16.38
CA LEU A 11 -13.37 6.94 15.01
C LEU A 11 -12.43 8.13 14.86
N ALA A 12 -11.14 7.84 14.77
CA ALA A 12 -10.13 8.89 14.61
C ALA A 12 -9.42 8.79 13.27
N MET A 13 -9.11 7.56 12.86
CA MET A 13 -8.44 7.33 11.59
C MET A 13 -9.43 7.28 10.44
N PHE A 14 -10.53 8.03 10.58
CA PHE A 14 -11.56 8.08 9.55
C PHE A 14 -10.94 8.15 8.16
N SER A 15 -9.94 9.01 8.01
CA SER A 15 -9.26 9.17 6.73
C SER A 15 -8.36 7.98 6.44
N PRO A 16 -8.14 7.71 5.14
CA PRO A 16 -7.29 6.61 4.70
C PRO A 16 -5.82 6.85 4.99
N LYS A 17 -5.02 5.79 4.90
CA LYS A 17 -3.58 5.89 5.16
C LYS A 17 -2.80 5.06 4.16
N CYS A 18 -1.54 5.44 3.94
CA CYS A 18 -0.67 4.72 3.01
C CYS A 18 -0.64 3.23 3.34
N GLY A 19 -0.65 2.40 2.29
CA GLY A 19 -0.63 0.96 2.49
C GLY A 19 0.76 0.44 2.77
N GLY A 20 1.55 1.22 3.52
CA GLY A 20 2.90 0.81 3.84
C GLY A 20 3.35 1.33 5.20
N CYS A 21 3.03 2.58 5.48
CA CYS A 21 3.40 3.20 6.75
C CYS A 21 2.18 3.40 7.64
N ASN A 22 1.00 3.26 7.05
CA ASN A 22 -0.24 3.43 7.79
C ASN A 22 -0.38 4.86 8.30
N ARG A 23 0.07 5.81 7.51
CA ARG A 23 0.01 7.22 7.88
C ARG A 23 -1.09 7.94 7.12
N PRO A 24 -1.67 8.98 7.74
CA PRO A 24 -2.75 9.77 7.14
C PRO A 24 -2.27 10.61 5.96
N VAL A 25 -2.51 10.13 4.75
CA VAL A 25 -2.09 10.84 3.55
C VAL A 25 -3.11 11.91 3.16
N LEU A 26 -2.62 13.12 2.91
CA LEU A 26 -3.49 14.23 2.53
C LEU A 26 -2.98 14.91 1.26
N GLU A 27 -1.72 15.33 1.29
CA GLU A 27 -1.11 15.99 0.15
C GLU A 27 -0.15 15.06 -0.59
N ASN A 28 -0.17 15.13 -1.91
CA ASN A 28 0.71 14.29 -2.73
C ASN A 28 0.47 12.81 -2.42
N TYR A 29 -0.78 12.39 -2.43
CA TYR A 29 -1.14 11.00 -2.15
C TYR A 29 -1.73 10.33 -3.39
N LEU A 30 -1.54 9.02 -3.49
CA LEU A 30 -2.05 8.25 -4.61
C LEU A 30 -3.28 7.45 -4.21
N SER A 31 -3.96 6.87 -5.20
CA SER A 31 -5.15 6.09 -4.95
C SER A 31 -5.13 4.79 -5.77
N ALA A 32 -4.70 3.71 -5.13
CA ALA A 32 -4.64 2.41 -5.79
C ALA A 32 -5.28 1.32 -4.94
N MET A 33 -5.68 0.23 -5.59
CA MET A 33 -6.32 -0.88 -4.90
C MET A 33 -7.43 -0.39 -3.99
N ASP A 34 -8.21 0.57 -4.48
CA ASP A 34 -9.33 1.13 -3.71
C ASP A 34 -8.83 1.72 -2.40
N THR A 35 -7.57 2.13 -2.38
CA THR A 35 -6.97 2.72 -1.18
C THR A 35 -5.98 3.81 -1.54
N VAL A 36 -5.35 4.38 -0.52
CA VAL A 36 -4.36 5.45 -0.73
C VAL A 36 -2.95 4.95 -0.46
N TRP A 37 -1.97 5.61 -1.06
CA TRP A 37 -0.57 5.23 -0.90
C TRP A 37 0.32 6.47 -0.87
N HIS A 38 1.62 6.25 -0.71
CA HIS A 38 2.59 7.34 -0.67
C HIS A 38 3.42 7.38 -1.95
N PRO A 39 3.72 8.60 -2.42
CA PRO A 39 4.51 8.80 -3.65
C PRO A 39 5.97 8.41 -3.46
N GLU A 40 6.28 7.82 -2.31
CA GLU A 40 7.64 7.39 -2.02
C GLU A 40 7.68 5.91 -1.66
N CYS A 41 6.58 5.41 -1.11
CA CYS A 41 6.49 4.00 -0.72
C CYS A 41 5.94 3.16 -1.86
N PHE A 42 4.84 3.64 -2.46
CA PHE A 42 4.21 2.93 -3.56
C PHE A 42 5.24 2.45 -4.57
N VAL A 43 5.73 1.23 -4.38
CA VAL A 43 6.73 0.65 -5.27
C VAL A 43 6.60 -0.86 -5.33
N CYS A 44 7.31 -1.48 -6.27
CA CYS A 44 7.28 -2.92 -6.44
C CYS A 44 7.63 -3.63 -5.14
N GLY A 45 7.33 -4.93 -5.07
CA GLY A 45 7.63 -5.70 -3.88
C GLY A 45 8.93 -6.45 -3.98
N ASP A 46 9.40 -6.66 -5.21
CA ASP A 46 10.66 -7.37 -5.43
C ASP A 46 11.79 -6.39 -5.72
N CYS A 47 11.69 -5.68 -6.84
CA CYS A 47 12.71 -4.71 -7.22
C CYS A 47 12.53 -3.40 -6.47
N PHE A 48 11.32 -3.19 -5.94
CA PHE A 48 11.02 -1.97 -5.19
C PHE A 48 11.26 -0.74 -6.04
N THR A 49 10.70 -0.73 -7.25
CA THR A 49 10.85 0.39 -8.16
C THR A 49 9.60 1.27 -8.17
N SER A 50 9.78 2.53 -8.52
CA SER A 50 8.67 3.48 -8.57
C SER A 50 7.77 3.21 -9.77
N PHE A 51 6.49 3.50 -9.62
CA PHE A 51 5.52 3.29 -10.69
C PHE A 51 5.20 4.60 -11.41
N SER A 52 6.23 5.40 -11.64
CA SER A 52 6.06 6.69 -12.32
C SER A 52 5.18 6.53 -13.55
N THR A 53 5.53 5.57 -14.41
CA THR A 53 4.78 5.33 -15.63
C THR A 53 3.29 5.53 -15.40
N GLY A 54 2.77 4.98 -14.30
CA GLY A 54 1.36 5.12 -13.99
C GLY A 54 0.64 3.78 -14.01
N SER A 55 0.91 2.97 -15.02
CA SER A 55 0.28 1.66 -15.14
C SER A 55 0.90 0.65 -14.17
N PHE A 56 0.20 0.38 -13.08
CA PHE A 56 0.68 -0.56 -12.08
C PHE A 56 -0.12 -1.86 -12.11
N PHE A 57 0.52 -2.95 -11.73
CA PHE A 57 -0.13 -4.26 -11.71
C PHE A 57 -0.34 -4.74 -10.28
N GLU A 58 -1.56 -5.19 -9.98
CA GLU A 58 -1.89 -5.68 -8.65
C GLU A 58 -1.90 -7.21 -8.62
N LEU A 59 -1.21 -7.78 -7.63
CA LEU A 59 -1.15 -9.22 -7.49
C LEU A 59 -1.45 -9.65 -6.06
N ASP A 60 -2.70 -10.00 -5.82
CA ASP A 60 -3.14 -10.43 -4.48
C ASP A 60 -3.05 -9.28 -3.49
N GLY A 61 -3.44 -8.09 -3.94
CA GLY A 61 -3.40 -6.93 -3.08
C GLY A 61 -1.99 -6.48 -2.77
N ARG A 62 -1.12 -6.52 -3.78
CA ARG A 62 0.27 -6.11 -3.60
C ARG A 62 0.80 -5.44 -4.87
N PRO A 63 1.39 -4.24 -4.70
CA PRO A 63 1.95 -3.47 -5.80
C PRO A 63 3.20 -4.11 -6.39
N PHE A 64 3.17 -4.40 -7.68
CA PHE A 64 4.31 -5.02 -8.36
C PHE A 64 4.52 -4.40 -9.74
N CYS A 65 5.71 -4.61 -10.30
CA CYS A 65 6.04 -4.07 -11.61
C CYS A 65 5.82 -5.13 -12.70
N GLU A 66 5.13 -4.73 -13.76
CA GLU A 66 4.86 -5.64 -14.88
C GLU A 66 5.98 -6.67 -15.02
N LEU A 67 7.20 -6.18 -15.19
CA LEU A 67 8.36 -7.05 -15.34
C LEU A 67 8.24 -8.27 -14.44
N HIS A 68 8.09 -8.03 -13.14
CA HIS A 68 7.96 -9.11 -12.17
C HIS A 68 6.54 -9.68 -12.16
N TYR A 69 5.56 -8.79 -12.03
CA TYR A 69 4.16 -9.21 -12.00
C TYR A 69 3.93 -10.41 -12.90
N HIS A 70 4.55 -10.40 -14.08
CA HIS A 70 4.42 -11.49 -15.03
C HIS A 70 5.22 -12.71 -14.57
N HIS A 71 6.46 -12.48 -14.18
CA HIS A 71 7.33 -13.56 -13.72
C HIS A 71 6.60 -14.47 -12.74
N ARG A 72 5.94 -13.85 -11.75
CA ARG A 72 5.19 -14.60 -10.75
C ARG A 72 4.00 -15.33 -11.38
N ARG A 73 3.26 -14.61 -12.21
CA ARG A 73 2.09 -15.19 -12.88
C ARG A 73 2.42 -16.56 -13.46
N GLY A 74 3.52 -16.62 -14.21
CA GLY A 74 3.92 -17.88 -14.83
C GLY A 74 4.44 -17.70 -16.24
N SER A 75 5.53 -18.38 -16.56
CA SER A 75 6.13 -18.30 -17.88
C SER A 75 6.08 -19.64 -18.60
N GLY A 76 4.98 -19.88 -19.31
CA GLY A 76 4.83 -21.14 -20.03
C GLY A 76 3.45 -21.75 -19.84
N PRO A 77 3.36 -23.07 -20.05
CA PRO A 77 2.10 -23.81 -19.90
C PRO A 77 1.65 -23.91 -18.45
N SER A 78 2.57 -24.30 -17.58
CA SER A 78 2.28 -24.44 -16.15
C SER A 78 1.42 -23.28 -15.66
N SER A 79 0.47 -23.58 -14.79
CA SER A 79 -0.42 -22.56 -14.24
C SER A 79 -0.08 -22.28 -12.77
N GLY A 80 -0.51 -21.12 -12.28
CA GLY A 80 -0.25 -20.75 -10.91
C GLY A 80 -0.42 -19.27 -10.66
ZN ZN B . 3.99 5.23 3.16
ZN ZN C . 9.64 -5.49 -9.72
N GLY A 1 -11.93 12.69 51.68
CA GLY A 1 -11.76 11.98 50.43
C GLY A 1 -12.52 12.62 49.29
N SER A 2 -11.97 12.52 48.08
CA SER A 2 -12.60 13.09 46.89
C SER A 2 -11.90 12.63 45.63
N SER A 3 -12.56 12.82 44.49
CA SER A 3 -12.00 12.41 43.21
C SER A 3 -12.87 12.92 42.06
N GLY A 4 -12.40 12.70 40.83
CA GLY A 4 -13.14 13.15 39.67
C GLY A 4 -12.48 12.73 38.36
N SER A 5 -13.23 12.82 37.27
CA SER A 5 -12.71 12.44 35.96
C SER A 5 -13.43 13.20 34.85
N SER A 6 -12.69 13.54 33.80
CA SER A 6 -13.26 14.27 32.67
C SER A 6 -12.34 14.18 31.45
N GLY A 7 -12.93 13.88 30.31
CA GLY A 7 -12.16 13.77 29.08
C GLY A 7 -12.59 12.59 28.23
N LYS A 8 -13.31 12.88 27.15
CA LYS A 8 -13.79 11.84 26.26
C LYS A 8 -13.78 12.32 24.80
N ASP A 9 -13.28 11.48 23.91
CA ASP A 9 -13.21 11.82 22.50
C ASP A 9 -13.31 10.57 21.63
N PHE A 10 -14.12 10.65 20.57
CA PHE A 10 -14.30 9.53 19.65
C PHE A 10 -14.98 9.97 18.37
N LEU A 11 -14.85 9.16 17.32
CA LEU A 11 -15.45 9.48 16.04
C LEU A 11 -15.29 10.95 15.70
N ALA A 12 -14.05 11.42 15.72
CA ALA A 12 -13.76 12.83 15.41
C ALA A 12 -13.42 13.00 13.93
N MET A 13 -12.35 12.35 13.50
CA MET A 13 -11.91 12.43 12.11
C MET A 13 -11.99 11.06 11.43
N PHE A 14 -11.88 11.06 10.11
CA PHE A 14 -11.94 9.82 9.34
C PHE A 14 -11.30 10.01 7.97
N SER A 15 -10.14 9.41 7.77
CA SER A 15 -9.42 9.51 6.51
C SER A 15 -8.57 8.27 6.25
N PRO A 16 -8.33 7.97 4.97
CA PRO A 16 -7.53 6.80 4.57
C PRO A 16 -6.06 6.96 4.91
N LYS A 17 -5.33 5.84 4.90
CA LYS A 17 -3.91 5.87 5.21
C LYS A 17 -3.12 5.07 4.18
N CYS A 18 -1.81 5.33 4.12
CA CYS A 18 -0.94 4.63 3.17
C CYS A 18 -0.91 3.14 3.44
N GLY A 19 -0.86 2.35 2.37
CA GLY A 19 -0.84 0.91 2.51
C GLY A 19 0.54 0.38 2.83
N GLY A 20 1.31 1.15 3.60
CA GLY A 20 2.65 0.73 3.97
C GLY A 20 3.05 1.23 5.34
N CYS A 21 2.76 2.49 5.64
CA CYS A 21 3.10 3.08 6.92
C CYS A 21 1.84 3.38 7.73
N ASN A 22 0.69 3.04 7.16
CA ASN A 22 -0.59 3.27 7.83
C ASN A 22 -0.68 4.69 8.37
N ARG A 23 -0.21 5.65 7.57
CA ARG A 23 -0.22 7.05 7.98
C ARG A 23 -1.29 7.82 7.20
N PRO A 24 -1.79 8.92 7.81
CA PRO A 24 -2.81 9.76 7.18
C PRO A 24 -2.28 10.54 6.00
N VAL A 25 -2.57 10.06 4.79
CA VAL A 25 -2.12 10.72 3.58
C VAL A 25 -3.12 11.77 3.11
N LEU A 26 -2.65 12.99 2.91
CA LEU A 26 -3.52 14.08 2.47
C LEU A 26 -2.89 14.82 1.29
N GLU A 27 -1.60 15.12 1.40
CA GLU A 27 -0.88 15.82 0.34
C GLU A 27 -0.03 14.86 -0.48
N ASN A 28 0.07 15.11 -1.77
CA ASN A 28 0.86 14.26 -2.66
C ASN A 28 0.62 12.80 -2.36
N TYR A 29 -0.64 12.39 -2.34
CA TYR A 29 -1.00 11.00 -2.07
C TYR A 29 -1.58 10.33 -3.31
N LEU A 30 -1.43 9.02 -3.38
CA LEU A 30 -1.94 8.25 -4.52
C LEU A 30 -3.20 7.47 -4.13
N SER A 31 -3.88 6.93 -5.14
CA SER A 31 -5.09 6.16 -4.90
C SER A 31 -5.08 4.86 -5.72
N ALA A 32 -4.69 3.77 -5.07
CA ALA A 32 -4.64 2.47 -5.74
C ALA A 32 -5.32 1.40 -4.90
N MET A 33 -5.71 0.30 -5.54
CA MET A 33 -6.38 -0.80 -4.86
C MET A 33 -7.51 -0.28 -3.99
N ASP A 34 -8.28 0.66 -4.51
CA ASP A 34 -9.40 1.23 -3.79
C ASP A 34 -8.94 1.84 -2.47
N THR A 35 -7.67 2.24 -2.41
CA THR A 35 -7.11 2.82 -1.20
C THR A 35 -6.08 3.89 -1.55
N VAL A 36 -5.46 4.46 -0.52
CA VAL A 36 -4.45 5.49 -0.71
C VAL A 36 -3.05 4.94 -0.44
N TRP A 37 -2.04 5.63 -0.95
CA TRP A 37 -0.65 5.22 -0.77
C TRP A 37 0.28 6.42 -0.73
N HIS A 38 1.57 6.17 -0.56
CA HIS A 38 2.56 7.24 -0.51
C HIS A 38 3.41 7.25 -1.77
N PRO A 39 3.76 8.47 -2.23
CA PRO A 39 4.59 8.65 -3.43
C PRO A 39 6.02 8.19 -3.23
N GLU A 40 6.29 7.56 -2.09
CA GLU A 40 7.63 7.09 -1.77
C GLU A 40 7.60 5.60 -1.39
N CYS A 41 6.48 5.17 -0.81
CA CYS A 41 6.33 3.79 -0.40
C CYS A 41 5.80 2.93 -1.56
N PHE A 42 4.77 3.43 -2.23
CA PHE A 42 4.19 2.71 -3.36
C PHE A 42 5.26 2.22 -4.32
N VAL A 43 5.61 0.94 -4.20
CA VAL A 43 6.63 0.35 -5.08
C VAL A 43 6.44 -1.15 -5.20
N CYS A 44 7.23 -1.77 -6.07
CA CYS A 44 7.14 -3.21 -6.28
C CYS A 44 7.48 -3.98 -5.00
N GLY A 45 7.14 -5.26 -4.98
CA GLY A 45 7.40 -6.08 -3.82
C GLY A 45 8.70 -6.85 -3.93
N ASP A 46 9.20 -6.98 -5.16
CA ASP A 46 10.45 -7.71 -5.40
C ASP A 46 11.59 -6.73 -5.67
N CYS A 47 11.49 -6.00 -6.77
CA CYS A 47 12.52 -5.03 -7.14
C CYS A 47 12.34 -3.72 -6.38
N PHE A 48 11.15 -3.54 -5.81
CA PHE A 48 10.84 -2.33 -5.04
C PHE A 48 11.14 -1.07 -5.87
N THR A 49 10.60 -1.05 -7.10
CA THR A 49 10.79 0.09 -7.98
C THR A 49 9.60 1.03 -7.95
N SER A 50 9.85 2.32 -8.13
CA SER A 50 8.79 3.32 -8.12
C SER A 50 7.97 3.24 -9.40
N PHE A 51 6.68 3.55 -9.29
CA PHE A 51 5.78 3.51 -10.43
C PHE A 51 5.43 4.93 -10.89
N SER A 52 6.13 5.41 -11.91
CA SER A 52 5.89 6.75 -12.43
C SER A 52 5.54 6.69 -13.92
N THR A 53 6.24 5.84 -14.66
CA THR A 53 6.02 5.69 -16.08
C THR A 53 5.64 4.25 -16.43
N GLY A 54 4.80 3.65 -15.60
CA GLY A 54 4.36 2.29 -15.83
C GLY A 54 3.22 1.87 -14.93
N SER A 55 2.02 1.84 -15.48
CA SER A 55 0.83 1.47 -14.71
C SER A 55 1.11 0.23 -13.86
N PHE A 56 1.19 0.41 -12.55
CA PHE A 56 1.44 -0.69 -11.63
C PHE A 56 0.51 -1.86 -11.91
N PHE A 57 0.74 -2.97 -11.22
CA PHE A 57 -0.08 -4.17 -11.40
C PHE A 57 -0.52 -4.73 -10.06
N GLU A 58 -1.80 -5.09 -9.96
CA GLU A 58 -2.34 -5.65 -8.72
C GLU A 58 -2.20 -7.16 -8.70
N LEU A 59 -1.34 -7.66 -7.82
CA LEU A 59 -1.11 -9.09 -7.69
C LEU A 59 -1.13 -9.53 -6.23
N ASP A 60 -2.23 -10.14 -5.81
CA ASP A 60 -2.37 -10.61 -4.43
C ASP A 60 -2.41 -9.43 -3.46
N GLY A 61 -3.08 -8.35 -3.87
CA GLY A 61 -3.18 -7.18 -3.04
C GLY A 61 -1.83 -6.54 -2.77
N ARG A 62 -0.95 -6.60 -3.77
CA ARG A 62 0.38 -6.01 -3.64
C ARG A 62 0.85 -5.43 -4.96
N PRO A 63 1.29 -4.16 -4.93
CA PRO A 63 1.77 -3.46 -6.12
C PRO A 63 3.11 -4.01 -6.63
N PHE A 64 3.10 -4.52 -7.85
CA PHE A 64 4.31 -5.07 -8.44
C PHE A 64 4.61 -4.42 -9.79
N CYS A 65 5.77 -4.74 -10.35
CA CYS A 65 6.17 -4.19 -11.63
C CYS A 65 5.98 -5.20 -12.76
N GLU A 66 5.34 -4.75 -13.84
CA GLU A 66 5.09 -5.63 -14.98
C GLU A 66 6.15 -6.71 -15.09
N LEU A 67 7.41 -6.30 -15.17
CA LEU A 67 8.52 -7.24 -15.27
C LEU A 67 8.29 -8.45 -14.37
N HIS A 68 8.14 -8.20 -13.08
CA HIS A 68 7.91 -9.28 -12.12
C HIS A 68 6.48 -9.79 -12.21
N TYR A 69 5.52 -8.87 -12.15
CA TYR A 69 4.10 -9.23 -12.21
C TYR A 69 3.91 -10.45 -13.11
N HIS A 70 4.40 -10.36 -14.34
CA HIS A 70 4.27 -11.46 -15.30
C HIS A 70 5.03 -12.69 -14.81
N HIS A 71 6.32 -12.51 -14.53
CA HIS A 71 7.15 -13.61 -14.07
C HIS A 71 6.47 -14.37 -12.94
N ARG A 72 6.16 -13.66 -11.86
CA ARG A 72 5.49 -14.27 -10.71
C ARG A 72 4.39 -15.21 -11.15
N ARG A 73 3.44 -14.68 -11.91
CA ARG A 73 2.31 -15.48 -12.41
C ARG A 73 2.80 -16.83 -12.94
N GLY A 74 3.83 -16.80 -13.79
CA GLY A 74 4.36 -18.03 -14.34
C GLY A 74 4.87 -18.98 -13.28
N SER A 75 4.59 -20.26 -13.47
CA SER A 75 5.01 -21.28 -12.51
C SER A 75 6.46 -21.07 -12.10
N GLY A 76 6.65 -20.59 -10.87
CA GLY A 76 8.00 -20.34 -10.38
C GLY A 76 8.25 -21.01 -9.03
N PRO A 77 9.49 -20.88 -8.52
CA PRO A 77 9.88 -21.46 -7.24
C PRO A 77 9.22 -20.74 -6.06
N SER A 78 8.10 -21.29 -5.60
CA SER A 78 7.36 -20.70 -4.49
C SER A 78 7.89 -21.24 -3.16
N SER A 79 7.85 -22.56 -3.01
CA SER A 79 8.32 -23.21 -1.79
C SER A 79 9.82 -23.48 -1.85
N GLY A 80 10.47 -23.51 -0.69
CA GLY A 80 11.89 -23.76 -0.63
C GLY A 80 12.28 -24.67 0.51
ZN ZN B . 3.73 5.10 3.37
ZN ZN C . 9.49 -5.80 -9.57
N GLY A 1 9.40 9.32 37.37
CA GLY A 1 8.04 9.73 37.65
C GLY A 1 7.94 11.20 38.03
N SER A 2 7.43 11.47 39.23
CA SER A 2 7.27 12.84 39.70
C SER A 2 6.95 13.78 38.55
N SER A 3 6.02 13.36 37.69
CA SER A 3 5.61 14.16 36.55
C SER A 3 4.09 14.34 36.52
N GLY A 4 3.61 15.12 35.57
CA GLY A 4 2.19 15.36 35.45
C GLY A 4 1.72 15.38 34.01
N SER A 5 1.36 14.22 33.48
CA SER A 5 0.89 14.12 32.10
C SER A 5 -0.60 14.40 32.00
N SER A 6 -1.04 14.82 30.83
CA SER A 6 -2.45 15.13 30.60
C SER A 6 -2.78 15.12 29.11
N GLY A 7 -3.81 14.37 28.76
CA GLY A 7 -4.21 14.28 27.35
C GLY A 7 -5.03 13.03 27.07
N LYS A 8 -6.35 13.15 27.21
CA LYS A 8 -7.24 12.03 26.96
C LYS A 8 -7.15 11.57 25.51
N ASP A 9 -7.17 12.53 24.59
CA ASP A 9 -7.08 12.22 23.17
C ASP A 9 -5.76 12.70 22.59
N PHE A 10 -5.01 11.78 21.99
CA PHE A 10 -3.72 12.11 21.40
C PHE A 10 -3.88 12.48 19.93
N LEU A 11 -4.55 11.63 19.17
CA LEU A 11 -4.77 11.87 17.75
C LEU A 11 -6.12 11.30 17.31
N ALA A 12 -6.89 12.13 16.61
CA ALA A 12 -8.20 11.72 16.12
C ALA A 12 -8.57 12.45 14.84
N MET A 13 -8.77 11.69 13.77
CA MET A 13 -9.13 12.27 12.47
C MET A 13 -9.72 11.21 11.55
N PHE A 14 -10.63 11.64 10.69
CA PHE A 14 -11.29 10.72 9.75
C PHE A 14 -10.71 10.89 8.35
N SER A 15 -9.59 10.22 8.09
CA SER A 15 -8.93 10.31 6.79
C SER A 15 -8.07 9.07 6.54
N PRO A 16 -7.90 8.72 5.25
CA PRO A 16 -7.09 7.56 4.84
C PRO A 16 -5.60 7.77 5.11
N LYS A 17 -4.82 6.72 4.90
CA LYS A 17 -3.38 6.78 5.10
C LYS A 17 -2.64 5.87 4.13
N CYS A 18 -1.39 6.20 3.84
CA CYS A 18 -0.58 5.42 2.92
C CYS A 18 -0.54 3.95 3.36
N GLY A 19 -0.56 3.05 2.38
CA GLY A 19 -0.52 1.63 2.67
C GLY A 19 0.89 1.12 2.92
N GLY A 20 1.70 1.94 3.57
CA GLY A 20 3.07 1.55 3.85
C GLY A 20 3.58 2.12 5.17
N CYS A 21 3.41 3.42 5.35
CA CYS A 21 3.85 4.09 6.57
C CYS A 21 2.67 4.38 7.50
N ASN A 22 1.46 4.15 6.98
CA ASN A 22 0.25 4.39 7.76
C ASN A 22 0.14 5.85 8.17
N ARG A 23 0.52 6.75 7.26
CA ARG A 23 0.46 8.17 7.52
C ARG A 23 -0.66 8.83 6.71
N PRO A 24 -1.16 9.97 7.22
CA PRO A 24 -2.24 10.70 6.56
C PRO A 24 -1.78 11.38 5.27
N VAL A 25 -2.23 10.85 4.13
CA VAL A 25 -1.86 11.39 2.83
C VAL A 25 -2.93 12.36 2.32
N LEU A 26 -2.49 13.58 1.99
CA LEU A 26 -3.41 14.60 1.50
C LEU A 26 -2.89 15.22 0.21
N GLU A 27 -1.59 15.53 0.18
CA GLU A 27 -0.96 16.12 -0.98
C GLU A 27 -0.13 15.09 -1.75
N ASN A 28 -0.15 15.18 -3.07
CA ASN A 28 0.59 14.25 -3.91
C ASN A 28 0.39 12.82 -3.44
N TYR A 29 -0.86 12.44 -3.24
CA TYR A 29 -1.19 11.09 -2.79
C TYR A 29 -1.85 10.29 -3.90
N LEU A 30 -1.65 8.98 -3.88
CA LEU A 30 -2.23 8.09 -4.89
C LEU A 30 -3.42 7.33 -4.33
N SER A 31 -4.19 6.71 -5.22
CA SER A 31 -5.37 5.95 -4.83
C SER A 31 -5.41 4.61 -5.55
N ALA A 32 -4.94 3.56 -4.86
CA ALA A 32 -4.93 2.22 -5.44
C ALA A 32 -5.51 1.21 -4.46
N MET A 33 -5.94 0.06 -4.99
CA MET A 33 -6.52 -0.99 -4.16
C MET A 33 -7.59 -0.42 -3.22
N ASP A 34 -8.36 0.53 -3.72
CA ASP A 34 -9.41 1.16 -2.92
C ASP A 34 -8.84 1.84 -1.69
N THR A 35 -7.57 2.25 -1.78
CA THR A 35 -6.91 2.91 -0.66
C THR A 35 -5.94 3.97 -1.16
N VAL A 36 -5.29 4.67 -0.22
CA VAL A 36 -4.34 5.71 -0.57
C VAL A 36 -2.90 5.23 -0.36
N TRP A 37 -1.97 5.83 -1.10
CA TRP A 37 -0.56 5.46 -1.00
C TRP A 37 0.33 6.69 -1.13
N HIS A 38 1.64 6.48 -1.06
CA HIS A 38 2.59 7.57 -1.17
C HIS A 38 3.37 7.49 -2.48
N PRO A 39 3.66 8.64 -3.08
CA PRO A 39 4.40 8.73 -4.34
C PRO A 39 5.86 8.32 -4.19
N GLU A 40 6.21 7.83 -3.01
CA GLU A 40 7.58 7.41 -2.73
C GLU A 40 7.63 5.97 -2.24
N CYS A 41 6.56 5.56 -1.53
CA CYS A 41 6.48 4.21 -1.00
C CYS A 41 5.90 3.25 -2.04
N PHE A 42 4.80 3.66 -2.67
CA PHE A 42 4.14 2.84 -3.67
C PHE A 42 5.15 2.30 -4.68
N VAL A 43 5.71 1.14 -4.38
CA VAL A 43 6.69 0.52 -5.26
C VAL A 43 6.56 -1.00 -5.24
N CYS A 44 7.18 -1.65 -6.23
CA CYS A 44 7.14 -3.10 -6.32
C CYS A 44 7.45 -3.76 -4.97
N GLY A 45 7.21 -5.06 -4.88
CA GLY A 45 7.47 -5.77 -3.65
C GLY A 45 8.75 -6.60 -3.72
N ASP A 46 9.07 -7.09 -4.91
CA ASP A 46 10.27 -7.89 -5.11
C ASP A 46 11.49 -7.02 -5.33
N CYS A 47 11.43 -6.17 -6.36
CA CYS A 47 12.54 -5.28 -6.68
C CYS A 47 12.43 -3.98 -5.89
N PHE A 48 11.20 -3.61 -5.53
CA PHE A 48 10.96 -2.39 -4.77
C PHE A 48 11.40 -1.16 -5.57
N THR A 49 10.89 -1.04 -6.79
CA THR A 49 11.22 0.08 -7.65
C THR A 49 10.01 0.96 -7.89
N SER A 50 10.25 2.26 -8.10
CA SER A 50 9.16 3.21 -8.34
C SER A 50 8.34 2.79 -9.55
N PHE A 51 7.13 3.34 -9.65
CA PHE A 51 6.23 3.02 -10.75
C PHE A 51 6.01 4.24 -11.64
N SER A 52 6.91 4.45 -12.59
CA SER A 52 6.82 5.59 -13.50
C SER A 52 7.02 5.14 -14.95
N THR A 53 6.50 3.95 -15.27
CA THR A 53 6.62 3.41 -16.62
C THR A 53 5.25 3.07 -17.20
N GLY A 54 4.41 2.44 -16.39
CA GLY A 54 3.07 2.08 -16.83
C GLY A 54 2.14 1.75 -15.68
N SER A 55 0.85 1.98 -15.89
CA SER A 55 -0.14 1.71 -14.86
C SER A 55 0.22 0.47 -14.05
N PHE A 56 0.68 0.69 -12.82
CA PHE A 56 1.07 -0.42 -11.95
C PHE A 56 0.10 -1.58 -12.07
N PHE A 57 0.60 -2.79 -11.88
CA PHE A 57 -0.23 -4.00 -11.97
C PHE A 57 -0.42 -4.62 -10.59
N GLU A 58 -1.68 -4.71 -10.16
CA GLU A 58 -2.00 -5.29 -8.86
C GLU A 58 -2.02 -6.82 -8.94
N LEU A 59 -1.24 -7.45 -8.06
CA LEU A 59 -1.17 -8.92 -8.03
C LEU A 59 -1.22 -9.43 -6.60
N ASP A 60 -2.35 -9.99 -6.21
CA ASP A 60 -2.52 -10.53 -4.87
C ASP A 60 -2.57 -9.41 -3.83
N GLY A 61 -3.30 -8.34 -4.16
CA GLY A 61 -3.40 -7.21 -3.26
C GLY A 61 -2.06 -6.61 -2.90
N ARG A 62 -1.14 -6.63 -3.85
CA ARG A 62 0.21 -6.10 -3.63
C ARG A 62 0.75 -5.44 -4.89
N PRO A 63 1.33 -4.24 -4.74
CA PRO A 63 1.89 -3.48 -5.87
C PRO A 63 3.16 -4.14 -6.42
N PHE A 64 3.14 -4.49 -7.69
CA PHE A 64 4.28 -5.11 -8.34
C PHE A 64 4.60 -4.43 -9.67
N CYS A 65 5.70 -4.84 -10.28
CA CYS A 65 6.13 -4.26 -11.55
C CYS A 65 5.97 -5.28 -12.68
N GLU A 66 5.39 -4.82 -13.79
CA GLU A 66 5.17 -5.68 -14.94
C GLU A 66 6.26 -6.76 -15.04
N LEU A 67 7.51 -6.32 -15.03
CA LEU A 67 8.64 -7.24 -15.12
C LEU A 67 8.40 -8.48 -14.25
N HIS A 68 8.20 -8.25 -12.96
CA HIS A 68 7.95 -9.35 -12.01
C HIS A 68 6.52 -9.87 -12.16
N TYR A 69 5.55 -8.97 -12.12
CA TYR A 69 4.15 -9.34 -12.24
C TYR A 69 3.98 -10.54 -13.17
N HIS A 70 4.67 -10.51 -14.30
CA HIS A 70 4.61 -11.59 -15.27
C HIS A 70 5.31 -12.84 -14.73
N HIS A 71 6.58 -12.68 -14.37
CA HIS A 71 7.36 -13.80 -13.85
C HIS A 71 6.57 -14.59 -12.82
N ARG A 72 6.01 -13.88 -11.85
CA ARG A 72 5.22 -14.51 -10.79
C ARG A 72 3.99 -15.20 -11.37
N ARG A 73 3.27 -14.50 -12.23
CA ARG A 73 2.07 -15.05 -12.85
C ARG A 73 2.33 -16.47 -13.36
N GLY A 74 3.40 -16.63 -14.12
CA GLY A 74 3.74 -17.94 -14.66
C GLY A 74 3.76 -19.02 -13.59
N SER A 75 3.87 -20.27 -14.02
CA SER A 75 3.89 -21.40 -13.09
C SER A 75 4.85 -21.12 -11.94
N GLY A 76 6.13 -20.92 -12.27
CA GLY A 76 7.12 -20.66 -11.25
C GLY A 76 8.38 -20.02 -11.82
N PRO A 77 9.20 -19.43 -10.94
CA PRO A 77 10.44 -18.77 -11.33
C PRO A 77 11.50 -19.75 -11.81
N SER A 78 12.59 -19.23 -12.35
CA SER A 78 13.68 -20.06 -12.85
C SER A 78 14.23 -20.95 -11.75
N SER A 79 14.67 -22.14 -12.13
CA SER A 79 15.22 -23.10 -11.17
C SER A 79 16.75 -23.06 -11.18
N GLY A 80 17.31 -22.10 -10.46
CA GLY A 80 18.76 -21.97 -10.40
C GLY A 80 19.20 -20.72 -9.68
ZN ZN B . 4.10 5.87 2.81
ZN ZN C . 9.53 -5.89 -9.42
N GLY A 1 -4.11 1.63 46.51
CA GLY A 1 -4.16 2.31 45.22
C GLY A 1 -5.54 2.26 44.59
N SER A 2 -5.75 3.04 43.54
CA SER A 2 -7.02 3.08 42.85
C SER A 2 -6.92 3.89 41.56
N SER A 3 -7.80 3.58 40.61
CA SER A 3 -7.80 4.28 39.32
C SER A 3 -8.99 3.83 38.47
N GLY A 4 -9.45 4.71 37.60
CA GLY A 4 -10.57 4.39 36.73
C GLY A 4 -10.81 5.46 35.68
N SER A 5 -9.83 5.68 34.81
CA SER A 5 -9.95 6.68 33.76
C SER A 5 -10.80 6.16 32.60
N SER A 6 -11.46 7.08 31.90
CA SER A 6 -12.31 6.71 30.78
C SER A 6 -12.52 7.90 29.85
N GLY A 7 -12.19 7.72 28.57
CA GLY A 7 -12.36 8.78 27.61
C GLY A 7 -11.05 9.51 27.31
N LYS A 8 -10.01 8.74 27.02
CA LYS A 8 -8.70 9.31 26.72
C LYS A 8 -8.55 9.58 25.22
N ASP A 9 -8.77 8.55 24.43
CA ASP A 9 -8.67 8.67 22.97
C ASP A 9 -9.56 7.66 22.27
N PHE A 10 -10.67 8.14 21.71
CA PHE A 10 -11.62 7.27 21.01
C PHE A 10 -11.38 7.31 19.50
N LEU A 11 -11.85 6.29 18.81
CA LEU A 11 -11.70 6.20 17.37
C LEU A 11 -11.97 7.55 16.71
N ALA A 12 -10.90 8.29 16.44
CA ALA A 12 -11.03 9.60 15.81
C ALA A 12 -10.43 9.59 14.40
N MET A 13 -9.24 9.01 14.28
CA MET A 13 -8.56 8.93 12.99
C MET A 13 -9.33 8.05 12.01
N PHE A 14 -10.06 8.69 11.10
CA PHE A 14 -10.84 7.96 10.11
C PHE A 14 -10.18 8.01 8.75
N SER A 15 -9.72 9.19 8.36
CA SER A 15 -9.06 9.36 7.06
C SER A 15 -8.16 8.17 6.75
N PRO A 16 -7.96 7.92 5.45
CA PRO A 16 -7.13 6.81 4.98
C PRO A 16 -5.64 7.04 5.27
N LYS A 17 -4.82 6.03 4.97
CA LYS A 17 -3.39 6.12 5.19
C LYS A 17 -2.62 5.30 4.16
N CYS A 18 -1.37 5.65 3.93
CA CYS A 18 -0.52 4.93 2.98
C CYS A 18 -0.45 3.45 3.33
N GLY A 19 -0.51 2.61 2.31
CA GLY A 19 -0.45 1.17 2.53
C GLY A 19 0.97 0.68 2.73
N GLY A 20 1.78 1.48 3.42
CA GLY A 20 3.15 1.11 3.67
C GLY A 20 3.67 1.65 4.99
N CYS A 21 3.36 2.91 5.27
CA CYS A 21 3.79 3.55 6.52
C CYS A 21 2.62 3.73 7.47
N ASN A 22 1.40 3.63 6.94
CA ASN A 22 0.21 3.80 7.75
C ASN A 22 0.07 5.23 8.25
N ARG A 23 0.41 6.18 7.39
CA ARG A 23 0.32 7.60 7.75
C ARG A 23 -0.82 8.28 7.00
N PRO A 24 -1.38 9.34 7.61
CA PRO A 24 -2.48 10.10 7.03
C PRO A 24 -2.04 10.92 5.82
N VAL A 25 -2.35 10.42 4.63
CA VAL A 25 -1.99 11.10 3.39
C VAL A 25 -3.04 12.15 3.02
N LEU A 26 -2.56 13.36 2.72
CA LEU A 26 -3.45 14.46 2.36
C LEU A 26 -2.99 15.13 1.06
N GLU A 27 -1.72 15.55 1.05
CA GLU A 27 -1.16 16.22 -0.12
C GLU A 27 -0.23 15.27 -0.88
N ASN A 28 -0.35 15.28 -2.21
CA ASN A 28 0.47 14.41 -3.05
C ASN A 28 0.29 12.95 -2.67
N TYR A 29 -0.97 12.51 -2.64
CA TYR A 29 -1.29 11.13 -2.29
C TYR A 29 -1.91 10.39 -3.48
N LEU A 30 -1.72 9.08 -3.52
CA LEU A 30 -2.27 8.26 -4.60
C LEU A 30 -3.47 7.45 -4.12
N SER A 31 -4.19 6.86 -5.06
CA SER A 31 -5.37 6.06 -4.73
C SER A 31 -5.36 4.75 -5.53
N ALA A 32 -4.88 3.68 -4.89
CA ALA A 32 -4.83 2.38 -5.53
C ALA A 32 -5.40 1.30 -4.62
N MET A 33 -5.80 0.18 -5.22
CA MET A 33 -6.38 -0.93 -4.45
C MET A 33 -7.46 -0.44 -3.50
N ASP A 34 -8.30 0.47 -3.99
CA ASP A 34 -9.38 1.02 -3.18
C ASP A 34 -8.83 1.67 -1.91
N THR A 35 -7.58 2.10 -1.96
CA THR A 35 -6.94 2.73 -0.81
C THR A 35 -5.98 3.82 -1.26
N VAL A 36 -5.33 4.46 -0.29
CA VAL A 36 -4.37 5.52 -0.58
C VAL A 36 -2.94 5.05 -0.39
N TRP A 37 -2.00 5.74 -1.00
CA TRP A 37 -0.59 5.39 -0.90
C TRP A 37 0.29 6.65 -0.95
N HIS A 38 1.60 6.44 -0.85
CA HIS A 38 2.55 7.55 -0.89
C HIS A 38 3.31 7.56 -2.20
N PRO A 39 3.57 8.77 -2.73
CA PRO A 39 4.30 8.95 -3.99
C PRO A 39 5.77 8.59 -3.87
N GLU A 40 6.14 8.01 -2.73
CA GLU A 40 7.51 7.61 -2.50
C GLU A 40 7.60 6.13 -2.09
N CYS A 41 6.55 5.66 -1.44
CA CYS A 41 6.50 4.27 -0.98
C CYS A 41 5.91 3.37 -2.07
N PHE A 42 4.82 3.83 -2.69
CA PHE A 42 4.16 3.07 -3.74
C PHE A 42 5.18 2.56 -4.77
N VAL A 43 5.67 1.35 -4.56
CA VAL A 43 6.64 0.75 -5.46
C VAL A 43 6.55 -0.78 -5.44
N CYS A 44 7.20 -1.42 -6.40
CA CYS A 44 7.19 -2.87 -6.50
C CYS A 44 7.64 -3.50 -5.18
N GLY A 45 7.37 -4.80 -5.04
CA GLY A 45 7.75 -5.50 -3.83
C GLY A 45 9.06 -6.25 -3.97
N ASP A 46 9.46 -6.51 -5.22
CA ASP A 46 10.70 -7.22 -5.50
C ASP A 46 11.80 -6.25 -5.89
N CYS A 47 11.61 -5.59 -7.04
CA CYS A 47 12.59 -4.63 -7.53
C CYS A 47 12.45 -3.28 -6.83
N PHE A 48 11.32 -3.09 -6.16
CA PHE A 48 11.05 -1.84 -5.45
C PHE A 48 11.22 -0.64 -6.37
N THR A 49 10.60 -0.72 -7.55
CA THR A 49 10.68 0.36 -8.53
C THR A 49 9.42 1.21 -8.51
N SER A 50 9.55 2.47 -8.88
CA SER A 50 8.42 3.40 -8.91
C SER A 50 7.40 2.97 -9.97
N PHE A 51 6.19 3.50 -9.87
CA PHE A 51 5.12 3.18 -10.81
C PHE A 51 4.57 4.45 -11.45
N SER A 52 5.46 5.37 -11.80
CA SER A 52 5.06 6.63 -12.42
C SER A 52 5.33 6.61 -13.92
N THR A 53 6.48 6.06 -14.30
CA THR A 53 6.87 5.97 -15.70
C THR A 53 5.70 5.50 -16.56
N GLY A 54 5.04 4.44 -16.13
CA GLY A 54 3.92 3.90 -16.87
C GLY A 54 2.76 3.51 -15.98
N SER A 55 2.60 2.21 -15.77
CA SER A 55 1.52 1.70 -14.93
C SER A 55 2.00 0.52 -14.08
N PHE A 56 1.18 0.14 -13.10
CA PHE A 56 1.52 -0.97 -12.21
C PHE A 56 0.53 -2.12 -12.38
N PHE A 57 0.91 -3.29 -11.87
CA PHE A 57 0.06 -4.47 -11.97
C PHE A 57 -0.23 -5.04 -10.58
N GLU A 58 -1.51 -5.04 -10.20
CA GLU A 58 -1.91 -5.55 -8.90
C GLU A 58 -1.99 -7.08 -8.92
N LEU A 59 -1.12 -7.72 -8.15
CA LEU A 59 -1.08 -9.17 -8.08
C LEU A 59 -1.12 -9.65 -6.63
N ASP A 60 -2.19 -10.36 -6.28
CA ASP A 60 -2.35 -10.88 -4.93
C ASP A 60 -2.48 -9.73 -3.93
N GLY A 61 -2.95 -8.58 -4.39
CA GLY A 61 -3.10 -7.43 -3.53
C GLY A 61 -1.78 -6.77 -3.19
N ARG A 62 -0.87 -6.75 -4.17
CA ARG A 62 0.45 -6.14 -3.97
C ARG A 62 0.93 -5.49 -5.26
N PRO A 63 1.34 -4.20 -5.15
CA PRO A 63 1.84 -3.43 -6.29
C PRO A 63 3.19 -3.93 -6.77
N PHE A 64 3.22 -4.45 -8.00
CA PHE A 64 4.46 -4.95 -8.58
C PHE A 64 4.70 -4.34 -9.96
N CYS A 65 5.84 -4.68 -10.55
CA CYS A 65 6.20 -4.16 -11.87
C CYS A 65 6.06 -5.25 -12.94
N GLU A 66 5.52 -4.87 -14.09
CA GLU A 66 5.34 -5.81 -15.19
C GLU A 66 6.39 -6.92 -15.14
N LEU A 67 7.66 -6.53 -15.22
CA LEU A 67 8.76 -7.48 -15.19
C LEU A 67 8.46 -8.63 -14.21
N HIS A 68 8.25 -8.27 -12.95
CA HIS A 68 7.95 -9.25 -11.92
C HIS A 68 6.51 -9.76 -12.04
N TYR A 69 5.56 -8.83 -12.05
CA TYR A 69 4.15 -9.17 -12.16
C TYR A 69 3.96 -10.42 -13.03
N HIS A 70 4.42 -10.34 -14.27
CA HIS A 70 4.31 -11.45 -15.21
C HIS A 70 5.09 -12.66 -14.70
N HIS A 71 6.30 -12.42 -14.22
CA HIS A 71 7.14 -13.49 -13.71
C HIS A 71 6.40 -14.32 -12.66
N ARG A 72 5.84 -13.64 -11.67
CA ARG A 72 5.11 -14.31 -10.61
C ARG A 72 3.92 -15.09 -11.18
N ARG A 73 3.13 -14.43 -12.01
CA ARG A 73 1.96 -15.06 -12.62
C ARG A 73 2.33 -16.40 -13.23
N GLY A 74 3.42 -16.42 -13.99
CA GLY A 74 3.86 -17.66 -14.63
C GLY A 74 5.37 -17.71 -14.80
N SER A 75 5.97 -18.81 -14.37
CA SER A 75 7.41 -18.99 -14.49
C SER A 75 7.77 -19.85 -15.68
N GLY A 76 7.06 -20.97 -15.84
CA GLY A 76 7.32 -21.87 -16.94
C GLY A 76 8.24 -23.01 -16.57
N PRO A 77 8.57 -23.86 -17.54
CA PRO A 77 9.45 -25.02 -17.33
C PRO A 77 10.89 -24.60 -17.08
N SER A 78 11.12 -23.30 -16.95
CA SER A 78 12.45 -22.77 -16.71
C SER A 78 13.27 -23.75 -15.87
N SER A 79 14.58 -23.77 -16.11
CA SER A 79 15.48 -24.66 -15.38
C SER A 79 16.14 -23.93 -14.21
N GLY A 80 15.85 -24.41 -12.99
CA GLY A 80 16.42 -23.79 -11.82
C GLY A 80 17.90 -24.09 -11.64
ZN ZN B . 4.11 5.55 2.92
ZN ZN C . 9.44 -5.63 -9.74
N GLY A 1 -10.95 8.35 48.61
CA GLY A 1 -10.60 9.02 47.37
C GLY A 1 -11.46 8.56 46.20
N SER A 2 -11.26 9.19 45.05
CA SER A 2 -12.03 8.84 43.85
C SER A 2 -11.41 9.49 42.61
N SER A 3 -11.62 8.85 41.46
CA SER A 3 -11.08 9.35 40.20
C SER A 3 -11.63 8.56 39.02
N GLY A 4 -11.24 8.96 37.81
CA GLY A 4 -11.71 8.28 36.63
C GLY A 4 -11.71 9.18 35.41
N SER A 5 -11.22 8.66 34.28
CA SER A 5 -11.17 9.42 33.04
C SER A 5 -12.32 9.05 32.11
N SER A 6 -12.50 9.83 31.05
CA SER A 6 -13.57 9.59 30.09
C SER A 6 -13.04 8.79 28.89
N GLY A 7 -12.01 9.32 28.25
CA GLY A 7 -11.44 8.66 27.09
C GLY A 7 -12.38 8.64 25.90
N LYS A 8 -12.97 9.80 25.61
CA LYS A 8 -13.90 9.90 24.49
C LYS A 8 -13.14 9.97 23.16
N ASP A 9 -12.84 8.80 22.60
CA ASP A 9 -12.13 8.72 21.33
C ASP A 9 -12.89 7.85 20.33
N PHE A 10 -13.93 8.42 19.73
CA PHE A 10 -14.73 7.69 18.76
C PHE A 10 -14.35 8.09 17.33
N LEU A 11 -14.53 9.36 17.01
CA LEU A 11 -14.21 9.87 15.68
C LEU A 11 -13.14 10.96 15.76
N ALA A 12 -11.98 10.69 15.17
CA ALA A 12 -10.88 11.65 15.18
C ALA A 12 -10.53 12.08 13.76
N MET A 13 -10.01 11.13 12.97
CA MET A 13 -9.63 11.42 11.59
C MET A 13 -10.24 10.38 10.64
N PHE A 14 -11.26 10.80 9.89
CA PHE A 14 -11.92 9.91 8.96
C PHE A 14 -11.28 10.00 7.57
N SER A 15 -9.95 10.12 7.56
CA SER A 15 -9.21 10.22 6.30
C SER A 15 -8.32 9.00 6.10
N PRO A 16 -8.08 8.65 4.83
CA PRO A 16 -7.24 7.50 4.47
C PRO A 16 -5.77 7.75 4.78
N LYS A 17 -4.95 6.72 4.55
CA LYS A 17 -3.51 6.82 4.80
C LYS A 17 -2.73 5.91 3.85
N CYS A 18 -1.46 6.25 3.64
CA CYS A 18 -0.60 5.47 2.76
C CYS A 18 -0.53 4.01 3.22
N GLY A 19 -0.57 3.10 2.26
CA GLY A 19 -0.50 1.68 2.59
C GLY A 19 0.91 1.22 2.87
N GLY A 20 1.69 2.07 3.54
CA GLY A 20 3.07 1.73 3.85
C GLY A 20 3.53 2.35 5.16
N CYS A 21 3.29 3.64 5.32
CA CYS A 21 3.69 4.35 6.53
C CYS A 21 2.48 4.62 7.42
N ASN A 22 1.29 4.41 6.88
CA ASN A 22 0.05 4.63 7.62
C ASN A 22 -0.09 6.09 8.01
N ARG A 23 0.27 6.98 7.10
CA ARG A 23 0.19 8.42 7.34
C ARG A 23 -0.93 9.05 6.52
N PRO A 24 -1.46 10.18 7.01
CA PRO A 24 -2.54 10.90 6.34
C PRO A 24 -2.07 11.56 5.04
N VAL A 25 -2.43 10.95 3.92
CA VAL A 25 -2.06 11.48 2.61
C VAL A 25 -3.13 12.43 2.07
N LEU A 26 -2.71 13.64 1.72
CA LEU A 26 -3.64 14.64 1.19
C LEU A 26 -3.09 15.24 -0.10
N GLU A 27 -1.81 15.58 -0.10
CA GLU A 27 -1.18 16.17 -1.27
C GLU A 27 -0.35 15.13 -2.03
N ASN A 28 -0.33 15.24 -3.34
CA ASN A 28 0.42 14.31 -4.18
C ASN A 28 0.25 12.88 -3.68
N TYR A 29 -1.00 12.46 -3.53
CA TYR A 29 -1.31 11.11 -3.07
C TYR A 29 -1.94 10.28 -4.17
N LEU A 30 -1.72 8.97 -4.11
CA LEU A 30 -2.27 8.05 -5.11
C LEU A 30 -3.44 7.26 -4.54
N SER A 31 -4.20 6.62 -5.42
CA SER A 31 -5.34 5.82 -5.01
C SER A 31 -5.33 4.45 -5.67
N ALA A 32 -4.83 3.46 -4.95
CA ALA A 32 -4.75 2.09 -5.47
C ALA A 32 -5.30 1.09 -4.46
N MET A 33 -5.65 -0.10 -4.94
CA MET A 33 -6.18 -1.14 -4.07
C MET A 33 -7.31 -0.60 -3.19
N ASP A 34 -8.14 0.27 -3.76
CA ASP A 34 -9.25 0.86 -3.03
C ASP A 34 -8.75 1.64 -1.83
N THR A 35 -7.50 2.10 -1.89
CA THR A 35 -6.91 2.86 -0.80
C THR A 35 -5.94 3.92 -1.33
N VAL A 36 -5.31 4.65 -0.41
CA VAL A 36 -4.36 5.70 -0.79
C VAL A 36 -2.92 5.23 -0.57
N TRP A 37 -1.99 5.86 -1.29
CA TRP A 37 -0.58 5.52 -1.16
C TRP A 37 0.29 6.76 -1.28
N HIS A 38 1.61 6.56 -1.18
CA HIS A 38 2.54 7.67 -1.29
C HIS A 38 3.35 7.58 -2.58
N PRO A 39 3.62 8.75 -3.18
CA PRO A 39 4.37 8.84 -4.44
C PRO A 39 5.84 8.49 -4.25
N GLU A 40 6.19 8.03 -3.05
CA GLU A 40 7.57 7.66 -2.75
C GLU A 40 7.64 6.23 -2.22
N CYS A 41 6.55 5.77 -1.61
CA CYS A 41 6.50 4.42 -1.07
C CYS A 41 5.92 3.44 -2.08
N PHE A 42 4.84 3.86 -2.74
CA PHE A 42 4.20 3.03 -3.75
C PHE A 42 5.22 2.47 -4.74
N VAL A 43 5.73 1.28 -4.46
CA VAL A 43 6.71 0.65 -5.32
C VAL A 43 6.54 -0.87 -5.34
N CYS A 44 7.13 -1.52 -6.34
CA CYS A 44 7.04 -2.97 -6.47
C CYS A 44 7.28 -3.65 -5.13
N GLY A 45 6.92 -4.92 -5.04
CA GLY A 45 7.10 -5.67 -3.81
C GLY A 45 8.38 -6.47 -3.80
N ASP A 46 8.95 -6.68 -4.99
CA ASP A 46 10.18 -7.44 -5.12
C ASP A 46 11.37 -6.52 -5.37
N CYS A 47 11.36 -5.84 -6.50
CA CYS A 47 12.43 -4.91 -6.85
C CYS A 47 12.23 -3.55 -6.17
N PHE A 48 11.01 -3.30 -5.72
CA PHE A 48 10.68 -2.05 -5.07
C PHE A 48 11.05 -0.86 -5.94
N THR A 49 10.52 -0.85 -7.16
CA THR A 49 10.79 0.23 -8.10
C THR A 49 9.62 1.21 -8.17
N SER A 50 9.91 2.43 -8.59
CA SER A 50 8.88 3.46 -8.70
C SER A 50 7.93 3.18 -9.86
N PHE A 51 6.67 3.57 -9.71
CA PHE A 51 5.67 3.36 -10.75
C PHE A 51 5.42 4.65 -11.53
N SER A 52 6.49 5.34 -11.87
CA SER A 52 6.38 6.59 -12.62
C SER A 52 5.66 6.37 -13.95
N THR A 53 4.61 7.14 -14.17
CA THR A 53 3.83 7.03 -15.40
C THR A 53 3.68 5.58 -15.83
N GLY A 54 3.55 4.69 -14.85
CA GLY A 54 3.38 3.27 -15.14
C GLY A 54 2.30 2.62 -14.30
N SER A 55 1.22 2.22 -14.95
CA SER A 55 0.11 1.58 -14.25
C SER A 55 0.56 0.30 -13.56
N PHE A 56 0.70 0.37 -12.24
CA PHE A 56 1.13 -0.78 -11.45
C PHE A 56 0.23 -1.98 -11.71
N PHE A 57 0.56 -3.11 -11.08
CA PHE A 57 -0.21 -4.33 -11.25
C PHE A 57 -0.55 -4.96 -9.90
N GLU A 58 -1.83 -5.10 -9.62
CA GLU A 58 -2.28 -5.69 -8.37
C GLU A 58 -2.06 -7.19 -8.35
N LEU A 59 -1.28 -7.66 -7.39
CA LEU A 59 -0.98 -9.08 -7.26
C LEU A 59 -0.95 -9.50 -5.80
N ASP A 60 -1.96 -10.26 -5.37
CA ASP A 60 -2.04 -10.72 -4.00
C ASP A 60 -2.06 -9.55 -3.02
N GLY A 61 -2.75 -8.49 -3.40
CA GLY A 61 -2.83 -7.31 -2.55
C GLY A 61 -1.48 -6.66 -2.32
N ARG A 62 -0.63 -6.69 -3.34
CA ARG A 62 0.69 -6.10 -3.26
C ARG A 62 1.11 -5.49 -4.59
N PRO A 63 1.59 -4.24 -4.54
CA PRO A 63 2.03 -3.52 -5.74
C PRO A 63 3.32 -4.09 -6.32
N PHE A 64 3.27 -4.46 -7.59
CA PHE A 64 4.44 -5.02 -8.27
C PHE A 64 4.69 -4.32 -9.60
N CYS A 65 5.75 -4.72 -10.27
CA CYS A 65 6.11 -4.14 -11.56
C CYS A 65 5.79 -5.10 -12.70
N GLU A 66 5.81 -4.58 -13.93
CA GLU A 66 5.53 -5.40 -15.10
C GLU A 66 6.48 -6.58 -15.18
N LEU A 67 7.77 -6.33 -14.95
CA LEU A 67 8.78 -7.37 -15.00
C LEU A 67 8.36 -8.58 -14.17
N HIS A 68 8.34 -8.40 -12.85
CA HIS A 68 7.95 -9.47 -11.93
C HIS A 68 6.50 -9.86 -12.14
N TYR A 69 5.61 -8.87 -12.12
CA TYR A 69 4.18 -9.11 -12.31
C TYR A 69 3.95 -10.27 -13.27
N HIS A 70 4.66 -10.26 -14.39
CA HIS A 70 4.53 -11.31 -15.40
C HIS A 70 5.17 -12.61 -14.91
N HIS A 71 6.40 -12.51 -14.42
CA HIS A 71 7.13 -13.67 -13.92
C HIS A 71 6.26 -14.46 -12.94
N ARG A 72 5.80 -13.80 -11.89
CA ARG A 72 4.98 -14.43 -10.88
C ARG A 72 3.76 -15.10 -11.52
N ARG A 73 3.07 -14.35 -12.37
CA ARG A 73 1.88 -14.87 -13.05
C ARG A 73 2.15 -16.24 -13.66
N GLY A 74 3.23 -16.33 -14.45
CA GLY A 74 3.57 -17.59 -15.08
C GLY A 74 3.75 -18.71 -14.08
N SER A 75 3.92 -19.93 -14.58
CA SER A 75 4.09 -21.10 -13.72
C SER A 75 4.90 -20.74 -12.48
N GLY A 76 4.22 -20.68 -11.34
CA GLY A 76 4.89 -20.36 -10.09
C GLY A 76 4.67 -21.41 -9.02
N PRO A 77 5.25 -21.18 -7.83
CA PRO A 77 5.13 -22.10 -6.71
C PRO A 77 3.72 -22.14 -6.12
N SER A 78 3.01 -23.22 -6.39
CA SER A 78 1.64 -23.37 -5.89
C SER A 78 1.52 -24.58 -4.96
N SER A 79 1.02 -24.35 -3.76
CA SER A 79 0.86 -25.41 -2.78
C SER A 79 -0.43 -26.20 -3.02
N GLY A 80 -0.28 -27.44 -3.47
CA GLY A 80 -1.43 -28.28 -3.75
C GLY A 80 -1.68 -28.46 -5.23
ZN ZN B . 4.06 6.06 2.73
ZN ZN C . 9.44 -5.82 -9.53
N GLY A 1 -14.83 15.24 48.04
CA GLY A 1 -15.62 15.00 46.84
C GLY A 1 -14.90 15.42 45.58
N SER A 2 -14.98 14.59 44.55
CA SER A 2 -14.34 14.87 43.28
C SER A 2 -15.17 14.36 42.11
N SER A 3 -14.81 14.77 40.90
CA SER A 3 -15.53 14.36 39.70
C SER A 3 -14.80 14.82 38.44
N GLY A 4 -15.09 14.17 37.33
CA GLY A 4 -14.46 14.53 36.07
C GLY A 4 -15.27 14.09 34.87
N SER A 5 -15.56 15.04 33.98
CA SER A 5 -16.34 14.76 32.78
C SER A 5 -15.76 15.48 31.58
N SER A 6 -15.56 14.74 30.50
CA SER A 6 -15.01 15.30 29.26
C SER A 6 -15.13 14.31 28.11
N GLY A 7 -15.34 14.84 26.91
CA GLY A 7 -15.47 13.99 25.74
C GLY A 7 -14.66 14.50 24.56
N LYS A 8 -14.08 13.58 23.80
CA LYS A 8 -13.27 13.93 22.64
C LYS A 8 -13.24 12.79 21.64
N ASP A 9 -13.65 13.07 20.41
CA ASP A 9 -13.66 12.06 19.35
C ASP A 9 -12.43 11.16 19.46
N PHE A 10 -12.64 9.95 19.97
CA PHE A 10 -11.55 8.99 20.13
C PHE A 10 -10.86 8.74 18.79
N LEU A 11 -9.77 7.97 18.84
CA LEU A 11 -9.02 7.65 17.63
C LEU A 11 -9.94 7.23 16.49
N ALA A 12 -10.14 8.13 15.53
CA ALA A 12 -11.00 7.84 14.39
C ALA A 12 -10.20 7.86 13.08
N MET A 13 -9.32 8.84 12.95
CA MET A 13 -8.51 8.97 11.75
C MET A 13 -9.28 8.54 10.51
N PHE A 14 -10.54 8.95 10.43
CA PHE A 14 -11.39 8.60 9.30
C PHE A 14 -10.59 8.60 8.00
N SER A 15 -9.90 9.72 7.74
CA SER A 15 -9.11 9.86 6.53
C SER A 15 -8.25 8.63 6.30
N PRO A 16 -8.01 8.30 5.02
CA PRO A 16 -7.21 7.14 4.62
C PRO A 16 -5.72 7.33 4.96
N LYS A 17 -4.95 6.27 4.78
CA LYS A 17 -3.51 6.31 5.06
C LYS A 17 -2.74 5.47 4.04
N CYS A 18 -1.46 5.80 3.88
CA CYS A 18 -0.61 5.07 2.94
C CYS A 18 -0.54 3.59 3.30
N GLY A 19 -0.56 2.74 2.28
CA GLY A 19 -0.50 1.30 2.51
C GLY A 19 0.91 0.82 2.77
N GLY A 20 1.69 1.63 3.48
CA GLY A 20 3.06 1.27 3.79
C GLY A 20 3.52 1.80 5.14
N CYS A 21 3.38 3.10 5.33
CA CYS A 21 3.78 3.74 6.58
C CYS A 21 2.57 3.98 7.48
N ASN A 22 1.38 3.78 6.93
CA ASN A 22 0.15 3.97 7.69
C ASN A 22 0.02 5.42 8.15
N ARG A 23 0.34 6.35 7.27
CA ARG A 23 0.26 7.77 7.59
C ARG A 23 -0.88 8.43 6.83
N PRO A 24 -1.46 9.49 7.43
CA PRO A 24 -2.57 10.23 6.82
C PRO A 24 -2.13 11.04 5.59
N VAL A 25 -2.40 10.51 4.41
CA VAL A 25 -2.03 11.17 3.18
C VAL A 25 -3.04 12.26 2.81
N LEU A 26 -2.56 13.49 2.69
CA LEU A 26 -3.42 14.62 2.34
C LEU A 26 -3.22 15.04 0.89
N GLU A 27 -2.02 15.47 0.56
CA GLU A 27 -1.69 15.90 -0.80
C GLU A 27 -0.73 14.93 -1.46
N ASN A 28 -0.39 15.18 -2.72
CA ASN A 28 0.53 14.34 -3.46
C ASN A 28 0.37 12.88 -3.05
N TYR A 29 -0.87 12.39 -3.07
CA TYR A 29 -1.15 11.01 -2.69
C TYR A 29 -1.80 10.25 -3.84
N LEU A 30 -1.57 8.95 -3.90
CA LEU A 30 -2.14 8.11 -4.95
C LEU A 30 -3.34 7.32 -4.43
N SER A 31 -4.07 6.70 -5.35
CA SER A 31 -5.25 5.92 -4.98
C SER A 31 -5.25 4.57 -5.71
N ALA A 32 -4.77 3.54 -5.03
CA ALA A 32 -4.73 2.21 -5.62
C ALA A 32 -5.28 1.16 -4.66
N MET A 33 -5.62 -0.01 -5.18
CA MET A 33 -6.17 -1.09 -4.37
C MET A 33 -7.29 -0.58 -3.48
N ASP A 34 -8.13 0.29 -4.03
CA ASP A 34 -9.26 0.85 -3.29
C ASP A 34 -8.77 1.59 -2.04
N THR A 35 -7.52 2.05 -2.08
CA THR A 35 -6.93 2.77 -0.96
C THR A 35 -5.97 3.84 -1.44
N VAL A 36 -5.32 4.51 -0.50
CA VAL A 36 -4.35 5.56 -0.83
C VAL A 36 -2.92 5.10 -0.58
N TRP A 37 -1.98 5.72 -1.27
CA TRP A 37 -0.57 5.37 -1.12
C TRP A 37 0.31 6.60 -1.18
N HIS A 38 1.62 6.41 -1.01
CA HIS A 38 2.57 7.52 -1.04
C HIS A 38 3.38 7.50 -2.33
N PRO A 39 3.66 8.69 -2.88
CA PRO A 39 4.43 8.83 -4.11
C PRO A 39 5.90 8.47 -3.93
N GLU A 40 6.23 7.95 -2.74
CA GLU A 40 7.59 7.56 -2.44
C GLU A 40 7.67 6.11 -2.00
N CYS A 41 6.58 5.62 -1.39
CA CYS A 41 6.53 4.24 -0.92
C CYS A 41 5.97 3.32 -2.00
N PHE A 42 4.86 3.73 -2.61
CA PHE A 42 4.23 2.95 -3.67
C PHE A 42 5.27 2.43 -4.66
N VAL A 43 5.79 1.24 -4.39
CA VAL A 43 6.79 0.64 -5.26
C VAL A 43 6.65 -0.88 -5.29
N CYS A 44 7.28 -1.51 -6.28
CA CYS A 44 7.22 -2.96 -6.42
C CYS A 44 7.58 -3.65 -5.12
N GLY A 45 7.27 -4.94 -5.03
CA GLY A 45 7.57 -5.70 -3.83
C GLY A 45 8.85 -6.50 -3.94
N ASP A 46 9.32 -6.68 -5.18
CA ASP A 46 10.54 -7.44 -5.43
C ASP A 46 11.71 -6.50 -5.72
N CYS A 47 11.56 -5.71 -6.78
CA CYS A 47 12.61 -4.76 -7.17
C CYS A 47 12.45 -3.44 -6.42
N PHE A 48 11.25 -3.19 -5.91
CA PHE A 48 10.97 -1.97 -5.18
C PHE A 48 11.19 -0.74 -6.06
N THR A 49 10.70 -0.81 -7.30
CA THR A 49 10.85 0.29 -8.24
C THR A 49 9.59 1.14 -8.30
N SER A 50 9.75 2.43 -8.59
CA SER A 50 8.62 3.35 -8.67
C SER A 50 7.62 2.88 -9.72
N PHE A 51 6.50 3.59 -9.81
CA PHE A 51 5.46 3.26 -10.77
C PHE A 51 5.12 4.47 -11.65
N SER A 52 5.88 4.64 -12.73
CA SER A 52 5.67 5.75 -13.65
C SER A 52 5.66 5.27 -15.10
N THR A 53 6.73 4.57 -15.49
CA THR A 53 6.85 4.06 -16.84
C THR A 53 5.58 3.33 -17.27
N GLY A 54 5.09 2.45 -16.41
CA GLY A 54 3.88 1.72 -16.71
C GLY A 54 3.00 1.51 -15.50
N SER A 55 1.70 1.77 -15.66
CA SER A 55 0.75 1.61 -14.56
C SER A 55 1.03 0.34 -13.77
N PHE A 56 1.23 0.50 -12.47
CA PHE A 56 1.51 -0.64 -11.60
C PHE A 56 0.48 -1.74 -11.79
N PHE A 57 0.82 -2.95 -11.34
CA PHE A 57 -0.08 -4.09 -11.47
C PHE A 57 -0.33 -4.73 -10.11
N GLU A 58 -1.62 -4.90 -9.78
CA GLU A 58 -2.00 -5.50 -8.51
C GLU A 58 -1.92 -7.03 -8.58
N LEU A 59 -1.03 -7.59 -7.76
CA LEU A 59 -0.84 -9.04 -7.73
C LEU A 59 -0.72 -9.54 -6.29
N ASP A 60 -1.63 -10.41 -5.89
CA ASP A 60 -1.62 -10.97 -4.54
C ASP A 60 -1.76 -9.87 -3.50
N GLY A 61 -2.62 -8.90 -3.79
CA GLY A 61 -2.83 -7.80 -2.86
C GLY A 61 -1.55 -7.05 -2.55
N ARG A 62 -0.65 -6.98 -3.53
CA ARG A 62 0.62 -6.29 -3.34
C ARG A 62 1.05 -5.61 -4.64
N PRO A 63 1.57 -4.38 -4.50
CA PRO A 63 2.04 -3.59 -5.66
C PRO A 63 3.31 -4.17 -6.28
N PHE A 64 3.24 -4.47 -7.57
CA PHE A 64 4.37 -5.03 -8.30
C PHE A 64 4.59 -4.32 -9.62
N CYS A 65 5.67 -4.66 -10.30
CA CYS A 65 5.99 -4.05 -11.60
C CYS A 65 5.81 -5.05 -12.73
N GLU A 66 5.22 -4.59 -13.83
CA GLU A 66 4.98 -5.45 -14.98
C GLU A 66 6.03 -6.55 -15.06
N LEU A 67 7.30 -6.17 -15.07
CA LEU A 67 8.39 -7.13 -15.15
C LEU A 67 8.13 -8.32 -14.23
N HIS A 68 8.19 -8.08 -12.93
CA HIS A 68 7.96 -9.12 -11.94
C HIS A 68 6.54 -9.69 -12.06
N TYR A 69 5.56 -8.80 -12.10
CA TYR A 69 4.16 -9.20 -12.22
C TYR A 69 4.03 -10.46 -13.05
N HIS A 70 4.56 -10.43 -14.27
CA HIS A 70 4.51 -11.58 -15.17
C HIS A 70 5.24 -12.77 -14.57
N HIS A 71 6.52 -12.60 -14.27
CA HIS A 71 7.32 -13.66 -13.69
C HIS A 71 6.49 -14.51 -12.73
N ARG A 72 5.80 -13.85 -11.81
CA ARG A 72 4.96 -14.55 -10.83
C ARG A 72 3.81 -15.27 -11.51
N ARG A 73 3.13 -14.56 -12.42
CA ARG A 73 2.01 -15.14 -13.15
C ARG A 73 2.42 -16.42 -13.87
N GLY A 74 3.55 -16.37 -14.55
CA GLY A 74 4.04 -17.53 -15.27
C GLY A 74 4.38 -18.68 -14.34
N SER A 75 5.12 -18.39 -13.28
CA SER A 75 5.51 -19.42 -12.33
C SER A 75 4.73 -19.28 -11.03
N GLY A 76 3.64 -20.03 -10.92
CA GLY A 76 2.81 -19.98 -9.73
C GLY A 76 1.92 -21.20 -9.60
N PRO A 77 1.12 -21.23 -8.51
CA PRO A 77 0.20 -22.34 -8.25
C PRO A 77 -0.97 -22.38 -9.23
N SER A 78 -0.98 -21.43 -10.16
CA SER A 78 -2.04 -21.36 -11.15
C SER A 78 -1.72 -22.23 -12.36
N SER A 79 -2.75 -22.56 -13.14
CA SER A 79 -2.57 -23.39 -14.33
C SER A 79 -1.51 -22.79 -15.25
N GLY A 80 -1.06 -23.58 -16.22
CA GLY A 80 -0.05 -23.13 -17.15
C GLY A 80 1.21 -23.97 -17.10
ZN ZN B . 4.03 5.70 2.91
ZN ZN C . 9.56 -5.54 -9.66
N GLY A 1 -18.87 -8.81 45.38
CA GLY A 1 -19.20 -8.72 43.97
C GLY A 1 -18.46 -7.60 43.27
N SER A 2 -18.01 -7.86 42.05
CA SER A 2 -17.28 -6.87 41.28
C SER A 2 -17.49 -7.07 39.78
N SER A 3 -17.92 -6.01 39.10
CA SER A 3 -18.19 -6.07 37.67
C SER A 3 -18.22 -4.67 37.08
N GLY A 4 -17.75 -4.55 35.83
CA GLY A 4 -17.74 -3.26 35.16
C GLY A 4 -16.48 -3.06 34.33
N SER A 5 -16.64 -3.06 33.01
CA SER A 5 -15.51 -2.88 32.10
C SER A 5 -15.99 -2.57 30.69
N SER A 6 -15.82 -1.33 30.27
CA SER A 6 -16.25 -0.90 28.94
C SER A 6 -15.06 -0.34 28.15
N GLY A 7 -15.16 -0.42 26.83
CA GLY A 7 -14.10 0.08 25.98
C GLY A 7 -14.22 -0.40 24.55
N LYS A 8 -14.85 0.40 23.70
CA LYS A 8 -15.04 0.05 22.30
C LYS A 8 -14.39 1.09 21.40
N ASP A 9 -13.64 0.61 20.41
CA ASP A 9 -12.95 1.49 19.47
C ASP A 9 -13.08 0.96 18.04
N PHE A 10 -13.50 1.82 17.12
CA PHE A 10 -13.65 1.45 15.72
C PHE A 10 -13.51 2.66 14.81
N LEU A 11 -13.16 2.41 13.56
CA LEU A 11 -13.00 3.48 12.58
C LEU A 11 -12.47 4.75 13.25
N ALA A 12 -11.54 4.58 14.18
CA ALA A 12 -10.96 5.71 14.89
C ALA A 12 -10.55 6.81 13.93
N MET A 13 -9.89 6.44 12.84
CA MET A 13 -9.44 7.39 11.84
C MET A 13 -10.56 7.69 10.84
N PHE A 14 -10.51 8.88 10.24
CA PHE A 14 -11.52 9.28 9.26
C PHE A 14 -10.94 9.28 7.85
N SER A 15 -9.70 9.74 7.72
CA SER A 15 -9.03 9.79 6.42
C SER A 15 -8.14 8.57 6.22
N PRO A 16 -7.94 8.20 4.94
CA PRO A 16 -7.11 7.05 4.58
C PRO A 16 -5.63 7.28 4.86
N LYS A 17 -4.84 6.23 4.73
CA LYS A 17 -3.40 6.31 4.97
C LYS A 17 -2.63 5.44 3.98
N CYS A 18 -1.36 5.77 3.78
CA CYS A 18 -0.51 5.01 2.86
C CYS A 18 -0.47 3.54 3.26
N GLY A 19 -0.47 2.66 2.26
CA GLY A 19 -0.42 1.24 2.52
C GLY A 19 0.97 0.74 2.81
N GLY A 20 1.75 1.55 3.53
CA GLY A 20 3.11 1.18 3.87
C GLY A 20 3.57 1.76 5.19
N CYS A 21 3.27 3.05 5.40
CA CYS A 21 3.66 3.73 6.63
C CYS A 21 2.44 3.99 7.52
N ASN A 22 1.26 3.76 6.95
CA ASN A 22 0.01 3.97 7.69
C ASN A 22 -0.13 5.43 8.11
N ARG A 23 0.35 6.33 7.26
CA ARG A 23 0.27 7.76 7.55
C ARG A 23 -0.83 8.42 6.73
N PRO A 24 -1.43 9.49 7.28
CA PRO A 24 -2.50 10.23 6.62
C PRO A 24 -2.01 11.00 5.39
N VAL A 25 -2.37 10.51 4.21
CA VAL A 25 -1.97 11.15 2.96
C VAL A 25 -2.99 12.19 2.53
N LEU A 26 -2.50 13.34 2.08
CA LEU A 26 -3.36 14.43 1.64
C LEU A 26 -2.90 14.98 0.29
N GLU A 27 -1.67 15.48 0.25
CA GLU A 27 -1.11 16.03 -0.97
C GLU A 27 -0.13 15.05 -1.62
N ASN A 28 -0.24 14.90 -2.93
CA ASN A 28 0.63 14.00 -3.67
C ASN A 28 0.42 12.54 -3.21
N TYR A 29 -0.83 12.09 -3.24
CA TYR A 29 -1.15 10.73 -2.84
C TYR A 29 -1.76 9.95 -3.99
N LEU A 30 -1.54 8.64 -3.98
CA LEU A 30 -2.07 7.77 -5.03
C LEU A 30 -3.28 6.99 -4.54
N SER A 31 -3.99 6.36 -5.48
CA SER A 31 -5.17 5.58 -5.13
C SER A 31 -5.16 4.22 -5.84
N ALA A 32 -4.73 3.20 -5.13
CA ALA A 32 -4.67 1.84 -5.69
C ALA A 32 -5.32 0.83 -4.76
N MET A 33 -5.74 -0.30 -5.32
CA MET A 33 -6.38 -1.35 -4.52
C MET A 33 -7.45 -0.76 -3.62
N ASP A 34 -8.23 0.17 -4.14
CA ASP A 34 -9.30 0.80 -3.39
C ASP A 34 -8.75 1.45 -2.12
N THR A 35 -7.49 1.87 -2.18
CA THR A 35 -6.84 2.51 -1.03
C THR A 35 -5.87 3.59 -1.49
N VAL A 36 -5.24 4.26 -0.52
CA VAL A 36 -4.28 5.31 -0.82
C VAL A 36 -2.85 4.85 -0.56
N TRP A 37 -1.90 5.46 -1.26
CA TRP A 37 -0.50 5.12 -1.10
C TRP A 37 0.39 6.36 -1.17
N HIS A 38 1.69 6.16 -1.02
CA HIS A 38 2.64 7.27 -1.08
C HIS A 38 3.47 7.23 -2.36
N PRO A 39 3.73 8.41 -2.94
CA PRO A 39 4.49 8.53 -4.17
C PRO A 39 5.98 8.19 -3.97
N GLU A 40 6.30 7.66 -2.80
CA GLU A 40 7.67 7.29 -2.47
C GLU A 40 7.75 5.84 -2.02
N CYS A 41 6.69 5.37 -1.37
CA CYS A 41 6.64 4.00 -0.87
C CYS A 41 6.08 3.06 -1.93
N PHE A 42 5.03 3.50 -2.62
CA PHE A 42 4.39 2.70 -3.65
C PHE A 42 5.43 2.19 -4.65
N VAL A 43 6.04 1.05 -4.33
CA VAL A 43 7.06 0.45 -5.19
C VAL A 43 6.90 -1.07 -5.25
N CYS A 44 7.58 -1.69 -6.21
CA CYS A 44 7.52 -3.13 -6.36
C CYS A 44 7.89 -3.84 -5.06
N GLY A 45 7.59 -5.13 -4.99
CA GLY A 45 7.90 -5.91 -3.80
C GLY A 45 9.21 -6.65 -3.91
N ASP A 46 9.66 -6.87 -5.15
CA ASP A 46 10.91 -7.59 -5.39
C ASP A 46 12.03 -6.60 -5.73
N CYS A 47 11.87 -5.91 -6.87
CA CYS A 47 12.87 -4.95 -7.32
C CYS A 47 12.71 -3.63 -6.58
N PHE A 48 11.55 -3.45 -5.94
CA PHE A 48 11.28 -2.22 -5.20
C PHE A 48 11.54 -0.99 -6.06
N THR A 49 11.02 -1.02 -7.29
CA THR A 49 11.19 0.10 -8.21
C THR A 49 9.96 0.99 -8.23
N SER A 50 10.18 2.29 -8.41
CA SER A 50 9.09 3.26 -8.44
C SER A 50 8.08 2.90 -9.53
N PHE A 51 6.85 3.40 -9.38
CA PHE A 51 5.80 3.13 -10.35
C PHE A 51 5.45 4.40 -11.13
N SER A 52 6.19 4.66 -12.19
CA SER A 52 5.97 5.84 -13.02
C SER A 52 5.88 5.46 -14.49
N THR A 53 5.34 6.37 -15.30
CA THR A 53 5.19 6.13 -16.72
C THR A 53 4.75 4.70 -17.01
N GLY A 54 3.99 4.13 -16.09
CA GLY A 54 3.52 2.77 -16.25
C GLY A 54 2.50 2.37 -15.19
N SER A 55 1.29 2.05 -15.64
CA SER A 55 0.22 1.65 -14.73
C SER A 55 0.65 0.44 -13.90
N PHE A 56 0.65 0.61 -12.57
CA PHE A 56 1.03 -0.47 -11.67
C PHE A 56 0.16 -1.70 -11.90
N PHE A 57 0.57 -2.82 -11.31
CA PHE A 57 -0.17 -4.06 -11.45
C PHE A 57 -0.50 -4.65 -10.08
N GLU A 58 -1.77 -5.01 -9.89
CA GLU A 58 -2.21 -5.58 -8.62
C GLU A 58 -2.09 -7.10 -8.64
N LEU A 59 -1.12 -7.61 -7.88
CA LEU A 59 -0.88 -9.05 -7.80
C LEU A 59 -0.80 -9.50 -6.35
N ASP A 60 -1.82 -10.23 -5.90
CA ASP A 60 -1.86 -10.73 -4.54
C ASP A 60 -1.93 -9.59 -3.53
N GLY A 61 -2.70 -8.56 -3.88
CA GLY A 61 -2.85 -7.41 -3.00
C GLY A 61 -1.53 -6.71 -2.74
N ARG A 62 -0.64 -6.72 -3.74
CA ARG A 62 0.66 -6.09 -3.61
C ARG A 62 1.09 -5.48 -4.93
N PRO A 63 1.60 -4.23 -4.87
CA PRO A 63 2.06 -3.51 -6.07
C PRO A 63 3.34 -4.11 -6.65
N PHE A 64 3.24 -4.64 -7.86
CA PHE A 64 4.39 -5.25 -8.51
C PHE A 64 4.66 -4.57 -9.86
N CYS A 65 5.86 -4.76 -10.37
CA CYS A 65 6.25 -4.17 -11.66
C CYS A 65 6.12 -5.19 -12.78
N GLU A 66 5.55 -4.76 -13.90
CA GLU A 66 5.37 -5.63 -15.06
C GLU A 66 6.44 -6.72 -15.09
N LEU A 67 7.70 -6.30 -15.19
CA LEU A 67 8.80 -7.24 -15.23
C LEU A 67 8.56 -8.43 -14.30
N HIS A 68 8.45 -8.16 -13.01
CA HIS A 68 8.21 -9.20 -12.03
C HIS A 68 6.77 -9.70 -12.10
N TYR A 69 5.83 -8.78 -11.94
CA TYR A 69 4.41 -9.11 -11.98
C TYR A 69 4.15 -10.27 -12.95
N HIS A 70 4.50 -10.05 -14.21
CA HIS A 70 4.30 -11.08 -15.24
C HIS A 70 4.94 -12.40 -14.81
N HIS A 71 6.15 -12.32 -14.24
CA HIS A 71 6.86 -13.50 -13.79
C HIS A 71 6.13 -14.18 -12.65
N ARG A 72 5.62 -13.38 -11.71
CA ARG A 72 4.90 -13.91 -10.57
C ARG A 72 3.58 -14.55 -11.01
N ARG A 73 2.72 -13.76 -11.66
CA ARG A 73 1.44 -14.25 -12.13
C ARG A 73 1.59 -15.60 -12.82
N GLY A 74 2.76 -15.84 -13.40
CA GLY A 74 3.01 -17.09 -14.08
C GLY A 74 3.24 -18.24 -13.12
N SER A 75 4.03 -19.22 -13.56
CA SER A 75 4.32 -20.38 -12.73
C SER A 75 4.55 -19.97 -11.27
N GLY A 76 3.70 -20.47 -10.38
CA GLY A 76 3.83 -20.15 -8.97
C GLY A 76 3.10 -21.13 -8.09
N PRO A 77 3.31 -21.01 -6.77
CA PRO A 77 2.66 -21.90 -5.78
C PRO A 77 1.16 -21.64 -5.67
N SER A 78 0.73 -20.47 -6.13
CA SER A 78 -0.68 -20.10 -6.06
C SER A 78 -1.13 -19.46 -7.38
N SER A 79 -2.44 -19.43 -7.60
CA SER A 79 -2.99 -18.83 -8.80
C SER A 79 -3.37 -17.37 -8.58
N GLY A 80 -2.50 -16.64 -7.89
CA GLY A 80 -2.75 -15.25 -7.62
C GLY A 80 -3.30 -15.02 -6.21
ZN ZN B . 4.15 5.53 2.90
ZN ZN C . 9.77 -5.68 -9.73
N GLY A 1 -18.73 -6.76 41.11
CA GLY A 1 -19.27 -5.79 40.17
C GLY A 1 -18.72 -5.96 38.77
N SER A 2 -19.61 -5.93 37.79
CA SER A 2 -19.21 -6.10 36.39
C SER A 2 -19.92 -5.08 35.49
N SER A 3 -19.14 -4.22 34.86
CA SER A 3 -19.70 -3.20 33.97
C SER A 3 -19.09 -3.30 32.57
N GLY A 4 -19.85 -2.84 31.58
CA GLY A 4 -19.37 -2.89 30.21
C GLY A 4 -19.13 -1.52 29.63
N SER A 5 -17.89 -1.03 29.75
CA SER A 5 -17.53 0.28 29.24
C SER A 5 -17.13 0.21 27.77
N SER A 6 -18.06 0.54 26.89
CA SER A 6 -17.81 0.51 25.45
C SER A 6 -18.62 1.58 24.73
N GLY A 7 -17.97 2.28 23.81
CA GLY A 7 -18.65 3.32 23.05
C GLY A 7 -18.16 4.71 23.43
N LYS A 8 -16.86 4.84 23.65
CA LYS A 8 -16.27 6.12 24.01
C LYS A 8 -15.99 6.96 22.77
N ASP A 9 -15.22 6.40 21.83
CA ASP A 9 -14.89 7.11 20.60
C ASP A 9 -15.95 6.86 19.54
N PHE A 10 -16.78 7.87 19.29
CA PHE A 10 -17.85 7.76 18.29
C PHE A 10 -17.27 7.76 16.88
N LEU A 11 -16.46 8.78 16.58
CA LEU A 11 -15.84 8.91 15.27
C LEU A 11 -14.32 8.80 15.37
N ALA A 12 -13.80 7.61 15.13
CA ALA A 12 -12.36 7.38 15.19
C ALA A 12 -11.71 7.62 13.83
N MET A 13 -12.10 6.81 12.85
CA MET A 13 -11.54 6.93 11.50
C MET A 13 -12.09 8.17 10.80
N PHE A 14 -11.22 8.88 10.10
CA PHE A 14 -11.62 10.10 9.39
C PHE A 14 -11.04 10.10 7.97
N SER A 15 -9.75 9.78 7.87
CA SER A 15 -9.07 9.77 6.57
C SER A 15 -8.26 8.49 6.41
N PRO A 16 -8.05 8.08 5.15
CA PRO A 16 -7.28 6.87 4.83
C PRO A 16 -5.80 7.04 5.12
N LYS A 17 -5.05 5.93 5.02
CA LYS A 17 -3.62 5.95 5.28
C LYS A 17 -2.88 5.09 4.27
N CYS A 18 -1.60 5.42 4.04
CA CYS A 18 -0.78 4.68 3.09
C CYS A 18 -0.77 3.20 3.43
N GLY A 19 -0.86 2.35 2.40
CA GLY A 19 -0.85 0.92 2.60
C GLY A 19 0.55 0.36 2.82
N GLY A 20 1.38 1.12 3.53
CA GLY A 20 2.74 0.69 3.79
C GLY A 20 3.25 1.15 5.14
N CYS A 21 2.98 2.41 5.47
CA CYS A 21 3.42 2.97 6.74
C CYS A 21 2.24 3.17 7.68
N ASN A 22 1.03 3.20 7.12
CA ASN A 22 -0.18 3.37 7.91
C ASN A 22 -0.29 4.81 8.41
N ARG A 23 0.16 5.75 7.60
CA ARG A 23 0.10 7.17 7.95
C ARG A 23 -0.99 7.89 7.15
N PRO A 24 -1.52 8.97 7.74
CA PRO A 24 -2.57 9.77 7.10
C PRO A 24 -2.06 10.55 5.89
N VAL A 25 -2.36 10.03 4.70
CA VAL A 25 -1.93 10.69 3.46
C VAL A 25 -2.93 11.75 3.04
N LEU A 26 -2.45 12.98 2.86
CA LEU A 26 -3.30 14.09 2.44
C LEU A 26 -2.75 14.75 1.19
N GLU A 27 -1.45 15.02 1.17
CA GLU A 27 -0.81 15.65 0.03
C GLU A 27 -0.03 14.63 -0.79
N ASN A 28 0.12 14.90 -2.08
CA ASN A 28 0.84 14.00 -2.98
C ASN A 28 0.57 12.54 -2.61
N TYR A 29 -0.70 12.20 -2.50
CA TYR A 29 -1.09 10.83 -2.16
C TYR A 29 -1.72 10.13 -3.35
N LEU A 30 -1.54 8.81 -3.42
CA LEU A 30 -2.08 8.01 -4.51
C LEU A 30 -3.33 7.25 -4.06
N SER A 31 -4.06 6.71 -5.04
CA SER A 31 -5.27 5.96 -4.74
C SER A 31 -5.31 4.66 -5.54
N ALA A 32 -4.93 3.56 -4.90
CA ALA A 32 -4.92 2.26 -5.55
C ALA A 32 -5.60 1.21 -4.69
N MET A 33 -6.06 0.14 -5.32
CA MET A 33 -6.73 -0.94 -4.61
C MET A 33 -7.78 -0.39 -3.65
N ASP A 34 -8.55 0.60 -4.12
CA ASP A 34 -9.58 1.22 -3.30
C ASP A 34 -9.00 1.76 -2.00
N THR A 35 -7.73 2.14 -2.04
CA THR A 35 -7.06 2.67 -0.86
C THR A 35 -6.04 3.74 -1.24
N VAL A 36 -5.40 4.33 -0.24
CA VAL A 36 -4.40 5.37 -0.47
C VAL A 36 -2.99 4.83 -0.27
N TRP A 37 -2.02 5.48 -0.90
CA TRP A 37 -0.62 5.07 -0.80
C TRP A 37 0.30 6.28 -0.80
N HIS A 38 1.60 6.02 -0.71
CA HIS A 38 2.60 7.09 -0.71
C HIS A 38 3.42 7.07 -1.98
N PRO A 39 3.75 8.27 -2.49
CA PRO A 39 4.55 8.42 -3.71
C PRO A 39 6.00 7.98 -3.54
N GLU A 40 6.29 7.40 -2.36
CA GLU A 40 7.64 6.93 -2.06
C GLU A 40 7.62 5.47 -1.64
N CYS A 41 6.49 5.02 -1.11
CA CYS A 41 6.35 3.64 -0.67
C CYS A 41 5.78 2.76 -1.78
N PHE A 42 4.69 3.23 -2.40
CA PHE A 42 4.04 2.49 -3.47
C PHE A 42 5.07 2.04 -4.50
N VAL A 43 5.65 0.87 -4.28
CA VAL A 43 6.65 0.32 -5.19
C VAL A 43 6.55 -1.19 -5.28
N CYS A 44 7.28 -1.78 -6.22
CA CYS A 44 7.27 -3.23 -6.41
C CYS A 44 7.76 -3.94 -5.15
N GLY A 45 7.51 -5.25 -5.08
CA GLY A 45 7.94 -6.02 -3.93
C GLY A 45 9.25 -6.73 -4.16
N ASP A 46 9.58 -6.95 -5.43
CA ASP A 46 10.83 -7.64 -5.79
C ASP A 46 11.90 -6.62 -6.17
N CYS A 47 11.67 -5.90 -7.26
CA CYS A 47 12.62 -4.90 -7.72
C CYS A 47 12.50 -3.61 -6.92
N PHE A 48 11.35 -3.42 -6.29
CA PHE A 48 11.10 -2.23 -5.49
C PHE A 48 11.21 -0.96 -6.35
N THR A 49 10.61 -1.01 -7.54
CA THR A 49 10.64 0.12 -8.45
C THR A 49 9.51 1.09 -8.17
N SER A 50 9.77 2.38 -8.34
CA SER A 50 8.77 3.41 -8.09
C SER A 50 7.81 3.53 -9.28
N PHE A 51 7.86 2.56 -10.18
CA PHE A 51 7.00 2.55 -11.35
C PHE A 51 6.99 3.92 -12.03
N SER A 52 8.10 4.64 -11.89
CA SER A 52 8.22 5.97 -12.48
C SER A 52 6.88 6.69 -12.48
N THR A 53 6.19 6.64 -11.35
CA THR A 53 4.89 7.28 -11.21
C THR A 53 4.17 7.37 -12.56
N GLY A 54 4.18 6.28 -13.30
CA GLY A 54 3.53 6.25 -14.59
C GLY A 54 2.38 5.27 -14.65
N SER A 55 2.64 4.02 -14.26
CA SER A 55 1.62 2.98 -14.27
C SER A 55 2.11 1.73 -13.54
N PHE A 56 1.24 1.17 -12.71
CA PHE A 56 1.57 -0.02 -11.94
C PHE A 56 0.63 -1.16 -12.28
N PHE A 57 0.98 -2.37 -11.84
CA PHE A 57 0.16 -3.55 -12.09
C PHE A 57 -0.14 -4.30 -10.79
N GLU A 58 -1.42 -4.41 -10.45
CA GLU A 58 -1.82 -5.10 -9.23
C GLU A 58 -1.89 -6.61 -9.46
N LEU A 59 -1.09 -7.35 -8.71
CA LEU A 59 -1.05 -8.80 -8.82
C LEU A 59 -1.41 -9.47 -7.50
N ASP A 60 -2.64 -9.95 -7.40
CA ASP A 60 -3.11 -10.61 -6.19
C ASP A 60 -3.20 -9.62 -5.03
N GLY A 61 -3.72 -8.43 -5.31
CA GLY A 61 -3.85 -7.42 -4.29
C GLY A 61 -2.51 -6.90 -3.80
N ARG A 62 -1.53 -6.89 -4.69
CA ARG A 62 -0.20 -6.43 -4.34
C ARG A 62 0.46 -5.71 -5.53
N PRO A 63 1.08 -4.55 -5.25
CA PRO A 63 1.75 -3.74 -6.28
C PRO A 63 3.02 -4.42 -6.80
N PHE A 64 3.13 -4.52 -8.11
CA PHE A 64 4.29 -5.13 -8.74
C PHE A 64 4.57 -4.51 -10.10
N CYS A 65 5.78 -4.75 -10.61
CA CYS A 65 6.18 -4.21 -11.90
C CYS A 65 6.00 -5.25 -13.01
N GLU A 66 5.38 -4.84 -14.11
CA GLU A 66 5.16 -5.74 -15.24
C GLU A 66 6.21 -6.83 -15.29
N LEU A 67 7.47 -6.42 -15.40
CA LEU A 67 8.59 -7.37 -15.46
C LEU A 67 8.33 -8.57 -14.54
N HIS A 68 8.30 -8.31 -13.24
CA HIS A 68 8.06 -9.36 -12.26
C HIS A 68 6.63 -9.90 -12.37
N TYR A 69 5.67 -8.99 -12.48
CA TYR A 69 4.27 -9.38 -12.58
C TYR A 69 4.12 -10.67 -13.37
N HIS A 70 4.62 -10.66 -14.60
CA HIS A 70 4.55 -11.85 -15.46
C HIS A 70 5.23 -13.04 -14.81
N HIS A 71 6.34 -12.78 -14.13
CA HIS A 71 7.09 -13.83 -13.45
C HIS A 71 6.31 -14.38 -12.26
N ARG A 72 6.05 -13.51 -11.29
CA ARG A 72 5.31 -13.90 -10.09
C ARG A 72 4.01 -14.60 -10.46
N ARG A 73 3.19 -13.92 -11.26
CA ARG A 73 1.90 -14.47 -11.69
C ARG A 73 2.07 -15.92 -12.16
N GLY A 74 3.27 -16.25 -12.64
CA GLY A 74 3.52 -17.59 -13.12
C GLY A 74 4.01 -17.61 -14.56
N SER A 75 5.09 -18.33 -14.81
CA SER A 75 5.65 -18.43 -16.15
C SER A 75 4.79 -19.31 -17.05
N GLY A 76 4.66 -20.58 -16.66
CA GLY A 76 3.86 -21.51 -17.43
C GLY A 76 2.96 -22.37 -16.56
N PRO A 77 2.56 -23.53 -17.09
CA PRO A 77 1.69 -24.47 -16.36
C PRO A 77 2.39 -25.12 -15.17
N SER A 78 2.23 -24.52 -14.00
CA SER A 78 2.84 -25.03 -12.79
C SER A 78 2.10 -24.56 -11.55
N SER A 79 1.86 -25.47 -10.61
CA SER A 79 1.15 -25.14 -9.38
C SER A 79 1.98 -25.53 -8.16
N GLY A 80 1.87 -24.73 -7.09
CA GLY A 80 2.61 -25.00 -5.88
C GLY A 80 1.86 -24.55 -4.64
ZN ZN B . 3.89 5.06 3.18
ZN ZN C . 9.45 -5.81 -9.86
N GLY A 1 -16.15 16.93 50.00
CA GLY A 1 -15.54 17.13 48.69
C GLY A 1 -16.10 16.18 47.64
N SER A 2 -16.28 16.68 46.43
CA SER A 2 -16.81 15.88 45.33
C SER A 2 -16.74 16.64 44.01
N SER A 3 -16.29 15.95 42.97
CA SER A 3 -16.17 16.56 41.65
C SER A 3 -16.02 15.49 40.56
N GLY A 4 -16.00 15.92 39.31
CA GLY A 4 -15.86 14.98 38.21
C GLY A 4 -16.27 15.60 36.88
N SER A 5 -15.37 15.54 35.91
CA SER A 5 -15.65 16.10 34.59
C SER A 5 -14.70 15.52 33.54
N SER A 6 -15.24 14.76 32.60
CA SER A 6 -14.44 14.15 31.56
C SER A 6 -15.12 14.28 30.20
N GLY A 7 -14.36 14.02 29.14
CA GLY A 7 -14.91 14.13 27.80
C GLY A 7 -14.42 15.36 27.06
N LYS A 8 -13.99 15.17 25.82
CA LYS A 8 -13.49 16.27 25.00
C LYS A 8 -13.30 15.84 23.56
N ASP A 9 -13.58 16.76 22.63
CA ASP A 9 -13.44 16.47 21.21
C ASP A 9 -11.97 16.23 20.85
N PHE A 10 -11.59 14.95 20.75
CA PHE A 10 -10.23 14.59 20.42
C PHE A 10 -10.04 14.49 18.91
N LEU A 11 -10.89 13.69 18.27
CA LEU A 11 -10.82 13.50 16.83
C LEU A 11 -12.11 12.90 16.29
N ALA A 12 -12.90 13.71 15.59
CA ALA A 12 -14.16 13.25 15.02
C ALA A 12 -14.11 13.25 13.49
N MET A 13 -12.99 12.79 12.94
CA MET A 13 -12.81 12.75 11.50
C MET A 13 -11.94 11.55 11.10
N PHE A 14 -12.38 10.83 10.07
CA PHE A 14 -11.65 9.67 9.59
C PHE A 14 -11.03 9.93 8.23
N SER A 15 -9.98 9.19 7.90
CA SER A 15 -9.30 9.35 6.61
C SER A 15 -8.41 8.14 6.32
N PRO A 16 -8.19 7.88 5.02
CA PRO A 16 -7.36 6.76 4.57
C PRO A 16 -5.88 6.97 4.89
N LYS A 17 -5.11 5.88 4.85
CA LYS A 17 -3.68 5.95 5.13
C LYS A 17 -2.90 5.09 4.14
N CYS A 18 -1.65 5.48 3.88
CA CYS A 18 -0.80 4.75 2.96
C CYS A 18 -0.78 3.26 3.30
N GLY A 19 -0.84 2.43 2.27
CA GLY A 19 -0.82 0.99 2.49
C GLY A 19 0.57 0.45 2.71
N GLY A 20 1.38 1.21 3.46
CA GLY A 20 2.74 0.80 3.74
C GLY A 20 3.21 1.25 5.10
N CYS A 21 3.03 2.53 5.39
CA CYS A 21 3.44 3.10 6.68
C CYS A 21 2.25 3.28 7.60
N ASN A 22 1.05 3.33 7.02
CA ASN A 22 -0.17 3.49 7.79
C ASN A 22 -0.29 4.92 8.31
N ARG A 23 0.03 5.89 7.46
CA ARG A 23 -0.05 7.29 7.83
C ARG A 23 -1.12 8.02 7.02
N PRO A 24 -1.65 9.12 7.58
CA PRO A 24 -2.68 9.92 6.93
C PRO A 24 -2.15 10.67 5.71
N VAL A 25 -2.46 10.17 4.52
CA VAL A 25 -2.02 10.80 3.29
C VAL A 25 -3.03 11.83 2.80
N LEU A 26 -2.57 13.07 2.60
CA LEU A 26 -3.44 14.14 2.14
C LEU A 26 -2.83 14.83 0.91
N GLU A 27 -1.54 15.12 0.99
CA GLU A 27 -0.85 15.78 -0.10
C GLU A 27 -0.01 14.78 -0.91
N ASN A 28 0.07 15.00 -2.22
CA ASN A 28 0.84 14.12 -3.10
C ASN A 28 0.59 12.66 -2.73
N TYR A 29 -0.68 12.28 -2.64
CA TYR A 29 -1.05 10.91 -2.32
C TYR A 29 -1.65 10.20 -3.53
N LEU A 30 -1.50 8.88 -3.56
CA LEU A 30 -2.03 8.09 -4.66
C LEU A 30 -3.28 7.31 -4.23
N SER A 31 -3.97 6.73 -5.20
CA SER A 31 -5.18 5.97 -4.92
C SER A 31 -5.18 4.64 -5.68
N ALA A 32 -4.79 3.57 -5.01
CA ALA A 32 -4.73 2.26 -5.62
C ALA A 32 -5.43 1.21 -4.74
N MET A 33 -5.85 0.12 -5.35
CA MET A 33 -6.53 -0.95 -4.63
C MET A 33 -7.61 -0.39 -3.71
N ASP A 34 -8.42 0.51 -4.25
CA ASP A 34 -9.49 1.13 -3.47
C ASP A 34 -8.95 1.73 -2.18
N THR A 35 -7.68 2.13 -2.20
CA THR A 35 -7.05 2.73 -1.03
C THR A 35 -6.04 3.79 -1.43
N VAL A 36 -5.37 4.38 -0.43
CA VAL A 36 -4.38 5.42 -0.68
C VAL A 36 -2.97 4.89 -0.46
N TRP A 37 -1.99 5.57 -1.03
CA TRP A 37 -0.59 5.17 -0.89
C TRP A 37 0.32 6.39 -0.91
N HIS A 38 1.63 6.15 -0.80
CA HIS A 38 2.61 7.23 -0.79
C HIS A 38 3.44 7.21 -2.07
N PRO A 39 3.77 8.39 -2.58
CA PRO A 39 4.56 8.54 -3.81
C PRO A 39 6.02 8.12 -3.61
N GLU A 40 6.30 7.50 -2.46
CA GLU A 40 7.65 7.04 -2.15
C GLU A 40 7.64 5.58 -1.74
N CYS A 41 6.55 5.16 -1.10
CA CYS A 41 6.42 3.77 -0.64
C CYS A 41 5.87 2.88 -1.74
N PHE A 42 4.84 3.37 -2.43
CA PHE A 42 4.21 2.62 -3.52
C PHE A 42 5.26 2.13 -4.51
N VAL A 43 5.84 0.97 -4.22
CA VAL A 43 6.86 0.39 -5.10
C VAL A 43 6.68 -1.12 -5.20
N CYS A 44 7.50 -1.74 -6.05
CA CYS A 44 7.44 -3.18 -6.25
C CYS A 44 7.88 -3.92 -5.00
N GLY A 45 7.59 -5.22 -4.96
CA GLY A 45 7.95 -6.03 -3.81
C GLY A 45 9.27 -6.77 -4.00
N ASP A 46 9.64 -6.96 -5.26
CA ASP A 46 10.89 -7.65 -5.59
C ASP A 46 11.99 -6.66 -5.94
N CYS A 47 11.81 -5.93 -7.03
CA CYS A 47 12.78 -4.95 -7.47
C CYS A 47 12.65 -3.64 -6.68
N PHE A 48 11.50 -3.47 -6.04
CA PHE A 48 11.23 -2.27 -5.26
C PHE A 48 11.44 -1.01 -6.09
N THR A 49 10.80 -0.97 -7.25
CA THR A 49 10.91 0.17 -8.15
C THR A 49 9.82 1.19 -7.88
N SER A 50 10.12 2.46 -8.13
CA SER A 50 9.15 3.53 -7.91
C SER A 50 8.19 3.65 -9.09
N PHE A 51 8.19 2.63 -9.95
CA PHE A 51 7.32 2.60 -11.11
C PHE A 51 7.38 3.93 -11.86
N SER A 52 8.58 4.51 -11.92
CA SER A 52 8.78 5.78 -12.61
C SER A 52 7.96 5.84 -13.89
N THR A 53 6.96 6.72 -13.91
CA THR A 53 6.11 6.87 -15.07
C THR A 53 5.87 5.53 -15.77
N GLY A 54 5.62 4.50 -14.97
CA GLY A 54 5.37 3.18 -15.51
C GLY A 54 4.18 2.49 -14.86
N SER A 55 3.06 2.46 -15.56
CA SER A 55 1.86 1.82 -15.04
C SER A 55 2.20 0.58 -14.24
N PHE A 56 1.66 0.49 -13.02
CA PHE A 56 1.92 -0.65 -12.16
C PHE A 56 0.81 -1.69 -12.30
N PHE A 57 1.06 -2.89 -11.78
CA PHE A 57 0.09 -3.97 -11.85
C PHE A 57 -0.24 -4.50 -10.46
N GLU A 58 -1.52 -4.78 -10.23
CA GLU A 58 -1.97 -5.28 -8.94
C GLU A 58 -2.07 -6.81 -8.95
N LEU A 59 -1.32 -7.45 -8.06
CA LEU A 59 -1.31 -8.90 -7.97
C LEU A 59 -1.69 -9.36 -6.56
N ASP A 60 -2.91 -9.86 -6.41
CA ASP A 60 -3.39 -10.33 -5.12
C ASP A 60 -3.36 -9.22 -4.08
N GLY A 61 -3.73 -8.01 -4.51
CA GLY A 61 -3.73 -6.88 -3.60
C GLY A 61 -2.33 -6.47 -3.18
N ARG A 62 -1.40 -6.51 -4.13
CA ARG A 62 -0.01 -6.13 -3.84
C ARG A 62 0.61 -5.44 -5.05
N PRO A 63 1.27 -4.30 -4.80
CA PRO A 63 1.93 -3.51 -5.85
C PRO A 63 3.16 -4.22 -6.41
N PHE A 64 3.27 -4.26 -7.73
CA PHE A 64 4.40 -4.89 -8.39
C PHE A 64 4.68 -4.25 -9.75
N CYS A 65 5.82 -4.60 -10.33
CA CYS A 65 6.21 -4.06 -11.64
C CYS A 65 5.97 -5.09 -12.74
N GLU A 66 5.30 -4.66 -13.80
CA GLU A 66 5.01 -5.54 -14.92
C GLU A 66 6.06 -6.63 -15.05
N LEU A 67 7.32 -6.22 -15.20
CA LEU A 67 8.42 -7.16 -15.33
C LEU A 67 8.22 -8.38 -14.43
N HIS A 68 8.17 -8.13 -13.12
CA HIS A 68 7.97 -9.20 -12.15
C HIS A 68 6.55 -9.74 -12.21
N TYR A 69 5.57 -8.83 -12.29
CA TYR A 69 4.18 -9.21 -12.36
C TYR A 69 4.01 -10.53 -13.11
N HIS A 70 4.35 -10.53 -14.39
CA HIS A 70 4.24 -11.72 -15.22
C HIS A 70 5.05 -12.88 -14.64
N HIS A 71 6.30 -12.59 -14.29
CA HIS A 71 7.18 -13.60 -13.72
C HIS A 71 6.47 -14.37 -12.61
N ARG A 72 5.91 -13.65 -11.64
CA ARG A 72 5.20 -14.26 -10.54
C ARG A 72 4.05 -15.12 -11.03
N ARG A 73 3.26 -14.56 -11.94
CA ARG A 73 2.11 -15.27 -12.49
C ARG A 73 2.49 -16.70 -12.87
N GLY A 74 3.63 -16.85 -13.54
CA GLY A 74 4.08 -18.16 -13.95
C GLY A 74 4.36 -19.07 -12.76
N SER A 75 5.59 -19.04 -12.27
CA SER A 75 5.98 -19.88 -11.14
C SER A 75 4.92 -19.85 -10.05
N GLY A 76 4.66 -18.66 -9.51
CA GLY A 76 3.67 -18.52 -8.47
C GLY A 76 4.28 -18.26 -7.11
N PRO A 77 3.49 -17.68 -6.20
CA PRO A 77 3.94 -17.36 -4.84
C PRO A 77 4.18 -18.61 -4.00
N SER A 78 4.17 -19.77 -4.65
CA SER A 78 4.38 -21.03 -3.96
C SER A 78 3.25 -21.31 -2.97
N SER A 79 2.02 -21.05 -3.40
CA SER A 79 0.86 -21.26 -2.55
C SER A 79 0.60 -22.75 -2.32
N GLY A 80 0.41 -23.13 -1.07
CA GLY A 80 0.18 -24.52 -0.74
C GLY A 80 -1.15 -25.02 -1.28
ZN ZN B . 3.85 5.21 3.12
ZN ZN C . 9.62 -5.69 -9.69
N GLY A 1 -10.24 6.76 48.28
CA GLY A 1 -9.30 7.57 47.54
C GLY A 1 -8.72 6.85 46.34
N SER A 2 -9.59 6.22 45.56
CA SER A 2 -9.17 5.49 44.37
C SER A 2 -9.31 6.35 43.12
N SER A 3 -8.26 6.37 42.30
CA SER A 3 -8.27 7.16 41.08
C SER A 3 -8.43 6.25 39.86
N GLY A 4 -9.30 6.66 38.94
CA GLY A 4 -9.53 5.87 37.74
C GLY A 4 -10.31 6.64 36.69
N SER A 5 -9.59 7.28 35.77
CA SER A 5 -10.23 8.05 34.71
C SER A 5 -9.21 8.50 33.67
N SER A 6 -9.40 8.05 32.43
CA SER A 6 -8.49 8.40 31.34
C SER A 6 -9.13 8.12 29.99
N GLY A 7 -8.56 8.70 28.93
CA GLY A 7 -9.09 8.50 27.61
C GLY A 7 -10.18 9.50 27.26
N LYS A 8 -9.85 10.45 26.38
CA LYS A 8 -10.80 11.47 25.96
C LYS A 8 -11.19 11.29 24.50
N ASP A 9 -10.17 11.24 23.63
CA ASP A 9 -10.41 11.08 22.19
C ASP A 9 -10.38 9.60 21.81
N PHE A 10 -11.14 9.25 20.78
CA PHE A 10 -11.19 7.86 20.31
C PHE A 10 -10.51 7.72 18.96
N LEU A 11 -11.00 8.48 17.98
CA LEU A 11 -10.43 8.43 16.63
C LEU A 11 -10.12 9.83 16.12
N ALA A 12 -11.15 10.66 16.01
CA ALA A 12 -10.99 12.02 15.54
C ALA A 12 -10.12 12.08 14.29
N MET A 13 -10.41 11.21 13.33
CA MET A 13 -9.66 11.16 12.09
C MET A 13 -10.58 10.92 10.90
N PHE A 14 -10.61 11.88 9.98
CA PHE A 14 -11.44 11.78 8.79
C PHE A 14 -10.60 11.62 7.54
N SER A 15 -9.51 10.85 7.65
CA SER A 15 -8.62 10.62 6.52
C SER A 15 -8.01 9.22 6.60
N PRO A 16 -7.84 8.60 5.42
CA PRO A 16 -7.26 7.25 5.32
C PRO A 16 -5.77 7.23 5.67
N LYS A 17 -5.12 6.10 5.38
CA LYS A 17 -3.69 5.95 5.66
C LYS A 17 -2.99 5.21 4.53
N CYS A 18 -1.67 5.32 4.48
CA CYS A 18 -0.89 4.66 3.46
C CYS A 18 -0.88 3.14 3.67
N GLY A 19 -0.94 2.40 2.57
CA GLY A 19 -0.93 0.95 2.66
C GLY A 19 0.46 0.38 2.89
N GLY A 20 1.24 1.07 3.71
CA GLY A 20 2.59 0.62 3.99
C GLY A 20 3.06 1.03 5.37
N CYS A 21 2.89 2.31 5.69
CA CYS A 21 3.31 2.83 7.00
C CYS A 21 2.11 3.02 7.91
N ASN A 22 0.92 2.91 7.33
CA ASN A 22 -0.33 3.08 8.10
C ASN A 22 -0.45 4.50 8.63
N ARG A 23 0.19 5.43 7.94
CA ARG A 23 0.14 6.85 8.34
C ARG A 23 -0.89 7.61 7.52
N PRO A 24 -1.42 8.69 8.11
CA PRO A 24 -2.43 9.54 7.45
C PRO A 24 -1.84 10.33 6.30
N VAL A 25 -2.45 10.20 5.13
CA VAL A 25 -2.01 10.91 3.93
C VAL A 25 -2.97 12.03 3.56
N LEU A 26 -2.41 13.21 3.29
CA LEU A 26 -3.23 14.37 2.93
C LEU A 26 -2.76 14.95 1.60
N GLU A 27 -1.49 15.32 1.54
CA GLU A 27 -0.91 15.89 0.33
C GLU A 27 -0.07 14.86 -0.42
N ASN A 28 0.16 15.12 -1.71
CA ASN A 28 0.94 14.21 -2.54
C ASN A 28 0.61 12.76 -2.23
N TYR A 29 -0.68 12.44 -2.18
CA TYR A 29 -1.13 11.09 -1.90
C TYR A 29 -1.71 10.42 -3.14
N LEU A 30 -1.49 9.12 -3.26
CA LEU A 30 -2.00 8.37 -4.40
C LEU A 30 -3.28 7.62 -4.04
N SER A 31 -3.95 7.08 -5.05
CA SER A 31 -5.19 6.34 -4.84
C SER A 31 -5.20 5.04 -5.65
N ALA A 32 -4.85 3.94 -4.99
CA ALA A 32 -4.82 2.65 -5.64
C ALA A 32 -5.57 1.59 -4.81
N MET A 33 -6.02 0.54 -5.48
CA MET A 33 -6.74 -0.53 -4.82
C MET A 33 -7.83 0.03 -3.90
N ASP A 34 -8.56 1.03 -4.40
CA ASP A 34 -9.63 1.66 -3.63
C ASP A 34 -9.10 2.19 -2.30
N THR A 35 -7.82 2.54 -2.28
CA THR A 35 -7.19 3.06 -1.07
C THR A 35 -6.13 4.10 -1.40
N VAL A 36 -5.52 4.67 -0.36
CA VAL A 36 -4.49 5.67 -0.55
C VAL A 36 -3.10 5.10 -0.28
N TRP A 37 -2.09 5.73 -0.85
CA TRP A 37 -0.71 5.29 -0.66
C TRP A 37 0.25 6.47 -0.60
N HIS A 38 1.53 6.18 -0.43
CA HIS A 38 2.55 7.23 -0.34
C HIS A 38 3.40 7.25 -1.60
N PRO A 39 3.75 8.46 -2.06
CA PRO A 39 4.58 8.64 -3.27
C PRO A 39 6.02 8.20 -3.05
N GLU A 40 6.29 7.63 -1.88
CA GLU A 40 7.63 7.16 -1.56
C GLU A 40 7.64 5.68 -1.24
N CYS A 41 6.49 5.17 -0.76
CA CYS A 41 6.36 3.76 -0.42
C CYS A 41 5.85 2.97 -1.61
N PHE A 42 4.73 3.41 -2.18
CA PHE A 42 4.12 2.73 -3.32
C PHE A 42 5.20 2.30 -4.32
N VAL A 43 5.59 1.04 -4.24
CA VAL A 43 6.61 0.49 -5.15
C VAL A 43 6.52 -1.02 -5.22
N CYS A 44 7.18 -1.60 -6.22
CA CYS A 44 7.18 -3.05 -6.41
C CYS A 44 7.50 -3.76 -5.10
N GLY A 45 7.21 -5.07 -5.06
CA GLY A 45 7.48 -5.85 -3.87
C GLY A 45 8.79 -6.61 -3.94
N ASP A 46 9.25 -6.86 -5.16
CA ASP A 46 10.50 -7.58 -5.37
C ASP A 46 11.66 -6.61 -5.58
N CYS A 47 11.61 -5.88 -6.68
CA CYS A 47 12.66 -4.92 -7.00
C CYS A 47 12.45 -3.62 -6.23
N PHE A 48 11.24 -3.41 -5.75
CA PHE A 48 10.91 -2.20 -4.99
C PHE A 48 11.25 -0.94 -5.79
N THR A 49 10.72 -0.87 -7.01
CA THR A 49 10.97 0.28 -7.87
C THR A 49 9.76 1.21 -7.91
N SER A 50 10.01 2.47 -8.25
CA SER A 50 8.94 3.47 -8.32
C SER A 50 8.12 3.29 -9.60
N PHE A 51 6.84 3.66 -9.52
CA PHE A 51 5.95 3.54 -10.66
C PHE A 51 5.55 4.92 -11.17
N SER A 52 6.40 5.51 -12.01
CA SER A 52 6.13 6.83 -12.57
C SER A 52 5.19 6.74 -13.76
N THR A 53 4.01 7.36 -13.62
CA THR A 53 3.01 7.33 -14.67
C THR A 53 3.02 6.01 -15.42
N GLY A 54 3.19 4.92 -14.68
CA GLY A 54 3.21 3.60 -15.30
C GLY A 54 2.14 2.68 -14.72
N SER A 55 1.11 2.41 -15.52
CA SER A 55 0.03 1.54 -15.08
C SER A 55 0.56 0.37 -14.26
N PHE A 56 0.40 0.46 -12.94
CA PHE A 56 0.87 -0.59 -12.04
C PHE A 56 0.00 -1.83 -12.16
N PHE A 57 0.47 -2.94 -11.58
CA PHE A 57 -0.27 -4.19 -11.62
C PHE A 57 -0.62 -4.66 -10.21
N GLU A 58 -1.81 -5.25 -10.06
CA GLU A 58 -2.26 -5.74 -8.77
C GLU A 58 -2.08 -7.25 -8.67
N LEU A 59 -1.14 -7.67 -7.83
CA LEU A 59 -0.87 -9.09 -7.64
C LEU A 59 -0.81 -9.44 -6.15
N ASP A 60 -1.78 -10.24 -5.70
CA ASP A 60 -1.83 -10.65 -4.31
C ASP A 60 -1.93 -9.44 -3.39
N GLY A 61 -2.79 -8.50 -3.76
CA GLY A 61 -2.97 -7.30 -2.94
C GLY A 61 -1.67 -6.58 -2.70
N ARG A 62 -0.76 -6.62 -3.68
CA ARG A 62 0.54 -5.97 -3.56
C ARG A 62 0.98 -5.40 -4.90
N PRO A 63 1.39 -4.12 -4.90
CA PRO A 63 1.85 -3.44 -6.10
C PRO A 63 3.20 -3.97 -6.61
N PHE A 64 3.20 -4.49 -7.83
CA PHE A 64 4.41 -5.05 -8.43
C PHE A 64 4.68 -4.43 -9.79
N CYS A 65 5.85 -4.69 -10.33
CA CYS A 65 6.24 -4.15 -11.64
C CYS A 65 6.00 -5.18 -12.74
N GLU A 66 5.32 -4.76 -13.80
CA GLU A 66 5.02 -5.64 -14.92
C GLU A 66 6.08 -6.72 -15.06
N LEU A 67 7.33 -6.30 -15.19
CA LEU A 67 8.44 -7.24 -15.33
C LEU A 67 8.24 -8.46 -14.45
N HIS A 68 8.27 -8.25 -13.14
CA HIS A 68 8.08 -9.34 -12.18
C HIS A 68 6.64 -9.87 -12.24
N TYR A 69 5.68 -8.96 -12.28
CA TYR A 69 4.28 -9.34 -12.32
C TYR A 69 4.08 -10.63 -13.11
N HIS A 70 4.50 -10.62 -14.38
CA HIS A 70 4.37 -11.79 -15.23
C HIS A 70 5.22 -12.95 -14.69
N HIS A 71 6.51 -12.69 -14.49
CA HIS A 71 7.42 -13.72 -13.99
C HIS A 71 6.78 -14.48 -12.84
N ARG A 72 6.04 -13.77 -11.98
CA ARG A 72 5.38 -14.39 -10.85
C ARG A 72 4.26 -15.32 -11.30
N ARG A 73 3.50 -14.87 -12.29
CA ARG A 73 2.39 -15.66 -12.82
C ARG A 73 2.82 -17.12 -13.04
N GLY A 74 3.96 -17.31 -13.70
CA GLY A 74 4.45 -18.64 -13.95
C GLY A 74 4.83 -19.38 -12.68
N SER A 75 4.00 -20.33 -12.29
CA SER A 75 4.25 -21.11 -11.07
C SER A 75 5.02 -22.39 -11.40
N GLY A 76 6.02 -22.70 -10.57
CA GLY A 76 6.82 -23.89 -10.80
C GLY A 76 8.29 -23.67 -10.51
N PRO A 77 9.03 -24.76 -10.29
CA PRO A 77 10.47 -24.71 -10.00
C PRO A 77 11.28 -24.29 -11.21
N SER A 78 12.60 -24.19 -11.04
CA SER A 78 13.49 -23.80 -12.12
C SER A 78 14.54 -24.89 -12.38
N SER A 79 14.11 -26.13 -12.36
CA SER A 79 15.01 -27.26 -12.58
C SER A 79 15.77 -27.09 -13.89
N GLY A 80 16.83 -27.88 -14.06
CA GLY A 80 17.63 -27.80 -15.27
C GLY A 80 18.88 -28.64 -15.19
ZN ZN B . 3.78 5.02 3.48
ZN ZN C . 9.64 -5.76 -9.64
N GLY A 1 7.01 -2.52 43.20
CA GLY A 1 6.27 -1.45 42.56
C GLY A 1 6.08 -1.68 41.08
N SER A 2 4.87 -2.05 40.68
CA SER A 2 4.58 -2.31 39.28
C SER A 2 3.44 -1.40 38.79
N SER A 3 3.73 -0.61 37.77
CA SER A 3 2.74 0.31 37.21
C SER A 3 3.25 0.93 35.90
N GLY A 4 2.39 0.96 34.89
CA GLY A 4 2.76 1.53 33.61
C GLY A 4 1.57 1.71 32.69
N SER A 5 0.78 2.74 32.95
CA SER A 5 -0.40 3.03 32.14
C SER A 5 -0.30 4.40 31.49
N SER A 6 -0.60 4.46 30.20
CA SER A 6 -0.54 5.72 29.46
C SER A 6 -1.17 5.56 28.08
N GLY A 7 -1.90 6.59 27.65
CA GLY A 7 -2.55 6.55 26.35
C GLY A 7 -4.01 6.94 26.42
N LYS A 8 -4.89 5.95 26.39
CA LYS A 8 -6.33 6.20 26.46
C LYS A 8 -6.78 7.05 25.27
N ASP A 9 -6.28 6.70 24.09
CA ASP A 9 -6.63 7.43 22.87
C ASP A 9 -7.60 6.61 22.01
N PHE A 10 -8.72 7.23 21.64
CA PHE A 10 -9.72 6.56 20.81
C PHE A 10 -9.27 6.47 19.36
N LEU A 11 -10.09 5.86 18.52
CA LEU A 11 -9.78 5.71 17.10
C LEU A 11 -9.09 6.96 16.57
N ALA A 12 -9.75 8.10 16.68
CA ALA A 12 -9.20 9.37 16.22
C ALA A 12 -8.57 9.21 14.84
N MET A 13 -9.26 8.51 13.94
CA MET A 13 -8.75 8.29 12.59
C MET A 13 -9.89 7.91 11.65
N PHE A 14 -10.08 8.71 10.61
CA PHE A 14 -11.13 8.45 9.63
C PHE A 14 -10.56 8.36 8.22
N SER A 15 -9.72 9.32 7.86
CA SER A 15 -9.11 9.36 6.54
C SER A 15 -8.18 8.17 6.34
N PRO A 16 -7.99 7.78 5.08
CA PRO A 16 -7.13 6.64 4.72
C PRO A 16 -5.65 6.93 4.96
N LYS A 17 -4.84 5.88 4.96
CA LYS A 17 -3.40 6.03 5.18
C LYS A 17 -2.61 5.17 4.19
N CYS A 18 -1.42 5.62 3.83
CA CYS A 18 -0.57 4.89 2.90
C CYS A 18 -0.52 3.41 3.27
N GLY A 19 -0.59 2.56 2.24
CA GLY A 19 -0.55 1.13 2.48
C GLY A 19 0.86 0.60 2.71
N GLY A 20 1.66 1.39 3.43
CA GLY A 20 3.03 0.99 3.71
C GLY A 20 3.52 1.51 5.04
N CYS A 21 3.50 2.83 5.20
CA CYS A 21 3.96 3.45 6.44
C CYS A 21 2.80 3.64 7.41
N ASN A 22 1.58 3.53 6.90
CA ASN A 22 0.39 3.69 7.72
C ASN A 22 0.26 5.13 8.21
N ARG A 23 0.40 6.08 7.30
CA ARG A 23 0.30 7.49 7.64
C ARG A 23 -0.86 8.15 6.89
N PRO A 24 -1.45 9.18 7.51
CA PRO A 24 -2.57 9.92 6.93
C PRO A 24 -2.16 10.75 5.73
N VAL A 25 -2.47 10.25 4.53
CA VAL A 25 -2.12 10.95 3.30
C VAL A 25 -3.16 12.02 2.97
N LEU A 26 -2.68 13.19 2.58
CA LEU A 26 -3.57 14.30 2.23
C LEU A 26 -3.15 14.96 0.93
N GLU A 27 -1.92 15.47 0.90
CA GLU A 27 -1.38 16.12 -0.29
C GLU A 27 -0.38 15.21 -1.01
N ASN A 28 -0.47 15.18 -2.33
CA ASN A 28 0.42 14.35 -3.14
C ASN A 28 0.28 12.88 -2.77
N TYR A 29 -0.97 12.39 -2.80
CA TYR A 29 -1.24 11.00 -2.47
C TYR A 29 -1.85 10.27 -3.68
N LEU A 30 -1.68 8.96 -3.71
CA LEU A 30 -2.20 8.14 -4.79
C LEU A 30 -3.42 7.35 -4.34
N SER A 31 -4.12 6.73 -5.29
CA SER A 31 -5.31 5.95 -4.98
C SER A 31 -5.28 4.63 -5.76
N ALA A 32 -4.85 3.56 -5.08
CA ALA A 32 -4.79 2.25 -5.70
C ALA A 32 -5.43 1.19 -4.81
N MET A 33 -5.85 0.09 -5.41
CA MET A 33 -6.48 -1.00 -4.67
C MET A 33 -7.54 -0.47 -3.72
N ASP A 34 -8.39 0.42 -4.22
CA ASP A 34 -9.45 1.01 -3.41
C ASP A 34 -8.88 1.64 -2.14
N THR A 35 -7.62 2.05 -2.20
CA THR A 35 -6.96 2.65 -1.06
C THR A 35 -6.00 3.75 -1.50
N VAL A 36 -5.33 4.38 -0.52
CA VAL A 36 -4.38 5.44 -0.81
C VAL A 36 -2.95 4.98 -0.58
N TRP A 37 -2.00 5.66 -1.20
CA TRP A 37 -0.59 5.32 -1.05
C TRP A 37 0.28 6.56 -1.10
N HIS A 38 1.59 6.37 -0.96
CA HIS A 38 2.53 7.49 -0.98
C HIS A 38 3.32 7.51 -2.30
N PRO A 39 3.56 8.72 -2.81
CA PRO A 39 4.30 8.91 -4.07
C PRO A 39 5.78 8.56 -3.93
N GLU A 40 6.14 7.95 -2.80
CA GLU A 40 7.52 7.56 -2.54
C GLU A 40 7.60 6.09 -2.16
N CYS A 41 6.55 5.58 -1.53
CA CYS A 41 6.50 4.19 -1.11
C CYS A 41 5.95 3.30 -2.22
N PHE A 42 4.82 3.71 -2.79
CA PHE A 42 4.17 2.96 -3.86
C PHE A 42 5.22 2.46 -4.87
N VAL A 43 5.67 1.23 -4.69
CA VAL A 43 6.67 0.64 -5.57
C VAL A 43 6.57 -0.88 -5.57
N CYS A 44 7.38 -1.52 -6.41
CA CYS A 44 7.40 -2.97 -6.50
C CYS A 44 7.85 -3.60 -5.19
N GLY A 45 7.61 -4.90 -5.05
CA GLY A 45 8.01 -5.60 -3.84
C GLY A 45 9.32 -6.35 -4.00
N ASP A 46 9.67 -6.67 -5.24
CA ASP A 46 10.90 -7.39 -5.52
C ASP A 46 12.00 -6.43 -5.96
N CYS A 47 11.77 -5.73 -7.07
CA CYS A 47 12.73 -4.78 -7.59
C CYS A 47 12.59 -3.42 -6.91
N PHE A 48 11.43 -3.20 -6.29
CA PHE A 48 11.16 -1.95 -5.60
C PHE A 48 11.34 -0.76 -6.55
N THR A 49 10.80 -0.89 -7.76
CA THR A 49 10.90 0.17 -8.76
C THR A 49 9.67 1.07 -8.74
N SER A 50 9.87 2.34 -9.03
CA SER A 50 8.77 3.30 -9.04
C SER A 50 7.80 3.01 -10.19
N PHE A 51 6.57 3.49 -10.04
CA PHE A 51 5.55 3.28 -11.06
C PHE A 51 5.12 4.60 -11.68
N SER A 52 6.10 5.46 -11.96
CA SER A 52 5.82 6.76 -12.55
C SER A 52 5.90 6.70 -14.08
N THR A 53 5.35 7.71 -14.74
CA THR A 53 5.36 7.76 -16.20
C THR A 53 5.04 6.40 -16.80
N GLY A 54 4.16 5.66 -16.13
CA GLY A 54 3.78 4.34 -16.63
C GLY A 54 2.57 3.79 -15.91
N SER A 55 2.67 2.56 -15.41
CA SER A 55 1.57 1.92 -14.71
C SER A 55 2.09 0.89 -13.71
N PHE A 56 1.18 0.35 -12.91
CA PHE A 56 1.54 -0.65 -11.91
C PHE A 56 0.59 -1.83 -11.95
N PHE A 57 1.09 -3.01 -11.60
CA PHE A 57 0.29 -4.23 -11.60
C PHE A 57 0.07 -4.74 -10.18
N GLU A 58 -1.19 -4.98 -9.84
CA GLU A 58 -1.54 -5.47 -8.50
C GLU A 58 -1.67 -6.98 -8.50
N LEU A 59 -0.96 -7.63 -7.57
CA LEU A 59 -1.00 -9.09 -7.46
C LEU A 59 -1.20 -9.51 -6.01
N ASP A 60 -2.41 -9.95 -5.69
CA ASP A 60 -2.73 -10.39 -4.34
C ASP A 60 -2.65 -9.23 -3.35
N GLY A 61 -3.11 -8.06 -3.78
CA GLY A 61 -3.09 -6.89 -2.93
C GLY A 61 -1.69 -6.41 -2.66
N ARG A 62 -0.83 -6.43 -3.68
CA ARG A 62 0.54 -6.00 -3.54
C ARG A 62 1.03 -5.31 -4.81
N PRO A 63 1.60 -4.11 -4.66
CA PRO A 63 2.12 -3.33 -5.79
C PRO A 63 3.37 -3.95 -6.40
N PHE A 64 3.25 -4.41 -7.64
CA PHE A 64 4.38 -5.02 -8.34
C PHE A 64 4.56 -4.41 -9.72
N CYS A 65 5.74 -4.63 -10.30
CA CYS A 65 6.05 -4.10 -11.62
C CYS A 65 5.87 -5.17 -12.70
N GLU A 66 5.26 -4.78 -13.82
CA GLU A 66 5.03 -5.70 -14.92
C GLU A 66 6.09 -6.80 -14.94
N LEU A 67 7.34 -6.40 -15.12
CA LEU A 67 8.45 -7.34 -15.18
C LEU A 67 8.20 -8.52 -14.23
N HIS A 68 8.18 -8.23 -12.93
CA HIS A 68 7.96 -9.26 -11.93
C HIS A 68 6.51 -9.74 -11.96
N TYR A 69 5.57 -8.81 -11.84
CA TYR A 69 4.15 -9.14 -11.87
C TYR A 69 3.88 -10.33 -12.78
N HIS A 70 4.25 -10.20 -14.05
CA HIS A 70 4.05 -11.26 -15.02
C HIS A 70 4.87 -12.50 -14.65
N HIS A 71 6.17 -12.31 -14.42
CA HIS A 71 7.06 -13.39 -14.05
C HIS A 71 6.41 -14.29 -13.00
N ARG A 72 5.76 -13.66 -12.02
CA ARG A 72 5.11 -14.40 -10.95
C ARG A 72 3.97 -15.25 -11.48
N ARG A 73 3.13 -14.64 -12.32
CA ARG A 73 2.00 -15.35 -12.91
C ARG A 73 2.44 -16.64 -13.57
N GLY A 74 3.47 -16.54 -14.41
CA GLY A 74 3.98 -17.72 -15.10
C GLY A 74 5.28 -18.22 -14.51
N SER A 75 5.16 -19.13 -13.54
CA SER A 75 6.34 -19.69 -12.88
C SER A 75 6.52 -21.16 -13.26
N GLY A 76 7.68 -21.48 -13.84
CA GLY A 76 7.96 -22.84 -14.24
C GLY A 76 9.43 -23.19 -14.10
N PRO A 77 10.07 -23.53 -15.23
CA PRO A 77 11.49 -23.91 -15.24
C PRO A 77 12.40 -22.71 -14.97
N SER A 78 11.97 -21.53 -15.36
CA SER A 78 12.75 -20.32 -15.15
C SER A 78 12.97 -20.05 -13.67
N SER A 79 14.10 -20.51 -13.16
CA SER A 79 14.42 -20.33 -11.75
C SER A 79 14.65 -18.86 -11.42
N GLY A 80 14.71 -18.54 -10.13
CA GLY A 80 14.92 -17.17 -9.71
C GLY A 80 14.21 -16.85 -8.42
ZN ZN B . 4.08 5.49 2.82
ZN ZN C . 9.57 -5.68 -9.85
N GLY A 1 -5.50 -10.88 44.56
CA GLY A 1 -6.40 -10.08 43.75
C GLY A 1 -5.78 -8.77 43.30
N SER A 2 -5.20 -8.78 42.10
CA SER A 2 -4.56 -7.60 41.55
C SER A 2 -4.81 -7.49 40.05
N SER A 3 -5.67 -6.55 39.66
CA SER A 3 -5.99 -6.35 38.25
C SER A 3 -6.23 -4.86 37.96
N GLY A 4 -6.44 -4.54 36.69
CA GLY A 4 -6.68 -3.17 36.29
C GLY A 4 -6.98 -3.02 34.82
N SER A 5 -8.19 -3.38 34.41
CA SER A 5 -8.59 -3.30 33.02
C SER A 5 -9.85 -2.45 32.86
N SER A 6 -9.68 -1.25 32.32
CA SER A 6 -10.81 -0.34 32.12
C SER A 6 -10.63 0.47 30.85
N GLY A 7 -11.54 0.29 29.90
CA GLY A 7 -11.46 1.02 28.64
C GLY A 7 -12.13 0.27 27.51
N LYS A 8 -12.48 1.00 26.45
CA LYS A 8 -13.13 0.40 25.29
C LYS A 8 -12.74 1.15 24.01
N ASP A 9 -12.37 0.39 22.98
CA ASP A 9 -11.99 0.98 21.70
C ASP A 9 -12.07 -0.06 20.59
N PHE A 10 -12.84 0.25 19.56
CA PHE A 10 -13.01 -0.66 18.42
C PHE A 10 -12.46 -0.03 17.15
N LEU A 11 -12.48 -0.79 16.06
CA LEU A 11 -11.98 -0.32 14.78
C LEU A 11 -12.56 1.05 14.45
N ALA A 12 -11.79 2.10 14.71
CA ALA A 12 -12.22 3.47 14.44
C ALA A 12 -11.32 4.13 13.41
N MET A 13 -11.94 4.67 12.36
CA MET A 13 -11.19 5.34 11.30
C MET A 13 -11.98 6.53 10.74
N PHE A 14 -11.27 7.52 10.24
CA PHE A 14 -11.90 8.71 9.68
C PHE A 14 -11.31 9.04 8.31
N SER A 15 -10.01 8.82 8.15
CA SER A 15 -9.34 9.10 6.89
C SER A 15 -8.41 7.96 6.51
N PRO A 16 -8.17 7.79 5.19
CA PRO A 16 -7.29 6.74 4.67
C PRO A 16 -5.83 6.98 5.01
N LYS A 17 -5.02 5.94 4.86
CA LYS A 17 -3.59 6.04 5.14
C LYS A 17 -2.78 5.18 4.18
N CYS A 18 -1.57 5.62 3.87
CA CYS A 18 -0.70 4.89 2.96
C CYS A 18 -0.67 3.41 3.32
N GLY A 19 -0.70 2.56 2.29
CA GLY A 19 -0.67 1.13 2.51
C GLY A 19 0.72 0.61 2.79
N GLY A 20 1.51 1.38 3.54
CA GLY A 20 2.86 0.99 3.86
C GLY A 20 3.32 1.51 5.21
N CYS A 21 3.25 2.83 5.38
CA CYS A 21 3.66 3.46 6.63
C CYS A 21 2.46 3.65 7.55
N ASN A 22 1.27 3.42 7.03
CA ASN A 22 0.05 3.57 7.81
C ASN A 22 -0.12 5.00 8.29
N ARG A 23 0.22 5.95 7.43
CA ARG A 23 0.11 7.37 7.75
C ARG A 23 -1.01 8.03 6.96
N PRO A 24 -1.62 9.07 7.55
CA PRO A 24 -2.71 9.81 6.90
C PRO A 24 -2.23 10.65 5.73
N VAL A 25 -2.62 10.25 4.52
CA VAL A 25 -2.23 10.97 3.32
C VAL A 25 -3.25 12.05 2.96
N LEU A 26 -2.76 13.23 2.63
CA LEU A 26 -3.62 14.34 2.26
C LEU A 26 -3.18 14.98 0.94
N GLU A 27 -1.95 15.49 0.93
CA GLU A 27 -1.41 16.12 -0.26
C GLU A 27 -0.41 15.20 -0.96
N ASN A 28 -0.50 15.14 -2.29
CA ASN A 28 0.39 14.30 -3.08
C ASN A 28 0.21 12.83 -2.71
N TYR A 29 -1.04 12.37 -2.74
CA TYR A 29 -1.35 10.98 -2.42
C TYR A 29 -1.94 10.26 -3.61
N LEU A 30 -1.72 8.95 -3.68
CA LEU A 30 -2.22 8.13 -4.78
C LEU A 30 -3.41 7.30 -4.33
N SER A 31 -4.10 6.69 -5.29
CA SER A 31 -5.27 5.86 -4.99
C SER A 31 -5.21 4.54 -5.76
N ALA A 32 -4.74 3.50 -5.09
CA ALA A 32 -4.63 2.18 -5.72
C ALA A 32 -5.22 1.11 -4.81
N MET A 33 -5.55 -0.03 -5.41
CA MET A 33 -6.12 -1.15 -4.65
C MET A 33 -7.26 -0.67 -3.76
N ASP A 34 -8.10 0.19 -4.30
CA ASP A 34 -9.24 0.72 -3.54
C ASP A 34 -8.77 1.40 -2.27
N THR A 35 -7.53 1.87 -2.27
CA THR A 35 -6.96 2.54 -1.12
C THR A 35 -5.99 3.65 -1.54
N VAL A 36 -5.38 4.31 -0.55
CA VAL A 36 -4.43 5.38 -0.83
C VAL A 36 -3.00 4.91 -0.58
N TRP A 37 -2.05 5.60 -1.19
CA TRP A 37 -0.63 5.26 -1.03
C TRP A 37 0.23 6.52 -1.03
N HIS A 38 1.53 6.33 -0.88
CA HIS A 38 2.47 7.45 -0.87
C HIS A 38 3.28 7.49 -2.16
N PRO A 39 3.54 8.71 -2.66
CA PRO A 39 4.30 8.91 -3.89
C PRO A 39 5.78 8.56 -3.72
N GLU A 40 6.11 7.92 -2.62
CA GLU A 40 7.48 7.53 -2.33
C GLU A 40 7.56 6.05 -1.94
N CYS A 41 6.52 5.56 -1.29
CA CYS A 41 6.46 4.17 -0.86
C CYS A 41 5.91 3.28 -1.97
N PHE A 42 4.81 3.71 -2.57
CA PHE A 42 4.18 2.95 -3.65
C PHE A 42 5.23 2.46 -4.66
N VAL A 43 5.73 1.26 -4.43
CA VAL A 43 6.73 0.67 -5.31
C VAL A 43 6.68 -0.85 -5.28
N CYS A 44 7.23 -1.48 -6.31
CA CYS A 44 7.23 -2.93 -6.41
C CYS A 44 7.69 -3.56 -5.09
N GLY A 45 7.46 -4.86 -4.95
CA GLY A 45 7.84 -5.57 -3.74
C GLY A 45 9.17 -6.28 -3.88
N ASP A 46 9.46 -6.74 -5.09
CA ASP A 46 10.71 -7.45 -5.36
C ASP A 46 11.82 -6.47 -5.73
N CYS A 47 11.67 -5.83 -6.90
CA CYS A 47 12.65 -4.88 -7.37
C CYS A 47 12.54 -3.55 -6.61
N PHE A 48 11.34 -3.25 -6.12
CA PHE A 48 11.10 -2.03 -5.38
C PHE A 48 11.33 -0.80 -6.27
N THR A 49 10.81 -0.87 -7.49
CA THR A 49 10.97 0.23 -8.43
C THR A 49 9.78 1.19 -8.36
N SER A 50 10.03 2.47 -8.64
CA SER A 50 8.98 3.47 -8.60
C SER A 50 8.22 3.51 -9.93
N PHE A 51 6.90 3.70 -9.84
CA PHE A 51 6.06 3.75 -11.03
C PHE A 51 5.70 5.20 -11.38
N SER A 52 6.20 5.66 -12.52
CA SER A 52 5.94 7.03 -12.95
C SER A 52 5.31 7.04 -14.35
N THR A 53 5.78 6.14 -15.21
CA THR A 53 5.27 6.04 -16.57
C THR A 53 4.66 4.67 -16.83
N GLY A 54 3.45 4.65 -17.37
CA GLY A 54 2.78 3.39 -17.66
C GLY A 54 1.65 3.10 -16.70
N SER A 55 1.83 2.08 -15.87
CA SER A 55 0.80 1.69 -14.90
C SER A 55 1.32 0.60 -13.98
N PHE A 56 0.62 0.39 -12.86
CA PHE A 56 1.01 -0.62 -11.89
C PHE A 56 0.05 -1.80 -11.93
N PHE A 57 0.56 -2.99 -11.61
CA PHE A 57 -0.26 -4.20 -11.60
C PHE A 57 -0.41 -4.74 -10.18
N GLU A 58 -1.65 -4.95 -9.76
CA GLU A 58 -1.93 -5.48 -8.43
C GLU A 58 -1.85 -6.99 -8.41
N LEU A 59 -1.14 -7.52 -7.42
CA LEU A 59 -0.97 -8.97 -7.28
C LEU A 59 -1.02 -9.39 -5.81
N ASP A 60 -2.13 -10.00 -5.40
CA ASP A 60 -2.29 -10.45 -4.03
C ASP A 60 -2.19 -9.28 -3.06
N GLY A 61 -2.82 -8.16 -3.43
CA GLY A 61 -2.80 -6.98 -2.58
C GLY A 61 -1.39 -6.46 -2.36
N ARG A 62 -0.57 -6.52 -3.40
CA ARG A 62 0.81 -6.05 -3.32
C ARG A 62 1.25 -5.42 -4.64
N PRO A 63 1.79 -4.19 -4.57
CA PRO A 63 2.25 -3.46 -5.75
C PRO A 63 3.51 -4.08 -6.35
N PHE A 64 3.46 -4.36 -7.65
CA PHE A 64 4.60 -4.95 -8.34
C PHE A 64 4.80 -4.30 -9.70
N CYS A 65 5.90 -4.65 -10.36
CA CYS A 65 6.22 -4.09 -11.68
C CYS A 65 5.84 -5.07 -12.79
N GLU A 66 5.76 -4.57 -14.01
CA GLU A 66 5.42 -5.40 -15.16
C GLU A 66 6.35 -6.61 -15.26
N LEU A 67 7.64 -6.36 -15.10
CA LEU A 67 8.65 -7.42 -15.18
C LEU A 67 8.25 -8.59 -14.29
N HIS A 68 8.33 -8.38 -12.98
CA HIS A 68 7.98 -9.43 -12.02
C HIS A 68 6.51 -9.82 -12.15
N TYR A 69 5.63 -8.84 -12.06
CA TYR A 69 4.19 -9.08 -12.17
C TYR A 69 3.91 -10.23 -13.14
N HIS A 70 4.51 -10.16 -14.32
CA HIS A 70 4.33 -11.19 -15.33
C HIS A 70 4.87 -12.53 -14.86
N HIS A 71 6.13 -12.53 -14.41
CA HIS A 71 6.77 -13.74 -13.93
C HIS A 71 5.95 -14.37 -12.80
N ARG A 72 5.77 -13.62 -11.72
CA ARG A 72 5.01 -14.11 -10.58
C ARG A 72 3.79 -14.91 -11.03
N ARG A 73 3.09 -14.40 -12.03
CA ARG A 73 1.91 -15.07 -12.56
C ARG A 73 2.28 -16.39 -13.20
N GLY A 74 3.34 -16.38 -14.00
CA GLY A 74 3.78 -17.59 -14.67
C GLY A 74 4.58 -18.50 -13.75
N SER A 75 5.73 -18.02 -13.28
CA SER A 75 6.58 -18.81 -12.40
C SER A 75 7.16 -17.94 -11.30
N GLY A 76 6.67 -18.12 -10.07
CA GLY A 76 7.15 -17.34 -8.94
C GLY A 76 7.71 -18.21 -7.84
N PRO A 77 7.96 -17.60 -6.67
CA PRO A 77 8.50 -18.31 -5.51
C PRO A 77 7.50 -19.29 -4.90
N SER A 78 7.92 -20.53 -4.72
CA SER A 78 7.06 -21.57 -4.15
C SER A 78 7.11 -21.54 -2.63
N SER A 79 8.32 -21.72 -2.08
CA SER A 79 8.50 -21.72 -0.63
C SER A 79 8.97 -20.36 -0.14
N GLY A 80 8.07 -19.61 0.47
CA GLY A 80 8.41 -18.29 0.98
C GLY A 80 9.41 -17.57 0.09
ZN ZN B . 3.95 5.47 3.00
ZN ZN C . 9.42 -5.84 -9.67
N GLY A 1 -10.21 7.23 47.85
CA GLY A 1 -10.51 7.82 46.56
C GLY A 1 -9.83 7.11 45.42
N SER A 2 -10.43 7.16 44.23
CA SER A 2 -9.86 6.50 43.06
C SER A 2 -10.47 7.08 41.78
N SER A 3 -9.68 7.06 40.71
CA SER A 3 -10.13 7.59 39.43
C SER A 3 -9.22 7.12 38.29
N GLY A 4 -9.73 7.15 37.07
CA GLY A 4 -8.95 6.74 35.93
C GLY A 4 -9.67 6.96 34.62
N SER A 5 -8.91 7.09 33.53
CA SER A 5 -9.49 7.31 32.22
C SER A 5 -8.51 6.91 31.12
N SER A 6 -9.03 6.74 29.90
CA SER A 6 -8.19 6.36 28.77
C SER A 6 -8.97 6.48 27.46
N GLY A 7 -8.48 7.32 26.55
CA GLY A 7 -9.14 7.51 25.28
C GLY A 7 -8.57 8.67 24.49
N LYS A 8 -7.94 8.36 23.35
CA LYS A 8 -7.35 9.39 22.51
C LYS A 8 -7.18 8.88 21.08
N ASP A 9 -6.77 9.77 20.19
CA ASP A 9 -6.56 9.42 18.79
C ASP A 9 -5.70 8.18 18.67
N PHE A 10 -4.47 8.27 19.16
CA PHE A 10 -3.53 7.15 19.10
C PHE A 10 -3.13 6.85 17.66
N LEU A 11 -2.80 7.90 16.91
CA LEU A 11 -2.40 7.74 15.52
C LEU A 11 -3.51 7.10 14.70
N ALA A 12 -4.74 7.52 14.96
CA ALA A 12 -5.90 6.99 14.24
C ALA A 12 -6.74 8.10 13.64
N MET A 13 -7.31 7.84 12.47
CA MET A 13 -8.14 8.83 11.78
C MET A 13 -9.02 8.17 10.73
N PHE A 14 -10.20 8.74 10.50
CA PHE A 14 -11.13 8.21 9.51
C PHE A 14 -10.49 8.19 8.13
N SER A 15 -9.82 9.27 7.77
CA SER A 15 -9.18 9.38 6.47
C SER A 15 -8.25 8.19 6.23
N PRO A 16 -8.05 7.86 4.94
CA PRO A 16 -7.18 6.74 4.55
C PRO A 16 -5.70 7.03 4.81
N LYS A 17 -4.89 5.98 4.83
CA LYS A 17 -3.47 6.12 5.07
C LYS A 17 -2.67 5.25 4.10
N CYS A 18 -1.46 5.71 3.77
CA CYS A 18 -0.60 4.98 2.84
C CYS A 18 -0.52 3.51 3.22
N GLY A 19 -0.56 2.64 2.22
CA GLY A 19 -0.50 1.21 2.45
C GLY A 19 0.92 0.73 2.72
N GLY A 20 1.69 1.52 3.47
CA GLY A 20 3.06 1.15 3.77
C GLY A 20 3.52 1.71 5.10
N CYS A 21 3.33 3.01 5.30
CA CYS A 21 3.73 3.67 6.53
C CYS A 21 2.54 3.88 7.45
N ASN A 22 1.34 3.66 6.93
CA ASN A 22 0.12 3.82 7.69
C ASN A 22 -0.06 5.27 8.14
N ARG A 23 0.33 6.20 7.27
CA ARG A 23 0.22 7.63 7.57
C ARG A 23 -0.93 8.25 6.80
N PRO A 24 -1.55 9.29 7.39
CA PRO A 24 -2.68 10.00 6.78
C PRO A 24 -2.25 10.82 5.57
N VAL A 25 -2.53 10.31 4.38
CA VAL A 25 -2.17 11.01 3.14
C VAL A 25 -3.24 12.03 2.77
N LEU A 26 -2.79 13.24 2.44
CA LEU A 26 -3.72 14.31 2.06
C LEU A 26 -3.22 15.02 0.81
N GLU A 27 -1.91 15.24 0.72
CA GLU A 27 -1.31 15.91 -0.42
C GLU A 27 -0.42 14.95 -1.21
N ASN A 28 -0.41 15.11 -2.52
CA ASN A 28 0.41 14.26 -3.38
C ASN A 28 0.26 12.79 -3.00
N TYR A 29 -0.98 12.32 -2.95
CA TYR A 29 -1.25 10.93 -2.59
C TYR A 29 -1.87 10.18 -3.76
N LEU A 30 -1.69 8.86 -3.77
CA LEU A 30 -2.24 8.02 -4.83
C LEU A 30 -3.44 7.23 -4.33
N SER A 31 -4.16 6.61 -5.27
CA SER A 31 -5.34 5.82 -4.92
C SER A 31 -5.31 4.47 -5.65
N ALA A 32 -4.86 3.44 -4.94
CA ALA A 32 -4.78 2.10 -5.52
C ALA A 32 -5.40 1.07 -4.58
N MET A 33 -5.80 -0.06 -5.14
CA MET A 33 -6.42 -1.14 -4.35
C MET A 33 -7.48 -0.58 -3.41
N ASP A 34 -8.39 0.23 -3.95
CA ASP A 34 -9.45 0.82 -3.16
C ASP A 34 -8.89 1.50 -1.92
N THR A 35 -7.63 1.92 -2.00
CA THR A 35 -6.98 2.59 -0.89
C THR A 35 -6.01 3.68 -1.38
N VAL A 36 -5.31 4.30 -0.45
CA VAL A 36 -4.36 5.35 -0.79
C VAL A 36 -2.93 4.89 -0.57
N TRP A 37 -1.98 5.62 -1.16
CA TRP A 37 -0.57 5.29 -1.02
C TRP A 37 0.29 6.53 -1.10
N HIS A 38 1.61 6.35 -0.99
CA HIS A 38 2.54 7.47 -1.04
C HIS A 38 3.34 7.45 -2.35
N PRO A 39 3.60 8.64 -2.91
CA PRO A 39 4.34 8.77 -4.16
C PRO A 39 5.82 8.43 -3.99
N GLU A 40 6.16 7.85 -2.84
CA GLU A 40 7.54 7.48 -2.55
C GLU A 40 7.63 6.01 -2.12
N CYS A 41 6.59 5.55 -1.44
CA CYS A 41 6.55 4.17 -0.96
C CYS A 41 5.98 3.24 -2.04
N PHE A 42 4.88 3.67 -2.65
CA PHE A 42 4.24 2.87 -3.70
C PHE A 42 5.26 2.39 -4.72
N VAL A 43 5.73 1.16 -4.55
CA VAL A 43 6.71 0.59 -5.47
C VAL A 43 6.58 -0.93 -5.51
N CYS A 44 7.34 -1.55 -6.41
CA CYS A 44 7.32 -3.01 -6.56
C CYS A 44 7.65 -3.69 -5.24
N GLY A 45 7.39 -5.00 -5.17
CA GLY A 45 7.68 -5.75 -3.97
C GLY A 45 9.00 -6.49 -4.05
N ASP A 46 9.45 -6.75 -5.26
CA ASP A 46 10.71 -7.46 -5.48
C ASP A 46 11.83 -6.49 -5.81
N CYS A 47 11.70 -5.80 -6.94
CA CYS A 47 12.70 -4.84 -7.38
C CYS A 47 12.49 -3.49 -6.70
N PHE A 48 11.31 -3.30 -6.11
CA PHE A 48 10.98 -2.06 -5.43
C PHE A 48 11.23 -0.86 -6.34
N THR A 49 10.65 -0.89 -7.53
CA THR A 49 10.81 0.19 -8.49
C THR A 49 9.62 1.14 -8.45
N SER A 50 9.90 2.42 -8.68
CA SER A 50 8.86 3.44 -8.66
C SER A 50 7.95 3.32 -9.88
N PHE A 51 6.68 3.69 -9.72
CA PHE A 51 5.71 3.61 -10.81
C PHE A 51 5.29 5.01 -11.25
N SER A 52 6.11 5.62 -12.11
CA SER A 52 5.83 6.95 -12.62
C SER A 52 5.70 6.95 -14.14
N THR A 53 6.73 6.43 -14.80
CA THR A 53 6.74 6.36 -16.26
C THR A 53 5.41 5.85 -16.80
N GLY A 54 4.89 4.80 -16.17
CA GLY A 54 3.63 4.22 -16.60
C GLY A 54 2.74 3.85 -15.43
N SER A 55 1.86 2.87 -15.64
CA SER A 55 0.95 2.42 -14.60
C SER A 55 1.54 1.26 -13.81
N PHE A 56 0.82 0.80 -12.80
CA PHE A 56 1.27 -0.31 -11.97
C PHE A 56 0.31 -1.49 -12.07
N PHE A 57 0.84 -2.69 -11.83
CA PHE A 57 0.02 -3.89 -11.88
C PHE A 57 -0.06 -4.56 -10.51
N GLU A 58 -1.28 -4.69 -10.00
CA GLU A 58 -1.50 -5.31 -8.69
C GLU A 58 -1.47 -6.82 -8.80
N LEU A 59 -0.47 -7.43 -8.15
CA LEU A 59 -0.33 -8.89 -8.18
C LEU A 59 -0.34 -9.45 -6.75
N ASP A 60 -1.20 -10.43 -6.52
CA ASP A 60 -1.30 -11.06 -5.21
C ASP A 60 -1.67 -10.03 -4.14
N GLY A 61 -2.44 -9.02 -4.54
CA GLY A 61 -2.85 -7.99 -3.61
C GLY A 61 -1.69 -7.12 -3.16
N ARG A 62 -0.70 -6.97 -4.04
CA ARG A 62 0.47 -6.15 -3.72
C ARG A 62 0.98 -5.44 -4.97
N PRO A 63 1.51 -4.22 -4.78
CA PRO A 63 2.05 -3.42 -5.88
C PRO A 63 3.35 -3.99 -6.44
N PHE A 64 3.31 -4.37 -7.71
CA PHE A 64 4.48 -4.93 -8.37
C PHE A 64 4.75 -4.25 -9.71
N CYS A 65 5.80 -4.68 -10.38
CA CYS A 65 6.17 -4.11 -11.68
C CYS A 65 5.97 -5.13 -12.81
N GLU A 66 5.41 -4.67 -13.92
CA GLU A 66 5.17 -5.54 -15.06
C GLU A 66 6.19 -6.67 -15.11
N LEU A 67 7.47 -6.31 -15.24
CA LEU A 67 8.54 -7.29 -15.30
C LEU A 67 8.25 -8.47 -14.36
N HIS A 68 8.29 -8.21 -13.06
CA HIS A 68 8.03 -9.24 -12.07
C HIS A 68 6.61 -9.77 -12.18
N TYR A 69 5.65 -8.86 -12.16
CA TYR A 69 4.24 -9.23 -12.27
C TYR A 69 4.06 -10.47 -13.14
N HIS A 70 4.61 -10.43 -14.35
CA HIS A 70 4.52 -11.55 -15.27
C HIS A 70 5.17 -12.80 -14.67
N HIS A 71 6.36 -12.63 -14.11
CA HIS A 71 7.08 -13.74 -13.50
C HIS A 71 6.25 -14.40 -12.41
N ARG A 72 5.53 -13.59 -11.65
CA ARG A 72 4.69 -14.10 -10.56
C ARG A 72 3.51 -14.89 -11.12
N ARG A 73 2.89 -14.36 -12.17
CA ARG A 73 1.75 -15.01 -12.80
C ARG A 73 2.03 -16.50 -13.00
N GLY A 74 3.23 -16.82 -13.48
CA GLY A 74 3.59 -18.20 -13.71
C GLY A 74 5.03 -18.50 -13.33
N SER A 75 5.25 -18.87 -12.07
CA SER A 75 6.58 -19.18 -11.58
C SER A 75 7.04 -20.55 -12.05
N GLY A 76 8.32 -20.67 -12.39
CA GLY A 76 8.86 -21.92 -12.86
C GLY A 76 10.24 -22.21 -12.30
N PRO A 77 11.09 -22.87 -13.11
CA PRO A 77 12.45 -23.21 -12.72
C PRO A 77 13.36 -21.99 -12.61
N SER A 78 13.90 -21.76 -11.41
CA SER A 78 14.77 -20.62 -11.18
C SER A 78 15.99 -21.03 -10.35
N SER A 79 17.06 -20.25 -10.46
CA SER A 79 18.29 -20.54 -9.71
C SER A 79 18.36 -19.68 -8.45
N GLY A 80 17.23 -19.57 -7.76
CA GLY A 80 17.19 -18.78 -6.54
C GLY A 80 17.71 -19.55 -5.34
ZN ZN B . 4.05 5.61 2.86
ZN ZN C . 9.67 -5.68 -9.81
N GLY A 1 -8.91 5.91 48.34
CA GLY A 1 -8.53 6.23 46.97
C GLY A 1 -9.39 5.51 45.94
N SER A 2 -9.91 6.27 44.99
CA SER A 2 -10.75 5.71 43.94
C SER A 2 -10.90 6.68 42.77
N SER A 3 -10.55 6.22 41.57
CA SER A 3 -10.63 7.04 40.38
C SER A 3 -10.70 6.17 39.13
N GLY A 4 -11.75 6.37 38.33
CA GLY A 4 -11.91 5.60 37.11
C GLY A 4 -12.44 6.44 35.96
N SER A 5 -11.56 6.76 35.01
CA SER A 5 -11.94 7.57 33.87
C SER A 5 -10.80 7.67 32.86
N SER A 6 -11.05 7.25 31.63
CA SER A 6 -10.05 7.28 30.57
C SER A 6 -10.66 6.97 29.22
N GLY A 7 -10.23 7.71 28.20
CA GLY A 7 -10.76 7.50 26.86
C GLY A 7 -11.71 8.59 26.43
N LYS A 8 -11.19 9.80 26.27
CA LYS A 8 -12.01 10.93 25.85
C LYS A 8 -11.91 11.16 24.35
N ASP A 9 -11.82 10.08 23.59
CA ASP A 9 -11.72 10.16 22.14
C ASP A 9 -12.18 8.86 21.48
N PHE A 10 -13.27 8.94 20.74
CA PHE A 10 -13.82 7.77 20.06
C PHE A 10 -13.06 7.48 18.77
N LEU A 11 -13.48 6.44 18.06
CA LEU A 11 -12.83 6.06 16.81
C LEU A 11 -12.50 7.29 15.97
N ALA A 12 -11.22 7.62 15.91
CA ALA A 12 -10.77 8.78 15.14
C ALA A 12 -10.01 8.34 13.89
N MET A 13 -10.52 7.31 13.21
CA MET A 13 -9.89 6.81 12.01
C MET A 13 -10.92 6.60 10.89
N PHE A 14 -11.00 7.56 9.98
CA PHE A 14 -11.94 7.49 8.87
C PHE A 14 -11.22 7.59 7.53
N SER A 15 -10.37 8.60 7.40
CA SER A 15 -9.62 8.81 6.17
C SER A 15 -8.65 7.66 5.92
N PRO A 16 -8.35 7.40 4.63
CA PRO A 16 -7.44 6.33 4.23
C PRO A 16 -6.00 6.63 4.61
N LYS A 17 -5.14 5.63 4.47
CA LYS A 17 -3.72 5.77 4.79
C LYS A 17 -2.86 4.99 3.82
N CYS A 18 -1.64 5.48 3.58
CA CYS A 18 -0.71 4.82 2.67
C CYS A 18 -0.56 3.34 3.03
N GLY A 19 -0.62 2.48 2.00
CA GLY A 19 -0.50 1.06 2.24
C GLY A 19 0.95 0.63 2.48
N GLY A 20 1.66 1.42 3.27
CA GLY A 20 3.05 1.11 3.58
C GLY A 20 3.48 1.65 4.92
N CYS A 21 3.21 2.93 5.16
CA CYS A 21 3.58 3.57 6.42
C CYS A 21 2.37 3.72 7.33
N ASN A 22 1.19 3.47 6.78
CA ASN A 22 -0.05 3.57 7.54
C ASN A 22 -0.25 5.01 8.04
N ARG A 23 0.05 5.97 7.18
CA ARG A 23 -0.10 7.38 7.52
C ARG A 23 -1.22 8.01 6.72
N PRO A 24 -1.87 9.03 7.30
CA PRO A 24 -2.98 9.75 6.65
C PRO A 24 -2.49 10.61 5.48
N VAL A 25 -2.78 10.14 4.27
CA VAL A 25 -2.39 10.86 3.06
C VAL A 25 -3.45 11.87 2.66
N LEU A 26 -3.02 13.10 2.38
CA LEU A 26 -3.94 14.16 1.98
C LEU A 26 -3.44 14.85 0.71
N GLU A 27 -2.16 15.22 0.71
CA GLU A 27 -1.56 15.89 -0.44
C GLU A 27 -0.63 14.95 -1.20
N ASN A 28 -0.58 15.10 -2.51
CA ASN A 28 0.28 14.27 -3.35
C ASN A 28 0.13 12.79 -2.98
N TYR A 29 -1.11 12.34 -2.90
CA TYR A 29 -1.40 10.95 -2.56
C TYR A 29 -1.95 10.19 -3.77
N LEU A 30 -1.74 8.88 -3.78
CA LEU A 30 -2.21 8.04 -4.88
C LEU A 30 -3.40 7.19 -4.44
N SER A 31 -4.06 6.55 -5.40
CA SER A 31 -5.21 5.71 -5.11
C SER A 31 -5.12 4.39 -5.87
N ALA A 32 -4.66 3.35 -5.17
CA ALA A 32 -4.52 2.03 -5.77
C ALA A 32 -5.13 0.96 -4.89
N MET A 33 -5.51 -0.16 -5.50
CA MET A 33 -6.12 -1.27 -4.76
C MET A 33 -7.23 -0.76 -3.84
N ASP A 34 -8.09 0.10 -4.39
CA ASP A 34 -9.20 0.66 -3.63
C ASP A 34 -8.70 1.32 -2.35
N THR A 35 -7.45 1.76 -2.36
CA THR A 35 -6.86 2.40 -1.20
C THR A 35 -5.92 3.53 -1.62
N VAL A 36 -5.29 4.17 -0.63
CA VAL A 36 -4.36 5.26 -0.91
C VAL A 36 -2.91 4.82 -0.70
N TRP A 37 -1.99 5.58 -1.26
CA TRP A 37 -0.56 5.27 -1.14
C TRP A 37 0.28 6.54 -1.15
N HIS A 38 1.59 6.36 -1.05
CA HIS A 38 2.51 7.51 -1.05
C HIS A 38 3.33 7.53 -2.33
N PRO A 39 3.57 8.74 -2.86
CA PRO A 39 4.35 8.93 -4.08
C PRO A 39 5.83 8.62 -3.88
N GLU A 40 6.17 8.05 -2.73
CA GLU A 40 7.54 7.70 -2.42
C GLU A 40 7.66 6.23 -2.02
N CYS A 41 6.59 5.70 -1.43
CA CYS A 41 6.57 4.30 -1.00
C CYS A 41 6.05 3.40 -2.12
N PHE A 42 4.91 3.77 -2.69
CA PHE A 42 4.31 2.98 -3.78
C PHE A 42 5.37 2.54 -4.77
N VAL A 43 5.85 1.31 -4.60
CA VAL A 43 6.86 0.75 -5.49
C VAL A 43 6.85 -0.77 -5.47
N CYS A 44 7.40 -1.38 -6.51
CA CYS A 44 7.45 -2.83 -6.61
C CYS A 44 7.94 -3.45 -5.30
N GLY A 45 7.79 -4.77 -5.19
CA GLY A 45 8.23 -5.46 -3.98
C GLY A 45 9.57 -6.13 -4.16
N ASP A 46 9.85 -6.61 -5.37
CA ASP A 46 11.11 -7.28 -5.66
C ASP A 46 12.17 -6.27 -6.08
N CYS A 47 11.94 -5.63 -7.22
CA CYS A 47 12.88 -4.64 -7.74
C CYS A 47 12.71 -3.29 -7.04
N PHE A 48 11.54 -3.09 -6.45
CA PHE A 48 11.24 -1.86 -5.74
C PHE A 48 11.40 -0.65 -6.66
N THR A 49 10.75 -0.71 -7.82
CA THR A 49 10.81 0.38 -8.80
C THR A 49 9.62 1.29 -8.67
N SER A 50 9.78 2.55 -9.08
CA SER A 50 8.71 3.53 -9.02
C SER A 50 7.82 3.45 -10.26
N PHE A 51 6.53 3.65 -10.06
CA PHE A 51 5.57 3.59 -11.16
C PHE A 51 5.06 4.99 -11.50
N SER A 52 5.90 5.78 -12.16
CA SER A 52 5.53 7.13 -12.55
C SER A 52 4.91 7.15 -13.93
N THR A 53 5.50 6.41 -14.87
CA THR A 53 5.00 6.34 -16.23
C THR A 53 4.51 4.94 -16.57
N GLY A 54 3.24 4.83 -16.94
CA GLY A 54 2.67 3.54 -17.29
C GLY A 54 1.47 3.20 -16.43
N SER A 55 1.61 2.13 -15.63
CA SER A 55 0.53 1.70 -14.77
C SER A 55 1.02 0.65 -13.77
N PHE A 56 0.24 0.43 -12.72
CA PHE A 56 0.61 -0.54 -11.69
C PHE A 56 -0.22 -1.82 -11.84
N PHE A 57 0.23 -2.89 -11.19
CA PHE A 57 -0.46 -4.17 -11.26
C PHE A 57 -0.61 -4.78 -9.86
N GLU A 58 -1.85 -5.05 -9.48
CA GLU A 58 -2.14 -5.63 -8.17
C GLU A 58 -2.01 -7.16 -8.20
N LEU A 59 -0.95 -7.67 -7.59
CA LEU A 59 -0.72 -9.11 -7.56
C LEU A 59 -0.56 -9.61 -6.13
N ASP A 60 -1.61 -10.25 -5.61
CA ASP A 60 -1.59 -10.77 -4.25
C ASP A 60 -1.56 -9.63 -3.24
N GLY A 61 -2.32 -8.57 -3.52
CA GLY A 61 -2.37 -7.44 -2.62
C GLY A 61 -1.02 -6.78 -2.44
N ARG A 62 -0.21 -6.79 -3.49
CA ARG A 62 1.11 -6.19 -3.44
C ARG A 62 1.48 -5.55 -4.78
N PRO A 63 1.90 -4.28 -4.73
CA PRO A 63 2.28 -3.54 -5.94
C PRO A 63 3.58 -4.05 -6.55
N PHE A 64 3.50 -4.53 -7.79
CA PHE A 64 4.67 -5.04 -8.49
C PHE A 64 4.85 -4.35 -9.84
N CYS A 65 5.94 -4.70 -10.52
CA CYS A 65 6.23 -4.10 -11.83
C CYS A 65 6.11 -5.14 -12.93
N GLU A 66 5.55 -4.73 -14.07
CA GLU A 66 5.38 -5.62 -15.21
C GLU A 66 6.44 -6.73 -15.20
N LEU A 67 7.70 -6.33 -15.14
CA LEU A 67 8.81 -7.27 -15.13
C LEU A 67 8.49 -8.47 -14.23
N HIS A 68 8.36 -8.21 -12.93
CA HIS A 68 8.05 -9.25 -11.97
C HIS A 68 6.60 -9.68 -12.08
N TYR A 69 5.69 -8.70 -12.04
CA TYR A 69 4.27 -8.98 -12.13
C TYR A 69 4.01 -10.21 -13.01
N HIS A 70 4.56 -10.19 -14.21
CA HIS A 70 4.39 -11.31 -15.14
C HIS A 70 5.04 -12.57 -14.60
N HIS A 71 6.31 -12.46 -14.23
CA HIS A 71 7.06 -13.60 -13.69
C HIS A 71 6.22 -14.37 -12.67
N ARG A 72 5.62 -13.63 -11.74
CA ARG A 72 4.80 -14.23 -10.70
C ARG A 72 3.47 -14.71 -11.27
N ARG A 73 2.84 -13.87 -12.08
CA ARG A 73 1.55 -14.20 -12.70
C ARG A 73 1.58 -15.62 -13.26
N GLY A 74 2.59 -15.90 -14.08
CA GLY A 74 2.71 -17.22 -14.69
C GLY A 74 4.10 -17.46 -15.26
N SER A 75 4.95 -18.11 -14.48
CA SER A 75 6.31 -18.41 -14.91
C SER A 75 6.43 -19.84 -15.40
N GLY A 76 5.93 -20.78 -14.59
CA GLY A 76 5.98 -22.18 -14.96
C GLY A 76 6.20 -23.08 -13.76
N PRO A 77 7.34 -23.79 -13.75
CA PRO A 77 7.70 -24.71 -12.67
C PRO A 77 8.04 -23.97 -11.38
N SER A 78 7.84 -22.67 -11.38
CA SER A 78 8.13 -21.84 -10.21
C SER A 78 7.30 -22.29 -9.01
N SER A 79 7.97 -22.86 -8.02
CA SER A 79 7.30 -23.33 -6.81
C SER A 79 7.67 -22.49 -5.61
N GLY A 80 6.97 -21.38 -5.42
CA GLY A 80 7.25 -20.49 -4.30
C GLY A 80 6.13 -20.48 -3.28
ZN ZN B . 3.96 5.58 2.82
ZN ZN C . 9.66 -5.62 -9.92
N GLY A 1 -13.80 1.94 45.68
CA GLY A 1 -13.02 1.94 44.45
C GLY A 1 -13.77 1.31 43.29
N SER A 2 -14.56 2.13 42.59
CA SER A 2 -15.34 1.65 41.45
C SER A 2 -15.53 2.75 40.41
N SER A 3 -14.89 2.58 39.26
CA SER A 3 -14.98 3.56 38.19
C SER A 3 -14.65 2.93 36.84
N GLY A 4 -15.07 3.59 35.76
CA GLY A 4 -14.81 3.07 34.43
C GLY A 4 -15.44 3.92 33.35
N SER A 5 -14.64 4.76 32.71
CA SER A 5 -15.13 5.64 31.66
C SER A 5 -14.66 5.15 30.29
N SER A 6 -15.61 4.63 29.50
CA SER A 6 -15.29 4.12 28.16
C SER A 6 -16.53 4.13 27.27
N GLY A 7 -16.38 4.68 26.07
CA GLY A 7 -17.49 4.75 25.14
C GLY A 7 -17.37 5.89 24.16
N LYS A 8 -18.41 6.12 23.38
CA LYS A 8 -18.41 7.18 22.39
C LYS A 8 -17.32 6.97 21.35
N ASP A 9 -17.18 5.73 20.89
CA ASP A 9 -16.18 5.38 19.89
C ASP A 9 -16.83 5.01 18.56
N PHE A 10 -17.92 5.71 18.23
CA PHE A 10 -18.63 5.44 16.98
C PHE A 10 -17.79 5.83 15.78
N LEU A 11 -17.31 7.08 15.77
CA LEU A 11 -16.50 7.57 14.67
C LEU A 11 -15.03 7.23 14.89
N ALA A 12 -14.57 6.16 14.25
CA ALA A 12 -13.17 5.74 14.38
C ALA A 12 -12.33 6.23 13.19
N MET A 13 -12.72 5.80 11.99
CA MET A 13 -12.00 6.20 10.79
C MET A 13 -12.42 7.60 10.35
N PHE A 14 -11.44 8.44 10.02
CA PHE A 14 -11.71 9.81 9.58
C PHE A 14 -11.13 10.06 8.20
N SER A 15 -9.94 9.51 7.97
CA SER A 15 -9.26 9.68 6.69
C SER A 15 -8.36 8.49 6.39
N PRO A 16 -8.14 8.23 5.09
CA PRO A 16 -7.29 7.12 4.63
C PRO A 16 -5.82 7.34 4.94
N LYS A 17 -5.02 6.30 4.78
CA LYS A 17 -3.59 6.38 5.03
C LYS A 17 -2.81 5.50 4.07
N CYS A 18 -1.57 5.88 3.77
CA CYS A 18 -0.72 5.13 2.86
C CYS A 18 -0.66 3.66 3.27
N GLY A 19 -0.76 2.77 2.29
CA GLY A 19 -0.71 1.35 2.57
C GLY A 19 0.70 0.85 2.78
N GLY A 20 1.51 1.66 3.45
CA GLY A 20 2.89 1.28 3.70
C GLY A 20 3.39 1.79 5.04
N CYS A 21 3.22 3.08 5.28
CA CYS A 21 3.65 3.71 6.52
C CYS A 21 2.48 3.90 7.48
N ASN A 22 1.27 3.80 6.95
CA ASN A 22 0.07 3.96 7.76
C ASN A 22 -0.12 5.42 8.18
N ARG A 23 0.26 6.34 7.28
CA ARG A 23 0.13 7.76 7.56
C ARG A 23 -1.00 8.38 6.74
N PRO A 24 -1.62 9.43 7.28
CA PRO A 24 -2.73 10.13 6.61
C PRO A 24 -2.26 10.92 5.39
N VAL A 25 -2.60 10.44 4.20
CA VAL A 25 -2.22 11.10 2.96
C VAL A 25 -3.28 12.12 2.54
N LEU A 26 -2.84 13.34 2.27
CA LEU A 26 -3.74 14.41 1.86
C LEU A 26 -3.27 15.03 0.55
N GLU A 27 -1.98 15.35 0.48
CA GLU A 27 -1.41 15.95 -0.72
C GLU A 27 -0.54 14.94 -1.48
N ASN A 28 -0.48 15.11 -2.80
CA ASN A 28 0.31 14.21 -3.64
C ASN A 28 0.11 12.76 -3.22
N TYR A 29 -1.14 12.36 -3.05
CA TYR A 29 -1.46 11.00 -2.63
C TYR A 29 -2.03 10.20 -3.81
N LEU A 30 -1.78 8.90 -3.80
CA LEU A 30 -2.27 8.02 -4.87
C LEU A 30 -3.47 7.20 -4.39
N SER A 31 -4.14 6.55 -5.33
CA SER A 31 -5.31 5.74 -5.00
C SER A 31 -5.25 4.40 -5.72
N ALA A 32 -4.80 3.36 -5.02
CA ALA A 32 -4.70 2.03 -5.60
C ALA A 32 -5.33 0.99 -4.69
N MET A 33 -5.72 -0.15 -5.26
CA MET A 33 -6.33 -1.22 -4.49
C MET A 33 -7.42 -0.68 -3.58
N ASP A 34 -8.27 0.20 -4.10
CA ASP A 34 -9.35 0.79 -3.33
C ASP A 34 -8.81 1.45 -2.07
N THR A 35 -7.57 1.91 -2.12
CA THR A 35 -6.94 2.56 -0.98
C THR A 35 -5.98 3.65 -1.43
N VAL A 36 -5.37 4.33 -0.46
CA VAL A 36 -4.43 5.40 -0.76
C VAL A 36 -2.99 4.95 -0.54
N TRP A 37 -2.06 5.65 -1.17
CA TRP A 37 -0.64 5.31 -1.05
C TRP A 37 0.22 6.58 -1.12
N HIS A 38 1.53 6.39 -1.01
CA HIS A 38 2.46 7.51 -1.06
C HIS A 38 3.26 7.52 -2.36
N PRO A 39 3.52 8.72 -2.90
CA PRO A 39 4.26 8.87 -4.15
C PRO A 39 5.74 8.52 -4.00
N GLU A 40 6.07 7.91 -2.86
CA GLU A 40 7.46 7.53 -2.58
C GLU A 40 7.53 6.06 -2.16
N CYS A 41 6.48 5.59 -1.47
CA CYS A 41 6.43 4.22 -1.01
C CYS A 41 5.89 3.30 -2.09
N PHE A 42 4.77 3.69 -2.69
CA PHE A 42 4.14 2.90 -3.74
C PHE A 42 5.19 2.41 -4.75
N VAL A 43 5.72 1.22 -4.50
CA VAL A 43 6.73 0.63 -5.38
C VAL A 43 6.63 -0.88 -5.40
N CYS A 44 7.31 -1.51 -6.36
CA CYS A 44 7.29 -2.96 -6.49
C CYS A 44 7.65 -3.62 -5.15
N GLY A 45 7.36 -4.92 -5.06
CA GLY A 45 7.63 -5.65 -3.83
C GLY A 45 8.96 -6.39 -3.90
N ASP A 46 9.35 -6.80 -5.10
CA ASP A 46 10.59 -7.54 -5.29
C ASP A 46 11.75 -6.57 -5.54
N CYS A 47 11.71 -5.89 -6.67
CA CYS A 47 12.76 -4.94 -7.04
C CYS A 47 12.62 -3.65 -6.22
N PHE A 48 11.39 -3.34 -5.81
CA PHE A 48 11.12 -2.14 -5.03
C PHE A 48 11.46 -0.88 -5.84
N THR A 49 11.04 -0.87 -7.11
CA THR A 49 11.29 0.26 -7.97
C THR A 49 10.06 1.15 -8.11
N SER A 50 10.28 2.44 -8.30
CA SER A 50 9.19 3.40 -8.44
C SER A 50 8.52 3.27 -9.81
N PHE A 51 7.20 3.37 -9.82
CA PHE A 51 6.44 3.27 -11.06
C PHE A 51 6.27 4.63 -11.71
N SER A 52 7.33 5.09 -12.38
CA SER A 52 7.30 6.40 -13.04
C SER A 52 6.03 6.55 -13.88
N THR A 53 5.86 5.67 -14.86
CA THR A 53 4.70 5.71 -15.72
C THR A 53 3.41 5.46 -14.94
N GLY A 54 2.29 5.92 -15.48
CA GLY A 54 1.02 5.73 -14.82
C GLY A 54 0.40 4.39 -15.11
N SER A 55 1.08 3.33 -14.68
CA SER A 55 0.59 1.96 -14.91
C SER A 55 1.25 0.99 -13.93
N PHE A 56 0.43 0.29 -13.15
CA PHE A 56 0.93 -0.67 -12.18
C PHE A 56 0.05 -1.92 -12.16
N PHE A 57 0.67 -3.06 -11.84
CA PHE A 57 -0.05 -4.32 -11.78
C PHE A 57 -0.19 -4.80 -10.33
N GLU A 58 -1.42 -5.13 -9.94
CA GLU A 58 -1.68 -5.60 -8.59
C GLU A 58 -1.62 -7.12 -8.52
N LEU A 59 -0.89 -7.64 -7.54
CA LEU A 59 -0.74 -9.08 -7.36
C LEU A 59 -0.79 -9.46 -5.89
N ASP A 60 -1.87 -10.12 -5.49
CA ASP A 60 -2.05 -10.54 -4.11
C ASP A 60 -2.03 -9.34 -3.16
N GLY A 61 -2.71 -8.27 -3.56
CA GLY A 61 -2.76 -7.08 -2.74
C GLY A 61 -1.39 -6.49 -2.50
N ARG A 62 -0.53 -6.55 -3.52
CA ARG A 62 0.82 -6.01 -3.41
C ARG A 62 1.26 -5.39 -4.74
N PRO A 63 1.77 -4.14 -4.67
CA PRO A 63 2.24 -3.41 -5.85
C PRO A 63 3.52 -4.01 -6.43
N PHE A 64 3.43 -4.43 -7.69
CA PHE A 64 4.59 -5.02 -8.37
C PHE A 64 4.78 -4.40 -9.75
N CYS A 65 5.96 -4.61 -10.32
CA CYS A 65 6.28 -4.07 -11.64
C CYS A 65 5.91 -5.06 -12.74
N GLU A 66 5.84 -4.57 -13.97
CA GLU A 66 5.50 -5.41 -15.12
C GLU A 66 6.44 -6.62 -15.21
N LEU A 67 7.73 -6.35 -15.06
CA LEU A 67 8.73 -7.41 -15.13
C LEU A 67 8.34 -8.60 -14.26
N HIS A 68 8.39 -8.41 -12.95
CA HIS A 68 8.03 -9.46 -12.01
C HIS A 68 6.56 -9.84 -12.15
N TYR A 69 5.69 -8.84 -12.10
CA TYR A 69 4.26 -9.06 -12.22
C TYR A 69 3.96 -10.22 -13.18
N HIS A 70 4.55 -10.14 -14.37
CA HIS A 70 4.35 -11.17 -15.39
C HIS A 70 4.84 -12.52 -14.88
N HIS A 71 6.09 -12.56 -14.43
CA HIS A 71 6.68 -13.79 -13.92
C HIS A 71 5.85 -14.37 -12.78
N ARG A 72 5.70 -13.59 -11.72
CA ARG A 72 4.93 -14.03 -10.56
C ARG A 72 3.62 -14.67 -10.99
N ARG A 73 2.91 -14.01 -11.88
CA ARG A 73 1.63 -14.52 -12.38
C ARG A 73 1.75 -15.99 -12.77
N GLY A 74 2.82 -16.32 -13.49
CA GLY A 74 3.04 -17.69 -13.91
C GLY A 74 4.03 -18.42 -13.03
N SER A 75 3.61 -18.76 -11.82
CA SER A 75 4.48 -19.46 -10.88
C SER A 75 3.86 -20.80 -10.49
N GLY A 76 4.29 -21.87 -11.16
CA GLY A 76 3.78 -23.20 -10.87
C GLY A 76 3.83 -23.52 -9.39
N PRO A 77 3.06 -24.53 -8.97
CA PRO A 77 3.01 -24.97 -7.58
C PRO A 77 4.29 -25.63 -7.12
N SER A 78 4.36 -25.98 -5.84
CA SER A 78 5.54 -26.62 -5.28
C SER A 78 5.15 -27.63 -4.20
N SER A 79 6.10 -28.50 -3.85
CA SER A 79 5.86 -29.53 -2.84
C SER A 79 5.83 -28.92 -1.44
N GLY A 80 4.92 -29.41 -0.61
CA GLY A 80 4.81 -28.91 0.75
C GLY A 80 4.68 -30.01 1.78
ZN ZN B . 3.96 5.65 2.84
ZN ZN C . 9.62 -5.72 -9.71
N GLY A 1 -20.11 11.18 48.28
CA GLY A 1 -19.85 11.61 46.91
C GLY A 1 -19.37 10.48 46.03
N SER A 2 -19.83 10.47 44.79
CA SER A 2 -19.46 9.43 43.84
C SER A 2 -20.00 9.74 42.45
N SER A 3 -19.10 10.10 41.53
CA SER A 3 -19.50 10.42 40.16
C SER A 3 -18.33 10.20 39.20
N GLY A 4 -18.54 9.30 38.24
CA GLY A 4 -17.50 9.02 37.26
C GLY A 4 -18.06 8.78 35.87
N SER A 5 -17.44 9.40 34.88
CA SER A 5 -17.88 9.26 33.49
C SER A 5 -16.70 9.33 32.53
N SER A 6 -16.48 8.27 31.78
CA SER A 6 -15.39 8.22 30.81
C SER A 6 -15.59 7.08 29.82
N GLY A 7 -15.32 7.35 28.55
CA GLY A 7 -15.47 6.34 27.52
C GLY A 7 -16.37 6.80 26.39
N LYS A 8 -15.78 7.38 25.35
CA LYS A 8 -16.53 7.86 24.21
C LYS A 8 -15.77 7.63 22.91
N ASP A 9 -16.43 7.02 21.94
CA ASP A 9 -15.81 6.74 20.64
C ASP A 9 -16.72 7.16 19.50
N PHE A 10 -17.37 8.32 19.66
CA PHE A 10 -18.27 8.83 18.64
C PHE A 10 -17.69 8.63 17.25
N LEU A 11 -16.53 9.23 17.00
CA LEU A 11 -15.86 9.11 15.70
C LEU A 11 -14.53 8.37 15.84
N ALA A 12 -14.21 7.57 14.83
CA ALA A 12 -12.97 6.80 14.83
C ALA A 12 -12.16 7.09 13.57
N MET A 13 -12.72 6.79 12.41
CA MET A 13 -12.06 7.02 11.14
C MET A 13 -12.25 8.45 10.67
N PHE A 14 -11.14 9.14 10.40
CA PHE A 14 -11.18 10.52 9.94
C PHE A 14 -10.62 10.65 8.53
N SER A 15 -9.55 9.91 8.25
CA SER A 15 -8.93 9.94 6.94
C SER A 15 -8.17 8.63 6.67
N PRO A 16 -8.01 8.30 5.39
CA PRO A 16 -7.31 7.09 4.96
C PRO A 16 -5.81 7.16 5.24
N LYS A 17 -5.14 6.01 5.19
CA LYS A 17 -3.71 5.94 5.43
C LYS A 17 -3.02 5.11 4.36
N CYS A 18 -1.70 5.27 4.26
CA CYS A 18 -0.91 4.54 3.27
C CYS A 18 -1.00 3.04 3.51
N GLY A 19 -1.05 2.26 2.43
CA GLY A 19 -1.14 0.82 2.54
C GLY A 19 0.21 0.18 2.76
N GLY A 20 1.04 0.81 3.60
CA GLY A 20 2.35 0.28 3.87
C GLY A 20 2.86 0.67 5.26
N CYS A 21 2.78 1.96 5.56
CA CYS A 21 3.23 2.46 6.86
C CYS A 21 2.04 2.74 7.79
N ASN A 22 0.84 2.67 7.22
CA ASN A 22 -0.38 2.91 7.99
C ASN A 22 -0.39 4.33 8.54
N ARG A 23 0.03 5.29 7.72
CA ARG A 23 0.07 6.69 8.14
C ARG A 23 -0.95 7.51 7.35
N PRO A 24 -1.43 8.59 7.97
CA PRO A 24 -2.41 9.48 7.35
C PRO A 24 -1.83 10.29 6.20
N VAL A 25 -2.25 9.96 4.97
CA VAL A 25 -1.76 10.64 3.79
C VAL A 25 -2.69 11.79 3.39
N LEU A 26 -2.13 12.99 3.28
CA LEU A 26 -2.91 14.16 2.91
C LEU A 26 -2.30 14.86 1.70
N GLU A 27 -1.02 15.17 1.79
CA GLU A 27 -0.31 15.84 0.70
C GLU A 27 0.57 14.86 -0.06
N ASN A 28 0.53 14.94 -1.38
CA ASN A 28 1.33 14.06 -2.23
C ASN A 28 0.99 12.60 -1.96
N TYR A 29 -0.29 12.26 -2.06
CA TYR A 29 -0.74 10.89 -1.82
C TYR A 29 -1.36 10.30 -3.08
N LEU A 30 -1.29 8.97 -3.20
CA LEU A 30 -1.84 8.28 -4.36
C LEU A 30 -3.13 7.55 -3.98
N SER A 31 -3.84 7.06 -4.99
CA SER A 31 -5.08 6.33 -4.77
C SER A 31 -5.14 5.06 -5.61
N ALA A 32 -4.78 3.93 -5.01
CA ALA A 32 -4.80 2.66 -5.71
C ALA A 32 -5.53 1.59 -4.90
N MET A 33 -5.98 0.54 -5.59
CA MET A 33 -6.70 -0.55 -4.93
C MET A 33 -7.79 0.00 -4.01
N ASP A 34 -8.50 1.02 -4.49
CA ASP A 34 -9.57 1.63 -3.72
C ASP A 34 -9.06 2.13 -2.37
N THR A 35 -7.77 2.48 -2.33
CA THR A 35 -7.16 2.98 -1.11
C THR A 35 -6.08 4.01 -1.42
N VAL A 36 -5.46 4.56 -0.37
CA VAL A 36 -4.41 5.55 -0.53
C VAL A 36 -3.04 4.95 -0.28
N TRP A 37 -2.01 5.55 -0.89
CA TRP A 37 -0.65 5.07 -0.73
C TRP A 37 0.33 6.24 -0.66
N HIS A 38 1.62 5.92 -0.50
CA HIS A 38 2.64 6.94 -0.42
C HIS A 38 3.49 6.97 -1.69
N PRO A 39 3.89 8.17 -2.12
CA PRO A 39 4.70 8.36 -3.32
C PRO A 39 6.13 7.84 -3.14
N GLU A 40 6.38 7.19 -2.02
CA GLU A 40 7.70 6.63 -1.73
C GLU A 40 7.61 5.15 -1.42
N CYS A 41 6.47 4.72 -0.90
CA CYS A 41 6.26 3.32 -0.56
C CYS A 41 5.70 2.54 -1.75
N PHE A 42 4.64 3.07 -2.35
CA PHE A 42 4.01 2.42 -3.49
C PHE A 42 5.06 1.96 -4.51
N VAL A 43 5.50 0.72 -4.36
CA VAL A 43 6.50 0.16 -5.27
C VAL A 43 6.38 -1.35 -5.37
N CYS A 44 7.18 -1.96 -6.24
CA CYS A 44 7.15 -3.40 -6.43
C CYS A 44 7.54 -4.13 -5.15
N GLY A 45 7.27 -5.43 -5.11
CA GLY A 45 7.60 -6.23 -3.93
C GLY A 45 8.91 -6.96 -4.07
N ASP A 46 9.37 -7.12 -5.31
CA ASP A 46 10.62 -7.81 -5.58
C ASP A 46 11.75 -6.82 -5.87
N CYS A 47 11.57 -6.04 -6.93
CA CYS A 47 12.58 -5.05 -7.32
C CYS A 47 12.37 -3.74 -6.56
N PHE A 48 11.19 -3.59 -5.96
CA PHE A 48 10.86 -2.38 -5.21
C PHE A 48 11.06 -1.14 -6.06
N THR A 49 10.59 -1.19 -7.30
CA THR A 49 10.72 -0.06 -8.22
C THR A 49 9.53 0.88 -8.11
N SER A 50 9.75 2.15 -8.44
CA SER A 50 8.70 3.15 -8.37
C SER A 50 7.80 3.08 -9.61
N PHE A 51 7.98 2.04 -10.41
CA PHE A 51 7.19 1.85 -11.62
C PHE A 51 7.28 3.08 -12.52
N SER A 52 8.49 3.61 -12.68
CA SER A 52 8.71 4.78 -13.51
C SER A 52 8.77 4.40 -14.99
N THR A 53 7.78 3.65 -15.43
CA THR A 53 7.71 3.20 -16.83
C THR A 53 6.36 3.52 -17.43
N GLY A 54 5.30 3.01 -16.81
CA GLY A 54 3.96 3.26 -17.30
C GLY A 54 2.90 3.12 -16.21
N SER A 55 2.42 1.90 -16.02
CA SER A 55 1.40 1.64 -15.01
C SER A 55 1.72 0.38 -14.21
N PHE A 56 1.41 0.41 -12.92
CA PHE A 56 1.66 -0.74 -12.05
C PHE A 56 0.60 -1.81 -12.25
N PHE A 57 0.85 -2.99 -11.66
CA PHE A 57 -0.09 -4.10 -11.77
C PHE A 57 -0.36 -4.71 -10.39
N GLU A 58 -1.64 -4.87 -10.07
CA GLU A 58 -2.05 -5.44 -8.79
C GLU A 58 -1.94 -6.96 -8.81
N LEU A 59 -1.30 -7.51 -7.80
CA LEU A 59 -1.13 -8.96 -7.69
C LEU A 59 -1.26 -9.42 -6.25
N ASP A 60 -2.14 -10.39 -6.02
CA ASP A 60 -2.36 -10.93 -4.69
C ASP A 60 -2.63 -9.81 -3.69
N GLY A 61 -3.27 -8.74 -4.16
CA GLY A 61 -3.58 -7.62 -3.29
C GLY A 61 -2.43 -6.63 -3.20
N ARG A 62 -1.23 -7.09 -3.54
CA ARG A 62 -0.05 -6.24 -3.48
C ARG A 62 0.39 -5.83 -4.89
N PRO A 63 0.78 -4.56 -5.04
CA PRO A 63 1.22 -4.03 -6.33
C PRO A 63 2.58 -4.59 -6.76
N PHE A 64 2.88 -4.50 -8.04
CA PHE A 64 4.15 -4.99 -8.57
C PHE A 64 4.48 -4.33 -9.90
N CYS A 65 5.59 -4.75 -10.50
CA CYS A 65 6.03 -4.18 -11.78
C CYS A 65 5.85 -5.20 -12.91
N GLU A 66 5.22 -4.76 -13.99
CA GLU A 66 4.98 -5.63 -15.14
C GLU A 66 6.05 -6.72 -15.22
N LEU A 67 7.31 -6.31 -15.32
CA LEU A 67 8.42 -7.25 -15.41
C LEU A 67 8.18 -8.46 -14.54
N HIS A 68 8.14 -8.25 -13.22
CA HIS A 68 7.91 -9.33 -12.27
C HIS A 68 6.46 -9.81 -12.33
N TYR A 69 5.53 -8.86 -12.24
CA TYR A 69 4.11 -9.19 -12.28
C TYR A 69 3.85 -10.40 -13.17
N HIS A 70 4.58 -10.47 -14.28
CA HIS A 70 4.43 -11.58 -15.22
C HIS A 70 5.23 -12.79 -14.77
N HIS A 71 6.46 -12.56 -14.33
CA HIS A 71 7.33 -13.64 -13.86
C HIS A 71 6.68 -14.37 -12.69
N ARG A 72 6.22 -13.62 -11.70
CA ARG A 72 5.59 -14.20 -10.53
C ARG A 72 4.51 -15.19 -10.93
N ARG A 73 3.62 -14.77 -11.82
CA ARG A 73 2.54 -15.62 -12.28
C ARG A 73 3.04 -17.02 -12.63
N GLY A 74 4.17 -17.07 -13.34
CA GLY A 74 4.75 -18.35 -13.71
C GLY A 74 5.61 -18.25 -14.96
N SER A 75 6.92 -18.11 -14.77
CA SER A 75 7.86 -18.00 -15.87
C SER A 75 8.98 -19.02 -15.74
N GLY A 76 9.20 -19.79 -16.80
CA GLY A 76 10.25 -20.78 -16.79
C GLY A 76 11.31 -20.54 -17.84
N PRO A 77 12.55 -20.99 -17.56
CA PRO A 77 13.68 -20.81 -18.48
C PRO A 77 13.54 -21.67 -19.73
N SER A 78 14.07 -21.17 -20.84
CA SER A 78 14.01 -21.88 -22.11
C SER A 78 15.40 -22.32 -22.56
N SER A 79 16.27 -21.33 -22.80
CA SER A 79 17.62 -21.61 -23.24
C SER A 79 18.31 -22.59 -22.31
N GLY A 80 18.17 -22.37 -21.01
CA GLY A 80 18.78 -23.25 -20.04
C GLY A 80 17.99 -24.52 -19.83
ZN ZN B . 3.78 4.62 3.35
ZN ZN C . 9.50 -5.90 -9.77
N GLY A 1 -17.29 18.70 49.88
CA GLY A 1 -16.88 17.91 48.73
C GLY A 1 -17.20 18.59 47.41
N SER A 2 -16.51 18.18 46.36
CA SER A 2 -16.72 18.76 45.04
C SER A 2 -16.00 17.95 43.97
N SER A 3 -16.77 17.42 43.01
CA SER A 3 -16.20 16.62 41.94
C SER A 3 -17.07 16.71 40.69
N GLY A 4 -16.59 16.13 39.59
CA GLY A 4 -17.33 16.15 38.35
C GLY A 4 -16.45 16.42 37.15
N SER A 5 -16.20 15.39 36.35
CA SER A 5 -15.36 15.53 35.17
C SER A 5 -15.83 14.62 34.05
N SER A 6 -15.45 14.94 32.82
CA SER A 6 -15.86 14.16 31.66
C SER A 6 -15.10 14.62 30.40
N GLY A 7 -15.23 13.84 29.34
CA GLY A 7 -14.56 14.18 28.09
C GLY A 7 -13.14 13.67 28.03
N LYS A 8 -12.88 12.75 27.10
CA LYS A 8 -11.55 12.17 26.95
C LYS A 8 -11.33 11.70 25.51
N ASP A 9 -10.09 11.85 25.04
CA ASP A 9 -9.76 11.43 23.67
C ASP A 9 -8.26 11.56 23.44
N PHE A 10 -7.65 10.50 22.91
CA PHE A 10 -6.23 10.48 22.64
C PHE A 10 -5.95 10.64 21.15
N LEU A 11 -6.62 9.83 20.33
CA LEU A 11 -6.46 9.88 18.89
C LEU A 11 -7.78 9.57 18.18
N ALA A 12 -8.12 10.39 17.19
CA ALA A 12 -9.34 10.19 16.44
C ALA A 12 -9.29 10.92 15.10
N MET A 13 -9.16 10.16 14.01
CA MET A 13 -9.10 10.74 12.68
C MET A 13 -9.82 9.85 11.67
N PHE A 14 -10.72 10.46 10.89
CA PHE A 14 -11.48 9.73 9.88
C PHE A 14 -10.89 9.94 8.49
N SER A 15 -9.80 9.25 8.20
CA SER A 15 -9.13 9.38 6.90
C SER A 15 -8.23 8.18 6.64
N PRO A 16 -8.02 7.87 5.35
CA PRO A 16 -7.17 6.74 4.94
C PRO A 16 -5.69 7.00 5.21
N LYS A 17 -4.87 5.98 4.99
CA LYS A 17 -3.43 6.09 5.21
C LYS A 17 -2.65 5.22 4.22
N CYS A 18 -1.45 5.66 3.89
CA CYS A 18 -0.61 4.92 2.95
C CYS A 18 -0.53 3.44 3.35
N GLY A 19 -0.61 2.57 2.35
CA GLY A 19 -0.55 1.14 2.61
C GLY A 19 0.88 0.65 2.79
N GLY A 20 1.71 1.47 3.41
CA GLY A 20 3.09 1.10 3.64
C GLY A 20 3.62 1.61 4.96
N CYS A 21 3.33 2.88 5.27
CA CYS A 21 3.79 3.49 6.51
C CYS A 21 2.64 3.65 7.50
N ASN A 22 1.42 3.63 6.98
CA ASN A 22 0.22 3.76 7.81
C ASN A 22 0.06 5.21 8.27
N ARG A 23 0.40 6.16 7.40
CA ARG A 23 0.28 7.57 7.73
C ARG A 23 -0.85 8.21 6.93
N PRO A 24 -1.45 9.27 7.51
CA PRO A 24 -2.56 9.99 6.88
C PRO A 24 -2.10 10.79 5.66
N VAL A 25 -2.46 10.31 4.48
CA VAL A 25 -2.09 10.99 3.23
C VAL A 25 -3.13 12.03 2.84
N LEU A 26 -2.68 13.23 2.53
CA LEU A 26 -3.57 14.31 2.13
C LEU A 26 -3.07 15.00 0.86
N GLU A 27 -1.78 15.32 0.84
CA GLU A 27 -1.18 15.97 -0.32
C GLU A 27 -0.31 15.00 -1.10
N ASN A 28 -0.33 15.13 -2.42
CA ASN A 28 0.46 14.26 -3.29
C ASN A 28 0.28 12.80 -2.90
N TYR A 29 -0.97 12.37 -2.80
CA TYR A 29 -1.27 11.00 -2.42
C TYR A 29 -1.90 10.24 -3.60
N LEU A 30 -1.71 8.93 -3.62
CA LEU A 30 -2.26 8.09 -4.68
C LEU A 30 -3.46 7.29 -4.19
N SER A 31 -4.19 6.68 -5.12
CA SER A 31 -5.36 5.89 -4.79
C SER A 31 -5.35 4.57 -5.54
N ALA A 32 -4.91 3.51 -4.86
CA ALA A 32 -4.86 2.18 -5.46
C ALA A 32 -5.49 1.14 -4.55
N MET A 33 -5.90 0.03 -5.13
CA MET A 33 -6.53 -1.06 -4.36
C MET A 33 -7.57 -0.50 -3.39
N ASP A 34 -8.45 0.34 -3.91
CA ASP A 34 -9.50 0.94 -3.09
C ASP A 34 -8.90 1.57 -1.83
N THR A 35 -7.66 2.02 -1.92
CA THR A 35 -6.98 2.64 -0.80
C THR A 35 -6.02 3.73 -1.26
N VAL A 36 -5.34 4.35 -0.31
CA VAL A 36 -4.39 5.42 -0.62
C VAL A 36 -2.95 4.95 -0.41
N TRP A 37 -2.01 5.63 -1.06
CA TRP A 37 -0.59 5.27 -0.94
C TRP A 37 0.28 6.52 -1.00
N HIS A 38 1.59 6.33 -0.91
CA HIS A 38 2.53 7.44 -0.97
C HIS A 38 3.31 7.43 -2.28
N PRO A 39 3.58 8.63 -2.82
CA PRO A 39 4.32 8.78 -4.08
C PRO A 39 5.79 8.41 -3.94
N GLU A 40 6.14 7.83 -2.79
CA GLU A 40 7.51 7.42 -2.53
C GLU A 40 7.58 5.96 -2.11
N CYS A 41 6.52 5.49 -1.43
CA CYS A 41 6.47 4.11 -0.97
C CYS A 41 5.88 3.20 -2.05
N PHE A 42 4.79 3.65 -2.66
CA PHE A 42 4.13 2.87 -3.71
C PHE A 42 5.16 2.39 -4.74
N VAL A 43 5.63 1.16 -4.57
CA VAL A 43 6.61 0.57 -5.48
C VAL A 43 6.48 -0.94 -5.51
N CYS A 44 7.18 -1.57 -6.45
CA CYS A 44 7.15 -3.01 -6.60
C CYS A 44 7.53 -3.70 -5.29
N GLY A 45 7.26 -5.00 -5.20
CA GLY A 45 7.57 -5.75 -4.00
C GLY A 45 8.88 -6.50 -4.10
N ASP A 46 9.24 -6.87 -5.33
CA ASP A 46 10.49 -7.59 -5.57
C ASP A 46 11.63 -6.64 -5.88
N CYS A 47 11.53 -5.95 -7.01
CA CYS A 47 12.56 -5.00 -7.42
C CYS A 47 12.43 -3.70 -6.64
N PHE A 48 11.25 -3.44 -6.09
CA PHE A 48 11.00 -2.23 -5.32
C PHE A 48 11.31 -0.98 -6.15
N THR A 49 10.85 -0.99 -7.40
CA THR A 49 11.08 0.15 -8.29
C THR A 49 9.88 1.08 -8.32
N SER A 50 10.12 2.36 -8.60
CA SER A 50 9.05 3.35 -8.66
C SER A 50 8.24 3.20 -9.94
N PHE A 51 7.02 3.73 -9.91
CA PHE A 51 6.13 3.66 -11.07
C PHE A 51 5.89 5.04 -11.66
N SER A 52 6.81 5.48 -12.52
CA SER A 52 6.70 6.79 -13.15
C SER A 52 5.44 6.88 -14.01
N THR A 53 5.37 6.05 -15.04
CA THR A 53 4.22 6.04 -15.94
C THR A 53 2.92 5.82 -15.15
N GLY A 54 3.04 5.18 -13.99
CA GLY A 54 1.88 4.92 -13.16
C GLY A 54 1.02 3.79 -13.73
N SER A 55 1.66 2.73 -14.18
CA SER A 55 0.94 1.60 -14.75
C SER A 55 1.29 0.30 -14.00
N PHE A 56 1.60 0.44 -12.72
CA PHE A 56 1.95 -0.71 -11.89
C PHE A 56 0.92 -1.81 -12.04
N PHE A 57 1.36 -3.05 -11.85
CA PHE A 57 0.48 -4.21 -11.97
C PHE A 57 0.12 -4.76 -10.59
N GLU A 58 -1.17 -5.02 -10.38
CA GLU A 58 -1.65 -5.54 -9.11
C GLU A 58 -1.78 -7.07 -9.17
N LEU A 59 -1.02 -7.75 -8.32
CA LEU A 59 -1.05 -9.21 -8.27
C LEU A 59 -1.28 -9.70 -6.84
N ASP A 60 -2.45 -10.28 -6.59
CA ASP A 60 -2.78 -10.79 -5.28
C ASP A 60 -2.84 -9.66 -4.25
N GLY A 61 -3.38 -8.52 -4.67
CA GLY A 61 -3.48 -7.38 -3.77
C GLY A 61 -2.13 -6.83 -3.36
N ARG A 62 -1.19 -6.83 -4.29
CA ARG A 62 0.16 -6.33 -4.02
C ARG A 62 0.75 -5.64 -5.24
N PRO A 63 1.34 -4.45 -5.03
CA PRO A 63 1.95 -3.67 -6.10
C PRO A 63 3.22 -4.31 -6.65
N PHE A 64 3.34 -4.33 -7.97
CA PHE A 64 4.50 -4.93 -8.62
C PHE A 64 4.76 -4.28 -9.98
N CYS A 65 5.87 -4.65 -10.61
CA CYS A 65 6.23 -4.11 -11.92
C CYS A 65 6.02 -5.16 -13.01
N GLU A 66 5.43 -4.73 -14.12
CA GLU A 66 5.18 -5.61 -15.24
C GLU A 66 6.20 -6.75 -15.28
N LEU A 67 7.47 -6.38 -15.35
CA LEU A 67 8.54 -7.37 -15.39
C LEU A 67 8.25 -8.53 -14.45
N HIS A 68 8.22 -8.24 -13.15
CA HIS A 68 7.94 -9.25 -12.14
C HIS A 68 6.51 -9.78 -12.26
N TYR A 69 5.57 -8.85 -12.40
CA TYR A 69 4.16 -9.21 -12.53
C TYR A 69 4.00 -10.54 -13.25
N HIS A 70 4.65 -10.67 -14.40
CA HIS A 70 4.57 -11.89 -15.20
C HIS A 70 5.30 -13.03 -14.49
N HIS A 71 6.46 -12.73 -13.93
CA HIS A 71 7.26 -13.73 -13.22
C HIS A 71 6.48 -14.30 -12.04
N ARG A 72 5.60 -13.48 -11.46
CA ARG A 72 4.81 -13.90 -10.31
C ARG A 72 3.44 -14.41 -10.76
N ARG A 73 2.95 -13.88 -11.88
CA ARG A 73 1.65 -14.29 -12.41
C ARG A 73 1.73 -15.69 -13.01
N GLY A 74 2.76 -15.94 -13.81
CA GLY A 74 2.93 -17.24 -14.44
C GLY A 74 2.64 -18.38 -13.47
N SER A 75 1.90 -19.38 -13.94
CA SER A 75 1.54 -20.52 -13.12
C SER A 75 2.76 -21.05 -12.37
N GLY A 76 3.80 -21.40 -13.12
CA GLY A 76 5.02 -21.92 -12.51
C GLY A 76 6.24 -21.10 -12.89
N PRO A 77 7.38 -21.42 -12.25
CA PRO A 77 8.64 -20.72 -12.51
C PRO A 77 9.21 -21.04 -13.89
N SER A 78 9.96 -20.09 -14.45
CA SER A 78 10.55 -20.25 -15.77
C SER A 78 12.08 -20.29 -15.67
N SER A 79 12.71 -20.91 -16.65
CA SER A 79 14.17 -21.01 -16.69
C SER A 79 14.77 -19.90 -17.54
N GLY A 80 14.31 -19.78 -18.77
CA GLY A 80 14.81 -18.75 -19.67
C GLY A 80 16.08 -19.18 -20.38
ZN ZN B . 4.04 5.52 2.90
ZN ZN C . 9.49 -5.71 -9.84
N GLY A 1 -2.34 10.50 46.99
CA GLY A 1 -1.95 10.23 45.63
C GLY A 1 -3.11 9.86 44.74
N SER A 2 -3.17 10.47 43.55
CA SER A 2 -4.25 10.19 42.62
C SER A 2 -3.81 10.49 41.18
N SER A 3 -4.16 9.59 40.26
CA SER A 3 -3.80 9.75 38.86
C SER A 3 -4.56 8.76 37.99
N GLY A 4 -4.55 9.00 36.69
CA GLY A 4 -5.25 8.13 35.76
C GLY A 4 -6.32 8.85 34.95
N SER A 5 -5.95 9.28 33.75
CA SER A 5 -6.88 10.00 32.89
C SER A 5 -6.41 9.97 31.43
N SER A 6 -7.24 9.44 30.54
CA SER A 6 -6.91 9.35 29.14
C SER A 6 -8.11 9.69 28.26
N GLY A 7 -7.85 10.01 27.00
CA GLY A 7 -8.92 10.36 26.08
C GLY A 7 -9.04 11.86 25.87
N LYS A 8 -7.97 12.46 25.36
CA LYS A 8 -7.95 13.90 25.12
C LYS A 8 -8.61 14.23 23.78
N ASP A 9 -8.15 13.57 22.72
CA ASP A 9 -8.69 13.79 21.38
C ASP A 9 -9.18 12.47 20.78
N PHE A 10 -10.42 12.11 21.09
CA PHE A 10 -11.00 10.87 20.58
C PHE A 10 -11.12 10.92 19.06
N LEU A 11 -11.49 9.79 18.46
CA LEU A 11 -11.63 9.69 17.02
C LEU A 11 -12.55 10.80 16.50
N ALA A 12 -11.95 11.83 15.92
CA ALA A 12 -12.71 12.95 15.37
C ALA A 12 -12.65 12.96 13.85
N MET A 13 -11.45 12.87 13.31
CA MET A 13 -11.25 12.87 11.86
C MET A 13 -10.99 11.46 11.35
N PHE A 14 -11.66 11.09 10.26
CA PHE A 14 -11.51 9.76 9.67
C PHE A 14 -10.97 9.86 8.24
N SER A 15 -9.75 9.38 8.03
CA SER A 15 -9.12 9.42 6.72
C SER A 15 -8.21 8.22 6.52
N PRO A 16 -8.01 7.84 5.26
CA PRO A 16 -7.14 6.70 4.90
C PRO A 16 -5.68 6.98 5.15
N LYS A 17 -4.85 5.95 5.06
CA LYS A 17 -3.41 6.08 5.27
C LYS A 17 -2.63 5.23 4.28
N CYS A 18 -1.43 5.69 3.94
CA CYS A 18 -0.57 4.97 3.01
C CYS A 18 -0.46 3.50 3.39
N GLY A 19 -0.53 2.62 2.39
CA GLY A 19 -0.43 1.20 2.64
C GLY A 19 1.00 0.74 2.85
N GLY A 20 1.78 1.57 3.54
CA GLY A 20 3.18 1.23 3.79
C GLY A 20 3.67 1.78 5.11
N CYS A 21 3.51 3.09 5.30
CA CYS A 21 3.96 3.74 6.54
C CYS A 21 2.79 3.94 7.49
N ASN A 22 1.57 3.69 7.00
CA ASN A 22 0.37 3.85 7.81
C ASN A 22 0.20 5.29 8.26
N ARG A 23 0.47 6.23 7.35
CA ARG A 23 0.35 7.65 7.66
C ARG A 23 -0.82 8.27 6.91
N PRO A 24 -1.44 9.29 7.51
CA PRO A 24 -2.59 9.99 6.92
C PRO A 24 -2.19 10.82 5.70
N VAL A 25 -2.57 10.36 4.52
CA VAL A 25 -2.25 11.06 3.29
C VAL A 25 -3.32 12.10 2.95
N LEU A 26 -2.87 13.31 2.61
CA LEU A 26 -3.78 14.39 2.27
C LEU A 26 -3.36 15.07 0.96
N GLU A 27 -2.12 15.51 0.90
CA GLU A 27 -1.59 16.17 -0.28
C GLU A 27 -0.57 15.28 -1.00
N ASN A 28 -0.65 15.25 -2.32
CA ASN A 28 0.27 14.45 -3.13
C ASN A 28 0.14 12.97 -2.77
N TYR A 29 -1.09 12.47 -2.76
CA TYR A 29 -1.35 11.07 -2.44
C TYR A 29 -1.95 10.34 -3.65
N LEU A 30 -1.76 9.02 -3.68
CA LEU A 30 -2.27 8.20 -4.77
C LEU A 30 -3.47 7.38 -4.30
N SER A 31 -4.16 6.76 -5.25
CA SER A 31 -5.32 5.94 -4.94
C SER A 31 -5.27 4.61 -5.70
N ALA A 32 -4.82 3.56 -5.01
CA ALA A 32 -4.73 2.24 -5.61
C ALA A 32 -5.35 1.19 -4.71
N MET A 33 -5.75 0.07 -5.31
CA MET A 33 -6.37 -1.03 -4.56
C MET A 33 -7.44 -0.49 -3.61
N ASP A 34 -8.31 0.37 -4.13
CA ASP A 34 -9.39 0.94 -3.33
C ASP A 34 -8.83 1.58 -2.06
N THR A 35 -7.58 2.02 -2.13
CA THR A 35 -6.92 2.66 -0.98
C THR A 35 -5.98 3.76 -1.44
N VAL A 36 -5.35 4.42 -0.47
CA VAL A 36 -4.41 5.49 -0.76
C VAL A 36 -2.97 5.05 -0.51
N TRP A 37 -2.03 5.73 -1.16
CA TRP A 37 -0.62 5.41 -1.00
C TRP A 37 0.24 6.68 -1.07
N HIS A 38 1.55 6.50 -0.93
CA HIS A 38 2.47 7.63 -0.97
C HIS A 38 3.25 7.66 -2.28
N PRO A 39 3.49 8.87 -2.81
CA PRO A 39 4.22 9.05 -4.07
C PRO A 39 5.69 8.70 -3.93
N GLU A 40 6.06 8.11 -2.81
CA GLU A 40 7.45 7.72 -2.56
C GLU A 40 7.54 6.26 -2.14
N CYS A 41 6.49 5.76 -1.48
CA CYS A 41 6.46 4.38 -1.03
C CYS A 41 5.91 3.47 -2.12
N PHE A 42 4.81 3.90 -2.75
CA PHE A 42 4.18 3.12 -3.79
C PHE A 42 5.22 2.62 -4.80
N VAL A 43 5.67 1.38 -4.61
CA VAL A 43 6.66 0.78 -5.49
C VAL A 43 6.59 -0.74 -5.46
N CYS A 44 7.28 -1.39 -6.39
CA CYS A 44 7.30 -2.84 -6.46
C CYS A 44 7.75 -3.45 -5.13
N GLY A 45 7.49 -4.74 -4.96
CA GLY A 45 7.87 -5.42 -3.74
C GLY A 45 9.20 -6.15 -3.86
N ASP A 46 9.53 -6.56 -5.09
CA ASP A 46 10.77 -7.28 -5.34
C ASP A 46 11.89 -6.31 -5.71
N CYS A 47 11.74 -5.67 -6.87
CA CYS A 47 12.74 -4.71 -7.35
C CYS A 47 12.59 -3.37 -6.64
N PHE A 48 11.38 -3.09 -6.17
CA PHE A 48 11.12 -1.83 -5.47
C PHE A 48 11.35 -0.64 -6.39
N THR A 49 10.77 -0.70 -7.59
CA THR A 49 10.91 0.38 -8.56
C THR A 49 9.72 1.33 -8.51
N SER A 50 9.93 2.57 -8.93
CA SER A 50 8.87 3.56 -8.93
C SER A 50 7.86 3.28 -10.05
N PHE A 51 6.60 3.64 -9.80
CA PHE A 51 5.54 3.42 -10.78
C PHE A 51 5.10 4.74 -11.41
N SER A 52 6.05 5.66 -11.56
CA SER A 52 5.76 6.97 -12.14
C SER A 52 5.79 6.90 -13.66
N THR A 53 6.91 6.43 -14.21
CA THR A 53 7.07 6.32 -15.65
C THR A 53 6.41 5.05 -16.18
N GLY A 54 5.24 4.73 -15.64
CA GLY A 54 4.54 3.53 -16.07
C GLY A 54 3.43 3.13 -15.11
N SER A 55 2.51 2.30 -15.58
CA SER A 55 1.39 1.85 -14.76
C SER A 55 1.85 0.80 -13.76
N PHE A 56 0.93 0.33 -12.93
CA PHE A 56 1.24 -0.68 -11.93
C PHE A 56 0.30 -1.88 -12.07
N PHE A 57 0.75 -3.03 -11.56
CA PHE A 57 -0.05 -4.26 -11.64
C PHE A 57 -0.30 -4.82 -10.24
N GLU A 58 -1.57 -5.10 -9.95
CA GLU A 58 -1.95 -5.65 -8.66
C GLU A 58 -1.82 -7.17 -8.65
N LEU A 59 -1.15 -7.69 -7.62
CA LEU A 59 -0.96 -9.13 -7.49
C LEU A 59 -1.04 -9.57 -6.03
N ASP A 60 -2.09 -10.32 -5.71
CA ASP A 60 -2.29 -10.80 -4.34
C ASP A 60 -2.30 -9.64 -3.35
N GLY A 61 -2.91 -8.52 -3.75
CA GLY A 61 -2.97 -7.37 -2.89
C GLY A 61 -1.60 -6.78 -2.61
N ARG A 62 -0.73 -6.80 -3.61
CA ARG A 62 0.62 -6.26 -3.47
C ARG A 62 1.08 -5.60 -4.76
N PRO A 63 1.57 -4.36 -4.64
CA PRO A 63 2.06 -3.59 -5.80
C PRO A 63 3.36 -4.15 -6.36
N PHE A 64 3.37 -4.40 -7.66
CA PHE A 64 4.55 -4.95 -8.33
C PHE A 64 4.74 -4.31 -9.70
N CYS A 65 5.86 -4.64 -10.35
CA CYS A 65 6.16 -4.11 -11.67
C CYS A 65 5.82 -5.11 -12.76
N GLU A 66 5.65 -4.61 -13.99
CA GLU A 66 5.32 -5.47 -15.12
C GLU A 66 6.30 -6.63 -15.22
N LEU A 67 7.59 -6.32 -15.12
CA LEU A 67 8.63 -7.34 -15.21
C LEU A 67 8.29 -8.54 -14.33
N HIS A 68 8.35 -8.35 -13.01
CA HIS A 68 8.05 -9.41 -12.06
C HIS A 68 6.58 -9.83 -12.18
N TYR A 69 5.68 -8.87 -12.03
CA TYR A 69 4.25 -9.15 -12.12
C TYR A 69 3.97 -10.29 -13.10
N HIS A 70 4.58 -10.20 -14.28
CA HIS A 70 4.40 -11.22 -15.30
C HIS A 70 4.98 -12.56 -14.85
N HIS A 71 6.24 -12.53 -14.41
CA HIS A 71 6.91 -13.74 -13.95
C HIS A 71 6.09 -14.45 -12.88
N ARG A 72 5.85 -13.75 -11.77
CA ARG A 72 5.07 -14.32 -10.67
C ARG A 72 3.85 -15.07 -11.19
N ARG A 73 3.04 -14.38 -12.00
CA ARG A 73 1.84 -14.98 -12.57
C ARG A 73 2.14 -16.35 -13.18
N GLY A 74 3.18 -16.40 -14.01
CA GLY A 74 3.56 -17.66 -14.64
C GLY A 74 4.35 -18.55 -13.71
N SER A 75 3.79 -19.73 -13.41
CA SER A 75 4.45 -20.68 -12.53
C SER A 75 5.13 -21.79 -13.34
N GLY A 76 6.36 -22.12 -12.95
CA GLY A 76 7.11 -23.15 -13.63
C GLY A 76 7.75 -22.65 -14.91
N PRO A 77 8.63 -23.48 -15.50
CA PRO A 77 9.32 -23.13 -16.74
C PRO A 77 8.39 -23.10 -17.95
N SER A 78 8.95 -22.80 -19.12
CA SER A 78 8.17 -22.74 -20.35
C SER A 78 8.19 -24.07 -21.08
N SER A 79 8.06 -25.16 -20.33
CA SER A 79 8.08 -26.50 -20.91
C SER A 79 6.66 -27.01 -21.12
N GLY A 80 6.14 -26.80 -22.33
CA GLY A 80 4.80 -27.24 -22.64
C GLY A 80 4.14 -26.39 -23.71
ZN ZN B . 4.05 5.70 2.88
ZN ZN C . 9.53 -5.75 -9.68
#